data_8WE3
# 
_entry.id   8WE3 
# 
_audit_conform.dict_name       mmcif_pdbx.dic 
_audit_conform.dict_version    5.383 
_audit_conform.dict_location   http://mmcif.pdb.org/dictionaries/ascii/mmcif_pdbx.dic 
# 
loop_
_database_2.database_id 
_database_2.database_code 
_database_2.pdbx_database_accession 
_database_2.pdbx_DOI 
PDB   8WE3         pdb_00008we3 10.2210/pdb8we3/pdb 
WWPDB D_1300041123 ?            ?                   
# 
_pdbx_audit_revision_history.ordinal             1 
_pdbx_audit_revision_history.data_content_type   'Structure model' 
_pdbx_audit_revision_history.major_revision      1 
_pdbx_audit_revision_history.minor_revision      0 
_pdbx_audit_revision_history.revision_date       2023-12-27 
# 
_pdbx_audit_revision_details.ordinal             1 
_pdbx_audit_revision_details.revision_ordinal    1 
_pdbx_audit_revision_details.data_content_type   'Structure model' 
_pdbx_audit_revision_details.provider            repository 
_pdbx_audit_revision_details.type                'Initial release' 
_pdbx_audit_revision_details.description         ? 
_pdbx_audit_revision_details.details             ? 
# 
_pdbx_database_status.status_code                     REL 
_pdbx_database_status.status_code_sf                  REL 
_pdbx_database_status.status_code_mr                  ? 
_pdbx_database_status.entry_id                        8WE3 
_pdbx_database_status.recvd_initial_deposition_date   2023-09-16 
_pdbx_database_status.SG_entry                        N 
_pdbx_database_status.deposit_site                    PDBJ 
_pdbx_database_status.process_site                    PDBJ 
_pdbx_database_status.status_code_cs                  ? 
_pdbx_database_status.status_code_nmr_data            ? 
_pdbx_database_status.methods_development_category    ? 
_pdbx_database_status.pdb_format_compatible           Y 
# 
loop_
_pdbx_contact_author.id 
_pdbx_contact_author.email 
_pdbx_contact_author.name_first 
_pdbx_contact_author.name_last 
_pdbx_contact_author.name_mi 
_pdbx_contact_author.role 
_pdbx_contact_author.identifier_ORCID 
2 ycxu@simm.ac.cn    Yechun Xu  ? 'principal investigator/group leader' 0000-0002-1581-6155 
3 xiehang@simm.ac.cn Hang   Xie ? 'principal investigator/group leader' 0000-0002-7760-2881 
# 
loop_
_audit_author.name 
_audit_author.pdbx_ordinal 
_audit_author.identifier_ORCID 
'Xie, H.'    1 ? 
'Chen, G.F.' 2 ? 
'Xu, Y.C.'   3 ? 
'Li, M.J.'   4 ? 
# 
_citation.abstract                  ? 
_citation.abstract_id_CAS           ? 
_citation.book_id_ISBN              ? 
_citation.book_publisher            ? 
_citation.book_publisher_city       ? 
_citation.book_title                ? 
_citation.coordinate_linkage        ? 
_citation.country                   FR 
_citation.database_id_Medline       ? 
_citation.details                   ? 
_citation.id                        primary 
_citation.journal_abbrev            Eur.J.Med.Chem. 
_citation.journal_id_ASTM           EJMCA5 
_citation.journal_id_CSD            0493 
_citation.journal_id_ISSN           0223-5234 
_citation.journal_full              ? 
_citation.journal_issue             ? 
_citation.journal_volume            264 
_citation.language                  ? 
_citation.page_first                115984 
_citation.page_last                 115984 
_citation.title                     'Structure-based design of potent FABP4 inhibitors with high selectivity against FABP3.' 
_citation.year                      2023 
_citation.database_id_CSD           ? 
_citation.pdbx_database_id_DOI      10.1016/j.ejmech.2023.115984 
_citation.pdbx_database_id_PubMed   38043490 
_citation.pdbx_database_id_patent   ? 
_citation.unpublished_flag          ? 
# 
loop_
_citation_author.citation_id 
_citation_author.name 
_citation_author.ordinal 
_citation_author.identifier_ORCID 
primary 'Chen, G.' 1 ? 
primary 'Xie, H.'  2 ? 
primary 'You, M.'  3 ? 
primary 'Liu, J.'  4 ? 
primary 'Shao, Q.' 5 ? 
primary 'Li, M.'   6 ? 
primary 'Su, H.'   7 ? 
primary 'Xu, Y.'   8 ? 
# 
loop_
_entity.id 
_entity.type 
_entity.src_method 
_entity.pdbx_description 
_entity.formula_weight 
_entity.pdbx_number_of_molecules 
_entity.pdbx_ec 
_entity.pdbx_mutation 
_entity.pdbx_fragment 
_entity.details 
1 polymer     man 'Fatty acid-binding protein, adipocyte'                           16911.268 1  ? ? ? ? 
2 non-polymer syn '2-[(3-chloranyl-2-phenyl-phenyl)amino]-5-fluoranyl-benzoic acid' 341.763   1  ? ? ? ? 
3 water       nat water                                                             18.015    90 ? ? ? ? 
# 
_entity_name_com.entity_id   1 
_entity_name_com.name        
'Adipocyte lipid-binding protein,ALBP,Adipocyte-type fatty acid-binding protein,AFABP,Fatty acid-binding protein 4' 
# 
_entity_poly.entity_id                      1 
_entity_poly.type                           'polypeptide(L)' 
_entity_poly.nstd_linkage                   no 
_entity_poly.nstd_monomer                   no 
_entity_poly.pdbx_seq_one_letter_code       
;MGSSHHHHHHSSGLVPRGSHMCDAFVGTWKLVSSENFDDYMKEVGVGFATRKVAGMAKPNMIISVNGDVITIKSESTFKN
TEISFILGQEFDEVTADDRKVKSTITLDGGVLVHVQKWDGKSTTIKRKREDDKLVVECVMKGVTSTRVYERA
;
_entity_poly.pdbx_seq_one_letter_code_can   
;MGSSHHHHHHSSGLVPRGSHMCDAFVGTWKLVSSENFDDYMKEVGVGFATRKVAGMAKPNMIISVNGDVITIKSESTFKN
TEISFILGQEFDEVTADDRKVKSTITLDGGVLVHVQKWDGKSTTIKRKREDDKLVVECVMKGVTSTRVYERA
;
_entity_poly.pdbx_strand_id                 A 
_entity_poly.pdbx_target_identifier         ? 
# 
loop_
_pdbx_entity_nonpoly.entity_id 
_pdbx_entity_nonpoly.name 
_pdbx_entity_nonpoly.comp_id 
2 '2-[(3-chloranyl-2-phenyl-phenyl)amino]-5-fluoranyl-benzoic acid' W6B 
3 water                                                             HOH 
# 
loop_
_entity_poly_seq.entity_id 
_entity_poly_seq.num 
_entity_poly_seq.mon_id 
_entity_poly_seq.hetero 
1 1   MET n 
1 2   GLY n 
1 3   SER n 
1 4   SER n 
1 5   HIS n 
1 6   HIS n 
1 7   HIS n 
1 8   HIS n 
1 9   HIS n 
1 10  HIS n 
1 11  SER n 
1 12  SER n 
1 13  GLY n 
1 14  LEU n 
1 15  VAL n 
1 16  PRO n 
1 17  ARG n 
1 18  GLY n 
1 19  SER n 
1 20  HIS n 
1 21  MET n 
1 22  CYS n 
1 23  ASP n 
1 24  ALA n 
1 25  PHE n 
1 26  VAL n 
1 27  GLY n 
1 28  THR n 
1 29  TRP n 
1 30  LYS n 
1 31  LEU n 
1 32  VAL n 
1 33  SER n 
1 34  SER n 
1 35  GLU n 
1 36  ASN n 
1 37  PHE n 
1 38  ASP n 
1 39  ASP n 
1 40  TYR n 
1 41  MET n 
1 42  LYS n 
1 43  GLU n 
1 44  VAL n 
1 45  GLY n 
1 46  VAL n 
1 47  GLY n 
1 48  PHE n 
1 49  ALA n 
1 50  THR n 
1 51  ARG n 
1 52  LYS n 
1 53  VAL n 
1 54  ALA n 
1 55  GLY n 
1 56  MET n 
1 57  ALA n 
1 58  LYS n 
1 59  PRO n 
1 60  ASN n 
1 61  MET n 
1 62  ILE n 
1 63  ILE n 
1 64  SER n 
1 65  VAL n 
1 66  ASN n 
1 67  GLY n 
1 68  ASP n 
1 69  VAL n 
1 70  ILE n 
1 71  THR n 
1 72  ILE n 
1 73  LYS n 
1 74  SER n 
1 75  GLU n 
1 76  SER n 
1 77  THR n 
1 78  PHE n 
1 79  LYS n 
1 80  ASN n 
1 81  THR n 
1 82  GLU n 
1 83  ILE n 
1 84  SER n 
1 85  PHE n 
1 86  ILE n 
1 87  LEU n 
1 88  GLY n 
1 89  GLN n 
1 90  GLU n 
1 91  PHE n 
1 92  ASP n 
1 93  GLU n 
1 94  VAL n 
1 95  THR n 
1 96  ALA n 
1 97  ASP n 
1 98  ASP n 
1 99  ARG n 
1 100 LYS n 
1 101 VAL n 
1 102 LYS n 
1 103 SER n 
1 104 THR n 
1 105 ILE n 
1 106 THR n 
1 107 LEU n 
1 108 ASP n 
1 109 GLY n 
1 110 GLY n 
1 111 VAL n 
1 112 LEU n 
1 113 VAL n 
1 114 HIS n 
1 115 VAL n 
1 116 GLN n 
1 117 LYS n 
1 118 TRP n 
1 119 ASP n 
1 120 GLY n 
1 121 LYS n 
1 122 SER n 
1 123 THR n 
1 124 THR n 
1 125 ILE n 
1 126 LYS n 
1 127 ARG n 
1 128 LYS n 
1 129 ARG n 
1 130 GLU n 
1 131 ASP n 
1 132 ASP n 
1 133 LYS n 
1 134 LEU n 
1 135 VAL n 
1 136 VAL n 
1 137 GLU n 
1 138 CYS n 
1 139 VAL n 
1 140 MET n 
1 141 LYS n 
1 142 GLY n 
1 143 VAL n 
1 144 THR n 
1 145 SER n 
1 146 THR n 
1 147 ARG n 
1 148 VAL n 
1 149 TYR n 
1 150 GLU n 
1 151 ARG n 
1 152 ALA n 
# 
_entity_src_gen.entity_id                          1 
_entity_src_gen.pdbx_src_id                        1 
_entity_src_gen.pdbx_alt_source_flag               sample 
_entity_src_gen.pdbx_seq_type                      'Biological sequence' 
_entity_src_gen.pdbx_beg_seq_num                   1 
_entity_src_gen.pdbx_end_seq_num                   152 
_entity_src_gen.gene_src_common_name               human 
_entity_src_gen.gene_src_genus                     ? 
_entity_src_gen.pdbx_gene_src_gene                 FABP4 
_entity_src_gen.gene_src_species                   ? 
_entity_src_gen.gene_src_strain                    ? 
_entity_src_gen.gene_src_tissue                    ? 
_entity_src_gen.gene_src_tissue_fraction           ? 
_entity_src_gen.gene_src_details                   ? 
_entity_src_gen.pdbx_gene_src_fragment             ? 
_entity_src_gen.pdbx_gene_src_scientific_name      'Homo sapiens' 
_entity_src_gen.pdbx_gene_src_ncbi_taxonomy_id     9606 
_entity_src_gen.pdbx_gene_src_variant              ? 
_entity_src_gen.pdbx_gene_src_cell_line            ? 
_entity_src_gen.pdbx_gene_src_atcc                 ? 
_entity_src_gen.pdbx_gene_src_organ                ? 
_entity_src_gen.pdbx_gene_src_organelle            ? 
_entity_src_gen.pdbx_gene_src_cell                 ? 
_entity_src_gen.pdbx_gene_src_cellular_location    ? 
_entity_src_gen.host_org_common_name               ? 
_entity_src_gen.pdbx_host_org_scientific_name      'Escherichia coli BL21(DE3)' 
_entity_src_gen.pdbx_host_org_ncbi_taxonomy_id     469008 
_entity_src_gen.host_org_genus                     ? 
_entity_src_gen.pdbx_host_org_gene                 ? 
_entity_src_gen.pdbx_host_org_organ                ? 
_entity_src_gen.host_org_species                   ? 
_entity_src_gen.pdbx_host_org_tissue               ? 
_entity_src_gen.pdbx_host_org_tissue_fraction      ? 
_entity_src_gen.pdbx_host_org_strain               ? 
_entity_src_gen.pdbx_host_org_variant              ? 
_entity_src_gen.pdbx_host_org_cell_line            ? 
_entity_src_gen.pdbx_host_org_atcc                 ? 
_entity_src_gen.pdbx_host_org_culture_collection   ? 
_entity_src_gen.pdbx_host_org_cell                 ? 
_entity_src_gen.pdbx_host_org_organelle            ? 
_entity_src_gen.pdbx_host_org_cellular_location    ? 
_entity_src_gen.pdbx_host_org_vector_type          ? 
_entity_src_gen.pdbx_host_org_vector               ? 
_entity_src_gen.host_org_details                   ? 
_entity_src_gen.expression_system_id               ? 
_entity_src_gen.plasmid_name                       ? 
_entity_src_gen.plasmid_details                    ? 
_entity_src_gen.pdbx_description                   ? 
# 
loop_
_chem_comp.id 
_chem_comp.type 
_chem_comp.mon_nstd_flag 
_chem_comp.name 
_chem_comp.pdbx_synonyms 
_chem_comp.formula 
_chem_comp.formula_weight 
ALA 'L-peptide linking' y ALANINE                                                           ? 'C3 H7 N O2'        89.093  
ARG 'L-peptide linking' y ARGININE                                                          ? 'C6 H15 N4 O2 1'    175.209 
ASN 'L-peptide linking' y ASPARAGINE                                                        ? 'C4 H8 N2 O3'       132.118 
ASP 'L-peptide linking' y 'ASPARTIC ACID'                                                   ? 'C4 H7 N O4'        133.103 
CYS 'L-peptide linking' y CYSTEINE                                                          ? 'C3 H7 N O2 S'      121.158 
GLN 'L-peptide linking' y GLUTAMINE                                                         ? 'C5 H10 N2 O3'      146.144 
GLU 'L-peptide linking' y 'GLUTAMIC ACID'                                                   ? 'C5 H9 N O4'        147.129 
GLY 'peptide linking'   y GLYCINE                                                           ? 'C2 H5 N O2'        75.067  
HIS 'L-peptide linking' y HISTIDINE                                                         ? 'C6 H10 N3 O2 1'    156.162 
HOH non-polymer         . WATER                                                             ? 'H2 O'              18.015  
ILE 'L-peptide linking' y ISOLEUCINE                                                        ? 'C6 H13 N O2'       131.173 
LEU 'L-peptide linking' y LEUCINE                                                           ? 'C6 H13 N O2'       131.173 
LYS 'L-peptide linking' y LYSINE                                                            ? 'C6 H15 N2 O2 1'    147.195 
MET 'L-peptide linking' y METHIONINE                                                        ? 'C5 H11 N O2 S'     149.211 
PHE 'L-peptide linking' y PHENYLALANINE                                                     ? 'C9 H11 N O2'       165.189 
PRO 'L-peptide linking' y PROLINE                                                           ? 'C5 H9 N O2'        115.130 
SER 'L-peptide linking' y SERINE                                                            ? 'C3 H7 N O3'        105.093 
THR 'L-peptide linking' y THREONINE                                                         ? 'C4 H9 N O3'        119.119 
TRP 'L-peptide linking' y TRYPTOPHAN                                                        ? 'C11 H12 N2 O2'     204.225 
TYR 'L-peptide linking' y TYROSINE                                                          ? 'C9 H11 N O3'       181.189 
VAL 'L-peptide linking' y VALINE                                                            ? 'C5 H11 N O2'       117.146 
W6B non-polymer         . '2-[(3-chloranyl-2-phenyl-phenyl)amino]-5-fluoranyl-benzoic acid' ? 'C19 H13 Cl F N O2' 341.763 
# 
loop_
_pdbx_poly_seq_scheme.asym_id 
_pdbx_poly_seq_scheme.entity_id 
_pdbx_poly_seq_scheme.seq_id 
_pdbx_poly_seq_scheme.mon_id 
_pdbx_poly_seq_scheme.ndb_seq_num 
_pdbx_poly_seq_scheme.pdb_seq_num 
_pdbx_poly_seq_scheme.auth_seq_num 
_pdbx_poly_seq_scheme.pdb_mon_id 
_pdbx_poly_seq_scheme.auth_mon_id 
_pdbx_poly_seq_scheme.pdb_strand_id 
_pdbx_poly_seq_scheme.pdb_ins_code 
_pdbx_poly_seq_scheme.hetero 
A 1 1   MET 1   -20 ?   ?   ?   A . n 
A 1 2   GLY 2   -19 ?   ?   ?   A . n 
A 1 3   SER 3   -18 ?   ?   ?   A . n 
A 1 4   SER 4   -17 ?   ?   ?   A . n 
A 1 5   HIS 5   -16 ?   ?   ?   A . n 
A 1 6   HIS 6   -15 ?   ?   ?   A . n 
A 1 7   HIS 7   -14 ?   ?   ?   A . n 
A 1 8   HIS 8   -13 ?   ?   ?   A . n 
A 1 9   HIS 9   -12 ?   ?   ?   A . n 
A 1 10  HIS 10  -11 ?   ?   ?   A . n 
A 1 11  SER 11  -10 ?   ?   ?   A . n 
A 1 12  SER 12  -9  ?   ?   ?   A . n 
A 1 13  GLY 13  -8  ?   ?   ?   A . n 
A 1 14  LEU 14  -7  ?   ?   ?   A . n 
A 1 15  VAL 15  -6  ?   ?   ?   A . n 
A 1 16  PRO 16  -5  ?   ?   ?   A . n 
A 1 17  ARG 17  -4  -4  ARG ARG A . n 
A 1 18  GLY 18  -3  -3  GLY GLY A . n 
A 1 19  SER 19  -2  -2  SER SER A . n 
A 1 20  HIS 20  -1  -1  HIS HIS A . n 
A 1 21  MET 21  0   0   MET MET A . n 
A 1 22  CYS 22  1   1   CYS CYS A . n 
A 1 23  ASP 23  2   2   ASP ASP A . n 
A 1 24  ALA 24  3   3   ALA ALA A . n 
A 1 25  PHE 25  4   4   PHE PHE A . n 
A 1 26  VAL 26  5   5   VAL VAL A . n 
A 1 27  GLY 27  6   6   GLY GLY A . n 
A 1 28  THR 28  7   7   THR THR A . n 
A 1 29  TRP 29  8   8   TRP TRP A . n 
A 1 30  LYS 30  9   9   LYS LYS A . n 
A 1 31  LEU 31  10  10  LEU LEU A . n 
A 1 32  VAL 32  11  11  VAL VAL A . n 
A 1 33  SER 33  12  12  SER SER A . n 
A 1 34  SER 34  13  13  SER SER A . n 
A 1 35  GLU 35  14  14  GLU GLU A . n 
A 1 36  ASN 36  15  15  ASN ASN A . n 
A 1 37  PHE 37  16  16  PHE PHE A . n 
A 1 38  ASP 38  17  17  ASP ASP A . n 
A 1 39  ASP 39  18  18  ASP ASP A . n 
A 1 40  TYR 40  19  19  TYR TYR A . n 
A 1 41  MET 41  20  20  MET MET A . n 
A 1 42  LYS 42  21  21  LYS LYS A . n 
A 1 43  GLU 43  22  22  GLU GLU A . n 
A 1 44  VAL 44  23  23  VAL VAL A . n 
A 1 45  GLY 45  24  24  GLY GLY A . n 
A 1 46  VAL 46  25  25  VAL VAL A . n 
A 1 47  GLY 47  26  26  GLY GLY A . n 
A 1 48  PHE 48  27  27  PHE PHE A . n 
A 1 49  ALA 49  28  28  ALA ALA A . n 
A 1 50  THR 50  29  29  THR THR A . n 
A 1 51  ARG 51  30  30  ARG ARG A . n 
A 1 52  LYS 52  31  31  LYS LYS A . n 
A 1 53  VAL 53  32  32  VAL VAL A . n 
A 1 54  ALA 54  33  33  ALA ALA A . n 
A 1 55  GLY 55  34  34  GLY GLY A . n 
A 1 56  MET 56  35  35  MET MET A . n 
A 1 57  ALA 57  36  36  ALA ALA A . n 
A 1 58  LYS 58  37  37  LYS LYS A . n 
A 1 59  PRO 59  38  38  PRO PRO A . n 
A 1 60  ASN 60  39  39  ASN ASN A . n 
A 1 61  MET 61  40  40  MET MET A . n 
A 1 62  ILE 62  41  41  ILE ILE A . n 
A 1 63  ILE 63  42  42  ILE ILE A . n 
A 1 64  SER 64  43  43  SER SER A . n 
A 1 65  VAL 65  44  44  VAL VAL A . n 
A 1 66  ASN 66  45  45  ASN ASN A . n 
A 1 67  GLY 67  46  46  GLY GLY A . n 
A 1 68  ASP 68  47  47  ASP ASP A . n 
A 1 69  VAL 69  48  48  VAL VAL A . n 
A 1 70  ILE 70  49  49  ILE ILE A . n 
A 1 71  THR 71  50  50  THR THR A . n 
A 1 72  ILE 72  51  51  ILE ILE A . n 
A 1 73  LYS 73  52  52  LYS LYS A . n 
A 1 74  SER 74  53  53  SER SER A . n 
A 1 75  GLU 75  54  54  GLU GLU A . n 
A 1 76  SER 76  55  55  SER SER A . n 
A 1 77  THR 77  56  56  THR THR A . n 
A 1 78  PHE 78  57  57  PHE PHE A . n 
A 1 79  LYS 79  58  58  LYS LYS A . n 
A 1 80  ASN 80  59  59  ASN ASN A . n 
A 1 81  THR 81  60  60  THR THR A . n 
A 1 82  GLU 82  61  61  GLU GLU A . n 
A 1 83  ILE 83  62  62  ILE ILE A . n 
A 1 84  SER 84  63  63  SER SER A . n 
A 1 85  PHE 85  64  64  PHE PHE A . n 
A 1 86  ILE 86  65  65  ILE ILE A . n 
A 1 87  LEU 87  66  66  LEU LEU A . n 
A 1 88  GLY 88  67  67  GLY GLY A . n 
A 1 89  GLN 89  68  68  GLN GLN A . n 
A 1 90  GLU 90  69  69  GLU GLU A . n 
A 1 91  PHE 91  70  70  PHE PHE A . n 
A 1 92  ASP 92  71  71  ASP ASP A . n 
A 1 93  GLU 93  72  72  GLU GLU A . n 
A 1 94  VAL 94  73  73  VAL VAL A . n 
A 1 95  THR 95  74  74  THR THR A . n 
A 1 96  ALA 96  75  75  ALA ALA A . n 
A 1 97  ASP 97  76  76  ASP ASP A . n 
A 1 98  ASP 98  77  77  ASP ASP A . n 
A 1 99  ARG 99  78  78  ARG ARG A . n 
A 1 100 LYS 100 79  79  LYS LYS A . n 
A 1 101 VAL 101 80  80  VAL VAL A . n 
A 1 102 LYS 102 81  81  LYS LYS A . n 
A 1 103 SER 103 82  82  SER SER A . n 
A 1 104 THR 104 83  83  THR THR A . n 
A 1 105 ILE 105 84  84  ILE ILE A . n 
A 1 106 THR 106 85  85  THR THR A . n 
A 1 107 LEU 107 86  86  LEU LEU A . n 
A 1 108 ASP 108 87  87  ASP ASP A . n 
A 1 109 GLY 109 88  88  GLY GLY A . n 
A 1 110 GLY 110 89  89  GLY GLY A . n 
A 1 111 VAL 111 90  90  VAL VAL A . n 
A 1 112 LEU 112 91  91  LEU LEU A . n 
A 1 113 VAL 113 92  92  VAL VAL A . n 
A 1 114 HIS 114 93  93  HIS HIS A . n 
A 1 115 VAL 115 94  94  VAL VAL A . n 
A 1 116 GLN 116 95  95  GLN GLN A . n 
A 1 117 LYS 117 96  96  LYS LYS A . n 
A 1 118 TRP 118 97  97  TRP TRP A . n 
A 1 119 ASP 119 98  98  ASP ASP A . n 
A 1 120 GLY 120 99  99  GLY GLY A . n 
A 1 121 LYS 121 100 100 LYS LYS A . n 
A 1 122 SER 122 101 101 SER SER A . n 
A 1 123 THR 123 102 102 THR THR A . n 
A 1 124 THR 124 103 103 THR THR A . n 
A 1 125 ILE 125 104 104 ILE ILE A . n 
A 1 126 LYS 126 105 105 LYS LYS A . n 
A 1 127 ARG 127 106 106 ARG ARG A . n 
A 1 128 LYS 128 107 107 LYS LYS A . n 
A 1 129 ARG 129 108 108 ARG ARG A . n 
A 1 130 GLU 130 109 109 GLU GLU A . n 
A 1 131 ASP 131 110 110 ASP ASP A . n 
A 1 132 ASP 132 111 111 ASP ASP A . n 
A 1 133 LYS 133 112 112 LYS LYS A . n 
A 1 134 LEU 134 113 113 LEU LEU A . n 
A 1 135 VAL 135 114 114 VAL VAL A . n 
A 1 136 VAL 136 115 115 VAL VAL A . n 
A 1 137 GLU 137 116 116 GLU GLU A . n 
A 1 138 CYS 138 117 117 CYS CYS A . n 
A 1 139 VAL 139 118 118 VAL VAL A . n 
A 1 140 MET 140 119 119 MET MET A . n 
A 1 141 LYS 141 120 120 LYS LYS A . n 
A 1 142 GLY 142 121 121 GLY GLY A . n 
A 1 143 VAL 143 122 122 VAL VAL A . n 
A 1 144 THR 144 123 123 THR THR A . n 
A 1 145 SER 145 124 124 SER SER A . n 
A 1 146 THR 146 125 125 THR THR A . n 
A 1 147 ARG 147 126 126 ARG ARG A . n 
A 1 148 VAL 148 127 127 VAL VAL A . n 
A 1 149 TYR 149 128 128 TYR TYR A . n 
A 1 150 GLU 150 129 129 GLU GLU A . n 
A 1 151 ARG 151 130 130 ARG ARG A . n 
A 1 152 ALA 152 131 131 ALA ALA A . n 
# 
loop_
_pdbx_nonpoly_scheme.asym_id 
_pdbx_nonpoly_scheme.entity_id 
_pdbx_nonpoly_scheme.mon_id 
_pdbx_nonpoly_scheme.ndb_seq_num 
_pdbx_nonpoly_scheme.pdb_seq_num 
_pdbx_nonpoly_scheme.auth_seq_num 
_pdbx_nonpoly_scheme.pdb_mon_id 
_pdbx_nonpoly_scheme.auth_mon_id 
_pdbx_nonpoly_scheme.pdb_strand_id 
_pdbx_nonpoly_scheme.pdb_ins_code 
B 2 W6B 1  201 201 W6B LIG A . 
C 3 HOH 1  301 18  HOH HOH A . 
C 3 HOH 2  302 44  HOH HOH A . 
C 3 HOH 3  303 29  HOH HOH A . 
C 3 HOH 4  304 71  HOH HOH A . 
C 3 HOH 5  305 2   HOH HOH A . 
C 3 HOH 6  306 13  HOH HOH A . 
C 3 HOH 7  307 64  HOH HOH A . 
C 3 HOH 8  308 62  HOH HOH A . 
C 3 HOH 9  309 1   HOH HOH A . 
C 3 HOH 10 310 11  HOH HOH A . 
C 3 HOH 11 311 27  HOH HOH A . 
C 3 HOH 12 312 56  HOH HOH A . 
C 3 HOH 13 313 51  HOH HOH A . 
C 3 HOH 14 314 21  HOH HOH A . 
C 3 HOH 15 315 34  HOH HOH A . 
C 3 HOH 16 316 7   HOH HOH A . 
C 3 HOH 17 317 68  HOH HOH A . 
C 3 HOH 18 318 19  HOH HOH A . 
C 3 HOH 19 319 17  HOH HOH A . 
C 3 HOH 20 320 24  HOH HOH A . 
C 3 HOH 21 321 54  HOH HOH A . 
C 3 HOH 22 322 47  HOH HOH A . 
C 3 HOH 23 323 15  HOH HOH A . 
C 3 HOH 24 324 16  HOH HOH A . 
C 3 HOH 25 325 20  HOH HOH A . 
C 3 HOH 26 326 9   HOH HOH A . 
C 3 HOH 27 327 70  HOH HOH A . 
C 3 HOH 28 328 83  HOH HOH A . 
C 3 HOH 29 329 43  HOH HOH A . 
C 3 HOH 30 330 36  HOH HOH A . 
C 3 HOH 31 331 37  HOH HOH A . 
C 3 HOH 32 332 6   HOH HOH A . 
C 3 HOH 33 333 55  HOH HOH A . 
C 3 HOH 34 334 8   HOH HOH A . 
C 3 HOH 35 335 87  HOH HOH A . 
C 3 HOH 36 336 52  HOH HOH A . 
C 3 HOH 37 337 77  HOH HOH A . 
C 3 HOH 38 338 32  HOH HOH A . 
C 3 HOH 39 339 10  HOH HOH A . 
C 3 HOH 40 340 42  HOH HOH A . 
C 3 HOH 41 341 53  HOH HOH A . 
C 3 HOH 42 342 4   HOH HOH A . 
C 3 HOH 43 343 46  HOH HOH A . 
C 3 HOH 44 344 26  HOH HOH A . 
C 3 HOH 45 345 57  HOH HOH A . 
C 3 HOH 46 346 22  HOH HOH A . 
C 3 HOH 47 347 14  HOH HOH A . 
C 3 HOH 48 348 45  HOH HOH A . 
C 3 HOH 49 349 81  HOH HOH A . 
C 3 HOH 50 350 61  HOH HOH A . 
C 3 HOH 51 351 78  HOH HOH A . 
C 3 HOH 52 352 75  HOH HOH A . 
C 3 HOH 53 353 38  HOH HOH A . 
C 3 HOH 54 354 31  HOH HOH A . 
C 3 HOH 55 355 58  HOH HOH A . 
C 3 HOH 56 356 65  HOH HOH A . 
C 3 HOH 57 357 12  HOH HOH A . 
C 3 HOH 58 358 63  HOH HOH A . 
C 3 HOH 59 359 72  HOH HOH A . 
C 3 HOH 60 360 82  HOH HOH A . 
C 3 HOH 61 361 73  HOH HOH A . 
C 3 HOH 62 362 39  HOH HOH A . 
C 3 HOH 63 363 33  HOH HOH A . 
C 3 HOH 64 364 41  HOH HOH A . 
C 3 HOH 65 365 28  HOH HOH A . 
C 3 HOH 66 366 35  HOH HOH A . 
C 3 HOH 67 367 30  HOH HOH A . 
C 3 HOH 68 368 85  HOH HOH A . 
C 3 HOH 69 369 59  HOH HOH A . 
C 3 HOH 70 370 48  HOH HOH A . 
C 3 HOH 71 371 79  HOH HOH A . 
C 3 HOH 72 372 5   HOH HOH A . 
C 3 HOH 73 373 60  HOH HOH A . 
C 3 HOH 74 374 69  HOH HOH A . 
C 3 HOH 75 375 66  HOH HOH A . 
C 3 HOH 76 376 3   HOH HOH A . 
C 3 HOH 77 377 40  HOH HOH A . 
C 3 HOH 78 378 49  HOH HOH A . 
C 3 HOH 79 379 67  HOH HOH A . 
C 3 HOH 80 380 76  HOH HOH A . 
C 3 HOH 81 381 23  HOH HOH A . 
C 3 HOH 82 382 74  HOH HOH A . 
C 3 HOH 83 383 84  HOH HOH A . 
C 3 HOH 84 384 86  HOH HOH A . 
C 3 HOH 85 385 80  HOH HOH A . 
C 3 HOH 86 386 88  HOH HOH A . 
C 3 HOH 87 387 25  HOH HOH A . 
C 3 HOH 88 388 90  HOH HOH A . 
C 3 HOH 89 389 50  HOH HOH A . 
C 3 HOH 90 390 89  HOH HOH A . 
# 
loop_
_pdbx_unobs_or_zero_occ_atoms.id 
_pdbx_unobs_or_zero_occ_atoms.PDB_model_num 
_pdbx_unobs_or_zero_occ_atoms.polymer_flag 
_pdbx_unobs_or_zero_occ_atoms.occupancy_flag 
_pdbx_unobs_or_zero_occ_atoms.auth_asym_id 
_pdbx_unobs_or_zero_occ_atoms.auth_comp_id 
_pdbx_unobs_or_zero_occ_atoms.auth_seq_id 
_pdbx_unobs_or_zero_occ_atoms.PDB_ins_code 
_pdbx_unobs_or_zero_occ_atoms.auth_atom_id 
_pdbx_unobs_or_zero_occ_atoms.label_alt_id 
_pdbx_unobs_or_zero_occ_atoms.label_asym_id 
_pdbx_unobs_or_zero_occ_atoms.label_comp_id 
_pdbx_unobs_or_zero_occ_atoms.label_seq_id 
_pdbx_unobs_or_zero_occ_atoms.label_atom_id 
1  1 Y 1 A ARG -4  ? CG  ? A ARG 17  CG  
2  1 Y 1 A ARG -4  ? CD  ? A ARG 17  CD  
3  1 Y 1 A ARG -4  ? NE  ? A ARG 17  NE  
4  1 Y 1 A ARG -4  ? CZ  ? A ARG 17  CZ  
5  1 Y 1 A ARG -4  ? NH1 ? A ARG 17  NH1 
6  1 Y 1 A ARG -4  ? NH2 ? A ARG 17  NH2 
7  1 Y 1 A GLU 14  ? CG  ? A GLU 35  CG  
8  1 Y 1 A GLU 14  ? CD  ? A GLU 35  CD  
9  1 Y 1 A GLU 14  ? OE1 ? A GLU 35  OE1 
10 1 Y 1 A GLU 14  ? OE2 ? A GLU 35  OE2 
11 1 Y 1 A LYS 37  ? CG  ? A LYS 58  CG  
12 1 Y 1 A LYS 37  ? CD  ? A LYS 58  CD  
13 1 Y 1 A LYS 37  ? CE  ? A LYS 58  CE  
14 1 Y 1 A LYS 37  ? NZ  ? A LYS 58  NZ  
15 1 Y 1 A LYS 52  ? CG  ? A LYS 73  CG  
16 1 Y 1 A LYS 52  ? CD  ? A LYS 73  CD  
17 1 Y 1 A LYS 52  ? CE  ? A LYS 73  CE  
18 1 Y 1 A LYS 52  ? NZ  ? A LYS 73  NZ  
19 1 Y 1 A LYS 58  ? CG  ? A LYS 79  CG  
20 1 Y 1 A LYS 58  ? CD  ? A LYS 79  CD  
21 1 Y 1 A LYS 58  ? CE  ? A LYS 79  CE  
22 1 Y 1 A LYS 58  ? NZ  ? A LYS 79  NZ  
23 1 Y 1 A ASP 77  ? CG  ? A ASP 98  CG  
24 1 Y 1 A ASP 77  ? OD1 ? A ASP 98  OD1 
25 1 Y 1 A ASP 77  ? OD2 ? A ASP 98  OD2 
26 1 Y 1 A LYS 79  ? CG  ? A LYS 100 CG  
27 1 Y 1 A LYS 79  ? CD  ? A LYS 100 CD  
28 1 Y 1 A LYS 79  ? CE  ? A LYS 100 CE  
29 1 Y 1 A LYS 79  ? NZ  ? A LYS 100 NZ  
30 1 Y 1 A LYS 96  ? CG  ? A LYS 117 CG  
31 1 Y 1 A LYS 96  ? CD  ? A LYS 117 CD  
32 1 Y 1 A LYS 96  ? CE  ? A LYS 117 CE  
33 1 Y 1 A LYS 96  ? NZ  ? A LYS 117 NZ  
34 1 Y 1 A ASP 98  ? CG  ? A ASP 119 CG  
35 1 Y 1 A ASP 98  ? OD1 ? A ASP 119 OD1 
36 1 Y 1 A ASP 98  ? OD2 ? A ASP 119 OD2 
37 1 Y 1 A LYS 107 ? CG  ? A LYS 128 CG  
38 1 Y 1 A LYS 107 ? CD  ? A LYS 128 CD  
39 1 Y 1 A LYS 107 ? CE  ? A LYS 128 CE  
40 1 Y 1 A LYS 107 ? NZ  ? A LYS 128 NZ  
41 1 Y 1 A GLU 116 ? CG  ? A GLU 137 CG  
42 1 Y 1 A GLU 116 ? CD  ? A GLU 137 CD  
43 1 Y 1 A GLU 116 ? OE1 ? A GLU 137 OE1 
44 1 Y 1 A GLU 116 ? OE2 ? A GLU 137 OE2 
45 1 Y 1 A LYS 120 ? CG  ? A LYS 141 CG  
46 1 Y 1 A LYS 120 ? CD  ? A LYS 141 CD  
47 1 Y 1 A LYS 120 ? CE  ? A LYS 141 CE  
48 1 Y 1 A LYS 120 ? NZ  ? A LYS 141 NZ  
# 
loop_
_software.citation_id 
_software.classification 
_software.compiler_name 
_software.compiler_version 
_software.contact_author 
_software.contact_author_email 
_software.date 
_software.description 
_software.dependencies 
_software.hardware 
_software.language 
_software.location 
_software.mods 
_software.name 
_software.os 
_software.os_version 
_software.type 
_software.version 
_software.pdbx_ordinal 
? refinement       ? ? ? ? ? ? ? ? ? ? ? PHENIX ? ? ? '(1.17.1_3660: ???)' 1 
? 'data scaling'   ? ? ? ? ? ? ? ? ? ? ? XDS    ? ? ? .                    2 
? 'data reduction' ? ? ? ? ? ? ? ? ? ? ? XDS    ? ? ? .                    3 
? phasing          ? ? ? ? ? ? ? ? ? ? ? PHASER ? ? ? .                    4 
# 
_cell.angle_alpha                  90.00 
_cell.angle_alpha_esd              ? 
_cell.angle_beta                   90.00 
_cell.angle_beta_esd               ? 
_cell.angle_gamma                  90.00 
_cell.angle_gamma_esd              ? 
_cell.entry_id                     8WE3 
_cell.details                      ? 
_cell.formula_units_Z              ? 
_cell.length_a                     32.437 
_cell.length_a_esd                 ? 
_cell.length_b                     54.171 
_cell.length_b_esd                 ? 
_cell.length_c                     75.492 
_cell.length_c_esd                 ? 
_cell.volume                       ? 
_cell.volume_esd                   ? 
_cell.Z_PDB                        4 
_cell.reciprocal_angle_alpha       ? 
_cell.reciprocal_angle_beta        ? 
_cell.reciprocal_angle_gamma       ? 
_cell.reciprocal_angle_alpha_esd   ? 
_cell.reciprocal_angle_beta_esd    ? 
_cell.reciprocal_angle_gamma_esd   ? 
_cell.reciprocal_length_a          ? 
_cell.reciprocal_length_b          ? 
_cell.reciprocal_length_c          ? 
_cell.reciprocal_length_a_esd      ? 
_cell.reciprocal_length_b_esd      ? 
_cell.reciprocal_length_c_esd      ? 
_cell.pdbx_unique_axis             ? 
_cell.pdbx_esd_method              ? 
# 
_symmetry.entry_id                         8WE3 
_symmetry.cell_setting                     ? 
_symmetry.Int_Tables_number                19 
_symmetry.space_group_name_Hall            ? 
_symmetry.space_group_name_H-M             'P 21 21 21' 
_symmetry.pdbx_full_space_group_name_H-M   ? 
# 
_exptl.absorpt_coefficient_mu     ? 
_exptl.absorpt_correction_T_max   ? 
_exptl.absorpt_correction_T_min   ? 
_exptl.absorpt_correction_type    ? 
_exptl.absorpt_process_details    ? 
_exptl.entry_id                   8WE3 
_exptl.crystals_number            1 
_exptl.details                    ? 
_exptl.method                     'X-RAY DIFFRACTION' 
_exptl.method_details             ? 
# 
_exptl_crystal.colour                       ? 
_exptl_crystal.density_diffrn               ? 
_exptl_crystal.density_Matthews             1.96 
_exptl_crystal.density_method               ? 
_exptl_crystal.density_percent_sol          37.28 
_exptl_crystal.description                  ? 
_exptl_crystal.F_000                        ? 
_exptl_crystal.id                           1 
_exptl_crystal.preparation                  ? 
_exptl_crystal.size_max                     ? 
_exptl_crystal.size_mid                     ? 
_exptl_crystal.size_min                     ? 
_exptl_crystal.size_rad                     ? 
_exptl_crystal.colour_lustre                ? 
_exptl_crystal.colour_modifier              ? 
_exptl_crystal.colour_primary               ? 
_exptl_crystal.density_meas                 ? 
_exptl_crystal.density_meas_esd             ? 
_exptl_crystal.density_meas_gt              ? 
_exptl_crystal.density_meas_lt              ? 
_exptl_crystal.density_meas_temp            ? 
_exptl_crystal.density_meas_temp_esd        ? 
_exptl_crystal.density_meas_temp_gt         ? 
_exptl_crystal.density_meas_temp_lt         ? 
_exptl_crystal.pdbx_crystal_image_url       ? 
_exptl_crystal.pdbx_crystal_image_format    ? 
_exptl_crystal.pdbx_mosaicity               ? 
_exptl_crystal.pdbx_mosaicity_esd           ? 
_exptl_crystal.pdbx_mosaic_method           ? 
_exptl_crystal.pdbx_mosaic_block_size       ? 
_exptl_crystal.pdbx_mosaic_block_size_esd   ? 
# 
_exptl_crystal_grow.apparatus       ? 
_exptl_crystal_grow.atmosphere      ? 
_exptl_crystal_grow.crystal_id      1 
_exptl_crystal_grow.details         ? 
_exptl_crystal_grow.method          'VAPOR DIFFUSION, HANGING DROP' 
_exptl_crystal_grow.method_ref      ? 
_exptl_crystal_grow.pH              ? 
_exptl_crystal_grow.pressure        ? 
_exptl_crystal_grow.pressure_esd    ? 
_exptl_crystal_grow.seeding         ? 
_exptl_crystal_grow.seeding_ref     ? 
_exptl_crystal_grow.temp_details    ? 
_exptl_crystal_grow.temp_esd        ? 
_exptl_crystal_grow.time            ? 
_exptl_crystal_grow.pdbx_details    '1.6M trisodium citrate, PH6.5' 
_exptl_crystal_grow.pdbx_pH_range   ? 
_exptl_crystal_grow.temp            293 
# 
_diffrn.ambient_environment              ? 
_diffrn.ambient_temp                     100 
_diffrn.ambient_temp_details             ? 
_diffrn.ambient_temp_esd                 ? 
_diffrn.crystal_id                       1 
_diffrn.crystal_support                  ? 
_diffrn.crystal_treatment                ? 
_diffrn.details                          ? 
_diffrn.id                               1 
_diffrn.ambient_pressure                 ? 
_diffrn.ambient_pressure_esd             ? 
_diffrn.ambient_pressure_gt              ? 
_diffrn.ambient_pressure_lt              ? 
_diffrn.ambient_temp_gt                  ? 
_diffrn.ambient_temp_lt                  ? 
_diffrn.pdbx_serial_crystal_experiment   N 
# 
_diffrn_detector.details                      ? 
_diffrn_detector.detector                     PIXEL 
_diffrn_detector.diffrn_id                    1 
_diffrn_detector.type                         'DECTRIS EIGER2 S 9M' 
_diffrn_detector.area_resol_mean              ? 
_diffrn_detector.dtime                        ? 
_diffrn_detector.pdbx_frames_total            ? 
_diffrn_detector.pdbx_collection_time_total   ? 
_diffrn_detector.pdbx_collection_date         2023-04-07 
_diffrn_detector.pdbx_frequency               ? 
_diffrn_detector.id                           ? 
_diffrn_detector.number_of_axes               ? 
# 
_diffrn_radiation.collimation                      ? 
_diffrn_radiation.diffrn_id                        1 
_diffrn_radiation.filter_edge                      ? 
_diffrn_radiation.inhomogeneity                    ? 
_diffrn_radiation.monochromator                    ? 
_diffrn_radiation.polarisn_norm                    ? 
_diffrn_radiation.polarisn_ratio                   ? 
_diffrn_radiation.probe                            ? 
_diffrn_radiation.type                             ? 
_diffrn_radiation.xray_symbol                      ? 
_diffrn_radiation.wavelength_id                    1 
_diffrn_radiation.pdbx_monochromatic_or_laue_m_l   M 
_diffrn_radiation.pdbx_wavelength_list             ? 
_diffrn_radiation.pdbx_wavelength                  ? 
_diffrn_radiation.pdbx_diffrn_protocol             'SINGLE WAVELENGTH' 
_diffrn_radiation.pdbx_analyzer                    ? 
_diffrn_radiation.pdbx_scattering_type             x-ray 
# 
_diffrn_radiation_wavelength.id           1 
_diffrn_radiation_wavelength.wavelength   0.9792 
_diffrn_radiation_wavelength.wt           1.0 
# 
_diffrn_source.current                     ? 
_diffrn_source.details                     ? 
_diffrn_source.diffrn_id                   1 
_diffrn_source.power                       ? 
_diffrn_source.size                        ? 
_diffrn_source.source                      SYNCHROTRON 
_diffrn_source.target                      ? 
_diffrn_source.type                        'SSRF BEAMLINE BL02U1' 
_diffrn_source.voltage                     ? 
_diffrn_source.take-off_angle              ? 
_diffrn_source.pdbx_wavelength_list        0.9792 
_diffrn_source.pdbx_wavelength             ? 
_diffrn_source.pdbx_synchrotron_beamline   BL02U1 
_diffrn_source.pdbx_synchrotron_site       SSRF 
# 
_reflns.B_iso_Wilson_estimate                          ? 
_reflns.entry_id                                       8WE3 
_reflns.data_reduction_details                         ? 
_reflns.data_reduction_method                          ? 
_reflns.d_resolution_high                              1.82 
_reflns.d_resolution_low                               27.83 
_reflns.details                                        ? 
_reflns.limit_h_max                                    ? 
_reflns.limit_h_min                                    ? 
_reflns.limit_k_max                                    ? 
_reflns.limit_k_min                                    ? 
_reflns.limit_l_max                                    ? 
_reflns.limit_l_min                                    ? 
_reflns.number_all                                     ? 
_reflns.number_obs                                     12426 
_reflns.observed_criterion                             ? 
_reflns.observed_criterion_F_max                       ? 
_reflns.observed_criterion_F_min                       ? 
_reflns.observed_criterion_I_max                       ? 
_reflns.observed_criterion_I_min                       ? 
_reflns.observed_criterion_sigma_F                     ? 
_reflns.observed_criterion_sigma_I                     ? 
_reflns.percent_possible_obs                           99.48 
_reflns.R_free_details                                 ? 
_reflns.Rmerge_F_all                                   ? 
_reflns.Rmerge_F_obs                                   ? 
_reflns.Friedel_coverage                               ? 
_reflns.number_gt                                      ? 
_reflns.threshold_expression                           ? 
_reflns.pdbx_redundancy                                2.0 
_reflns.pdbx_netI_over_av_sigmaI                       ? 
_reflns.pdbx_netI_over_sigmaI                          10.9 
_reflns.pdbx_res_netI_over_av_sigmaI_2                 ? 
_reflns.pdbx_res_netI_over_sigmaI_2                    ? 
_reflns.pdbx_chi_squared                               ? 
_reflns.pdbx_scaling_rejects                           ? 
_reflns.pdbx_d_res_high_opt                            ? 
_reflns.pdbx_d_res_low_opt                             ? 
_reflns.pdbx_d_res_opt_method                          ? 
_reflns.phase_calculation_details                      ? 
_reflns.pdbx_Rrim_I_all                                ? 
_reflns.pdbx_Rpim_I_all                                ? 
_reflns.pdbx_d_opt                                     ? 
_reflns.pdbx_number_measured_all                       ? 
_reflns.pdbx_diffrn_id                                 1 
_reflns.pdbx_ordinal                                   1 
_reflns.pdbx_CC_half                                   0.993 
_reflns.pdbx_CC_star                                   ? 
_reflns.pdbx_R_split                                   ? 
_reflns.pdbx_Rmerge_I_obs                              ? 
_reflns.pdbx_Rmerge_I_all                              ? 
_reflns.pdbx_Rsym_value                                ? 
_reflns.pdbx_CC_split_method                           ? 
_reflns.pdbx_aniso_diffraction_limit_axis_1_ortho[1]   ? 
_reflns.pdbx_aniso_diffraction_limit_axis_1_ortho[2]   ? 
_reflns.pdbx_aniso_diffraction_limit_axis_1_ortho[3]   ? 
_reflns.pdbx_aniso_diffraction_limit_axis_2_ortho[1]   ? 
_reflns.pdbx_aniso_diffraction_limit_axis_2_ortho[2]   ? 
_reflns.pdbx_aniso_diffraction_limit_axis_2_ortho[3]   ? 
_reflns.pdbx_aniso_diffraction_limit_axis_3_ortho[1]   ? 
_reflns.pdbx_aniso_diffraction_limit_axis_3_ortho[2]   ? 
_reflns.pdbx_aniso_diffraction_limit_axis_3_ortho[3]   ? 
_reflns.pdbx_aniso_diffraction_limit_1                 ? 
_reflns.pdbx_aniso_diffraction_limit_2                 ? 
_reflns.pdbx_aniso_diffraction_limit_3                 ? 
_reflns.pdbx_aniso_B_tensor_eigenvector_1_ortho[1]     ? 
_reflns.pdbx_aniso_B_tensor_eigenvector_1_ortho[2]     ? 
_reflns.pdbx_aniso_B_tensor_eigenvector_1_ortho[3]     ? 
_reflns.pdbx_aniso_B_tensor_eigenvector_2_ortho[1]     ? 
_reflns.pdbx_aniso_B_tensor_eigenvector_2_ortho[2]     ? 
_reflns.pdbx_aniso_B_tensor_eigenvector_2_ortho[3]     ? 
_reflns.pdbx_aniso_B_tensor_eigenvector_3_ortho[1]     ? 
_reflns.pdbx_aniso_B_tensor_eigenvector_3_ortho[2]     ? 
_reflns.pdbx_aniso_B_tensor_eigenvector_3_ortho[3]     ? 
_reflns.pdbx_aniso_B_tensor_eigenvalue_1               ? 
_reflns.pdbx_aniso_B_tensor_eigenvalue_2               ? 
_reflns.pdbx_aniso_B_tensor_eigenvalue_3               ? 
_reflns.pdbx_orthogonalization_convention              ? 
_reflns.pdbx_percent_possible_ellipsoidal              ? 
_reflns.pdbx_percent_possible_spherical                ? 
_reflns.pdbx_percent_possible_ellipsoidal_anomalous    ? 
_reflns.pdbx_percent_possible_spherical_anomalous      ? 
_reflns.pdbx_redundancy_anomalous                      ? 
_reflns.pdbx_CC_half_anomalous                         ? 
_reflns.pdbx_absDiff_over_sigma_anomalous              ? 
_reflns.pdbx_percent_possible_anomalous                ? 
_reflns.pdbx_observed_signal_threshold                 ? 
_reflns.pdbx_signal_type                               ? 
_reflns.pdbx_signal_details                            ? 
_reflns.pdbx_signal_software_id                        ? 
# 
_reflns_shell.d_res_high                                    1.82 
_reflns_shell.d_res_low                                     1.885 
_reflns_shell.meanI_over_sigI_all                           ? 
_reflns_shell.meanI_over_sigI_obs                           ? 
_reflns_shell.number_measured_all                           ? 
_reflns_shell.number_measured_obs                           ? 
_reflns_shell.number_possible                               ? 
_reflns_shell.number_unique_all                             ? 
_reflns_shell.number_unique_obs                             1200 
_reflns_shell.percent_possible_obs                          ? 
_reflns_shell.Rmerge_F_all                                  ? 
_reflns_shell.Rmerge_F_obs                                  ? 
_reflns_shell.meanI_over_sigI_gt                            ? 
_reflns_shell.meanI_over_uI_all                             ? 
_reflns_shell.meanI_over_uI_gt                              ? 
_reflns_shell.number_measured_gt                            ? 
_reflns_shell.number_unique_gt                              ? 
_reflns_shell.percent_possible_gt                           ? 
_reflns_shell.Rmerge_F_gt                                   ? 
_reflns_shell.Rmerge_I_gt                                   ? 
_reflns_shell.pdbx_redundancy                               ? 
_reflns_shell.pdbx_chi_squared                              ? 
_reflns_shell.pdbx_netI_over_sigmaI_all                     ? 
_reflns_shell.pdbx_netI_over_sigmaI_obs                     ? 
_reflns_shell.pdbx_Rrim_I_all                               ? 
_reflns_shell.pdbx_Rpim_I_all                               ? 
_reflns_shell.pdbx_rejects                                  ? 
_reflns_shell.pdbx_ordinal                                  1 
_reflns_shell.pdbx_diffrn_id                                1 
_reflns_shell.pdbx_CC_half                                  0.743 
_reflns_shell.pdbx_CC_star                                  ? 
_reflns_shell.pdbx_R_split                                  ? 
_reflns_shell.percent_possible_all                          ? 
_reflns_shell.Rmerge_I_all                                  ? 
_reflns_shell.Rmerge_I_obs                                  ? 
_reflns_shell.pdbx_Rsym_value                               ? 
_reflns_shell.pdbx_percent_possible_ellipsoidal             ? 
_reflns_shell.pdbx_percent_possible_spherical               ? 
_reflns_shell.pdbx_percent_possible_ellipsoidal_anomalous   ? 
_reflns_shell.pdbx_percent_possible_spherical_anomalous     ? 
_reflns_shell.pdbx_redundancy_anomalous                     ? 
_reflns_shell.pdbx_CC_half_anomalous                        ? 
_reflns_shell.pdbx_absDiff_over_sigma_anomalous             ? 
_reflns_shell.pdbx_percent_possible_anomalous               ? 
# 
_refine.aniso_B[1][1]                            ? 
_refine.aniso_B[1][2]                            ? 
_refine.aniso_B[1][3]                            ? 
_refine.aniso_B[2][2]                            ? 
_refine.aniso_B[2][3]                            ? 
_refine.aniso_B[3][3]                            ? 
_refine.B_iso_max                                ? 
_refine.B_iso_mean                               ? 
_refine.B_iso_min                                ? 
_refine.correlation_coeff_Fo_to_Fc               ? 
_refine.correlation_coeff_Fo_to_Fc_free          ? 
_refine.details                                  ? 
_refine.diff_density_max                         ? 
_refine.diff_density_max_esd                     ? 
_refine.diff_density_min                         ? 
_refine.diff_density_min_esd                     ? 
_refine.diff_density_rms                         ? 
_refine.diff_density_rms_esd                     ? 
_refine.entry_id                                 8WE3 
_refine.pdbx_refine_id                           'X-RAY DIFFRACTION' 
_refine.ls_abs_structure_details                 ? 
_refine.ls_abs_structure_Flack                   ? 
_refine.ls_abs_structure_Flack_esd               ? 
_refine.ls_abs_structure_Rogers                  ? 
_refine.ls_abs_structure_Rogers_esd              ? 
_refine.ls_d_res_high                            1.82 
_refine.ls_d_res_low                             27.83 
_refine.ls_extinction_coef                       ? 
_refine.ls_extinction_coef_esd                   ? 
_refine.ls_extinction_expression                 ? 
_refine.ls_extinction_method                     ? 
_refine.ls_goodness_of_fit_all                   ? 
_refine.ls_goodness_of_fit_all_esd               ? 
_refine.ls_goodness_of_fit_obs                   ? 
_refine.ls_goodness_of_fit_obs_esd               ? 
_refine.ls_hydrogen_treatment                    ? 
_refine.ls_matrix_type                           ? 
_refine.ls_number_constraints                    ? 
_refine.ls_number_parameters                     ? 
_refine.ls_number_reflns_all                     ? 
_refine.ls_number_reflns_obs                     12426 
_refine.ls_number_reflns_R_free                  581 
_refine.ls_number_reflns_R_work                  ? 
_refine.ls_number_restraints                     ? 
_refine.ls_percent_reflns_obs                    99.50 
_refine.ls_percent_reflns_R_free                 4.68 
_refine.ls_R_factor_all                          ? 
_refine.ls_R_factor_obs                          0.1989 
_refine.ls_R_factor_R_free                       0.2276 
_refine.ls_R_factor_R_free_error                 ? 
_refine.ls_R_factor_R_free_error_details         ? 
_refine.ls_R_factor_R_work                       0.1975 
_refine.ls_R_Fsqd_factor_obs                     ? 
_refine.ls_R_I_factor_obs                        ? 
_refine.ls_redundancy_reflns_all                 ? 
_refine.ls_redundancy_reflns_obs                 ? 
_refine.ls_restrained_S_all                      ? 
_refine.ls_restrained_S_obs                      ? 
_refine.ls_shift_over_esd_max                    ? 
_refine.ls_shift_over_esd_mean                   ? 
_refine.ls_structure_factor_coef                 ? 
_refine.ls_weighting_details                     ? 
_refine.ls_weighting_scheme                      ? 
_refine.ls_wR_factor_all                         ? 
_refine.ls_wR_factor_obs                         ? 
_refine.ls_wR_factor_R_free                      ? 
_refine.ls_wR_factor_R_work                      ? 
_refine.occupancy_max                            ? 
_refine.occupancy_min                            ? 
_refine.solvent_model_details                    'FLAT BULK SOLVENT MODEL' 
_refine.solvent_model_param_bsol                 ? 
_refine.solvent_model_param_ksol                 ? 
_refine.pdbx_R_complete                          ? 
_refine.ls_R_factor_gt                           ? 
_refine.ls_goodness_of_fit_gt                    ? 
_refine.ls_goodness_of_fit_ref                   ? 
_refine.ls_shift_over_su_max                     ? 
_refine.ls_shift_over_su_max_lt                  ? 
_refine.ls_shift_over_su_mean                    ? 
_refine.ls_shift_over_su_mean_lt                 ? 
_refine.pdbx_ls_sigma_I                          ? 
_refine.pdbx_ls_sigma_F                          1.34 
_refine.pdbx_ls_sigma_Fsqd                       ? 
_refine.pdbx_data_cutoff_high_absF               ? 
_refine.pdbx_data_cutoff_high_rms_absF           ? 
_refine.pdbx_data_cutoff_low_absF                ? 
_refine.pdbx_isotropic_thermal_model             ? 
_refine.pdbx_ls_cross_valid_method               THROUGHOUT 
_refine.pdbx_method_to_determine_struct          'MOLECULAR REPLACEMENT' 
_refine.pdbx_starting_model                      ? 
_refine.pdbx_stereochemistry_target_values       ML 
_refine.pdbx_R_Free_selection_details            ? 
_refine.pdbx_stereochem_target_val_spec_case     ? 
_refine.pdbx_overall_ESU_R                       ? 
_refine.pdbx_overall_ESU_R_Free                  ? 
_refine.pdbx_solvent_vdw_probe_radii             1.11 
_refine.pdbx_solvent_ion_probe_radii             ? 
_refine.pdbx_solvent_shrinkage_radii             0.90 
_refine.pdbx_real_space_R                        ? 
_refine.pdbx_density_correlation                 ? 
_refine.pdbx_pd_number_of_powder_patterns        ? 
_refine.pdbx_pd_number_of_points                 ? 
_refine.pdbx_pd_meas_number_of_points            ? 
_refine.pdbx_pd_proc_ls_prof_R_factor            ? 
_refine.pdbx_pd_proc_ls_prof_wR_factor           ? 
_refine.pdbx_pd_Marquardt_correlation_coeff      ? 
_refine.pdbx_pd_Fsqrd_R_factor                   ? 
_refine.pdbx_pd_ls_matrix_band_width             ? 
_refine.pdbx_overall_phase_error                 22.45 
_refine.pdbx_overall_SU_R_free_Cruickshank_DPI   ? 
_refine.pdbx_overall_SU_R_free_Blow_DPI          ? 
_refine.pdbx_overall_SU_R_Blow_DPI               ? 
_refine.pdbx_TLS_residual_ADP_flag               ? 
_refine.pdbx_diffrn_id                           1 
_refine.overall_SU_B                             ? 
_refine.overall_SU_ML                            0.22 
_refine.overall_SU_R_Cruickshank_DPI             ? 
_refine.overall_SU_R_free                        ? 
_refine.overall_FOM_free_R_set                   ? 
_refine.overall_FOM_work_R_set                   ? 
_refine.pdbx_average_fsc_overall                 ? 
_refine.pdbx_average_fsc_work                    ? 
_refine.pdbx_average_fsc_free                    ? 
# 
_refine_hist.pdbx_refine_id                   'X-RAY DIFFRACTION' 
_refine_hist.cycle_id                         LAST 
_refine_hist.pdbx_number_atoms_protein        1012 
_refine_hist.pdbx_number_atoms_nucleic_acid   0 
_refine_hist.pdbx_number_atoms_ligand         24 
_refine_hist.number_atoms_solvent             90 
_refine_hist.number_atoms_total               1126 
_refine_hist.d_res_high                       1.82 
_refine_hist.d_res_low                        27.83 
# 
loop_
_refine_ls_restr.pdbx_refine_id 
_refine_ls_restr.criterion 
_refine_ls_restr.dev_ideal 
_refine_ls_restr.dev_ideal_target 
_refine_ls_restr.number 
_refine_ls_restr.rejects 
_refine_ls_restr.type 
_refine_ls_restr.weight 
_refine_ls_restr.pdbx_restraint_function 
'X-RAY DIFFRACTION' ? 0.002  ? 1052 ? f_bond_d           ? ? 
'X-RAY DIFFRACTION' ? 0.495  ? 1425 ? f_angle_d          ? ? 
'X-RAY DIFFRACTION' ? 14.239 ? 379  ? f_dihedral_angle_d ? ? 
'X-RAY DIFFRACTION' ? 0.047  ? 167  ? f_chiral_restr     ? ? 
'X-RAY DIFFRACTION' ? 0.002  ? 180  ? f_plane_restr      ? ? 
# 
loop_
_refine_ls_shell.pdbx_refine_id 
_refine_ls_shell.d_res_high 
_refine_ls_shell.d_res_low 
_refine_ls_shell.number_reflns_all 
_refine_ls_shell.number_reflns_obs 
_refine_ls_shell.number_reflns_R_free 
_refine_ls_shell.number_reflns_R_work 
_refine_ls_shell.percent_reflns_obs 
_refine_ls_shell.percent_reflns_R_free 
_refine_ls_shell.R_factor_all 
_refine_ls_shell.R_factor_obs 
_refine_ls_shell.R_factor_R_free_error 
_refine_ls_shell.R_factor_R_work 
_refine_ls_shell.redundancy_reflns_all 
_refine_ls_shell.redundancy_reflns_obs 
_refine_ls_shell.wR_factor_all 
_refine_ls_shell.wR_factor_obs 
_refine_ls_shell.wR_factor_R_free 
_refine_ls_shell.wR_factor_R_work 
_refine_ls_shell.pdbx_R_complete 
_refine_ls_shell.pdbx_total_number_of_bins_used 
_refine_ls_shell.pdbx_phase_error 
_refine_ls_shell.pdbx_fsc_work 
_refine_ls_shell.pdbx_fsc_free 
_refine_ls_shell.R_factor_R_free 
'X-RAY DIFFRACTION' 1.82 2.00  . . 145 2877 99.00  . . . . 0.2383 . . . . . . . . . . . 0.3256 
'X-RAY DIFFRACTION' 2.00 2.29  . . 153 2910 100.00 . . . . 0.2120 . . . . . . . . . . . 0.2495 
'X-RAY DIFFRACTION' 2.29 2.89  . . 146 2967 100.00 . . . . 0.2073 . . . . . . . . . . . 0.2330 
'X-RAY DIFFRACTION' 2.89 27.83 . . 137 3091 99.00  . . . . 0.1763 . . . . . . . . . . . 0.1846 
# 
_struct.entry_id                     8WE3 
_struct.title                        'Crystal structure of human FABP4 complexed with C7' 
_struct.pdbx_model_details           ? 
_struct.pdbx_formula_weight          ? 
_struct.pdbx_formula_weight_method   ? 
_struct.pdbx_model_type_details      ? 
_struct.pdbx_CASP_flag               N 
# 
_struct_keywords.entry_id        8WE3 
_struct_keywords.text            'LIPID BINDING PROTEIN-INHIBITOR complex' 
_struct_keywords.pdbx_keywords   'LIPID BINDING PROTEIN/INHIBITOR' 
# 
loop_
_struct_asym.id 
_struct_asym.pdbx_blank_PDB_chainid_flag 
_struct_asym.pdbx_modified 
_struct_asym.entity_id 
_struct_asym.details 
A N N 1 ? 
B N N 2 ? 
C N N 3 ? 
# 
_struct_ref.id                         1 
_struct_ref.db_name                    UNP 
_struct_ref.db_code                    FABP4_HUMAN 
_struct_ref.pdbx_db_accession          P15090 
_struct_ref.pdbx_db_isoform            ? 
_struct_ref.entity_id                  1 
_struct_ref.pdbx_seq_one_letter_code   
;MCDAFVGTWKLVSSENFDDYMKEVGVGFATRKVAGMAKPNMIISVNGDVITIKSESTFKNTEISFILGQEFDEVTADDRK
VKSTITLDGGVLVHVQKWDGKSTTIKRKREDDKLVVECVMKGVTSTRVYERA
;
_struct_ref.pdbx_align_begin           1 
# 
_struct_ref_seq.align_id                      1 
_struct_ref_seq.ref_id                        1 
_struct_ref_seq.pdbx_PDB_id_code              8WE3 
_struct_ref_seq.pdbx_strand_id                A 
_struct_ref_seq.seq_align_beg                 21 
_struct_ref_seq.pdbx_seq_align_beg_ins_code   ? 
_struct_ref_seq.seq_align_end                 152 
_struct_ref_seq.pdbx_seq_align_end_ins_code   ? 
_struct_ref_seq.pdbx_db_accession             P15090 
_struct_ref_seq.db_align_beg                  1 
_struct_ref_seq.pdbx_db_align_beg_ins_code    ? 
_struct_ref_seq.db_align_end                  132 
_struct_ref_seq.pdbx_db_align_end_ins_code    ? 
_struct_ref_seq.pdbx_auth_seq_align_beg       0 
_struct_ref_seq.pdbx_auth_seq_align_end       131 
# 
loop_
_struct_ref_seq_dif.align_id 
_struct_ref_seq_dif.pdbx_pdb_id_code 
_struct_ref_seq_dif.mon_id 
_struct_ref_seq_dif.pdbx_pdb_strand_id 
_struct_ref_seq_dif.seq_num 
_struct_ref_seq_dif.pdbx_pdb_ins_code 
_struct_ref_seq_dif.pdbx_seq_db_name 
_struct_ref_seq_dif.pdbx_seq_db_accession_code 
_struct_ref_seq_dif.db_mon_id 
_struct_ref_seq_dif.pdbx_seq_db_seq_num 
_struct_ref_seq_dif.details 
_struct_ref_seq_dif.pdbx_auth_seq_num 
_struct_ref_seq_dif.pdbx_ordinal 
1 8WE3 MET A 1  ? UNP P15090 ? ? 'expression tag' -20 1  
1 8WE3 GLY A 2  ? UNP P15090 ? ? 'expression tag' -19 2  
1 8WE3 SER A 3  ? UNP P15090 ? ? 'expression tag' -18 3  
1 8WE3 SER A 4  ? UNP P15090 ? ? 'expression tag' -17 4  
1 8WE3 HIS A 5  ? UNP P15090 ? ? 'expression tag' -16 5  
1 8WE3 HIS A 6  ? UNP P15090 ? ? 'expression tag' -15 6  
1 8WE3 HIS A 7  ? UNP P15090 ? ? 'expression tag' -14 7  
1 8WE3 HIS A 8  ? UNP P15090 ? ? 'expression tag' -13 8  
1 8WE3 HIS A 9  ? UNP P15090 ? ? 'expression tag' -12 9  
1 8WE3 HIS A 10 ? UNP P15090 ? ? 'expression tag' -11 10 
1 8WE3 SER A 11 ? UNP P15090 ? ? 'expression tag' -10 11 
1 8WE3 SER A 12 ? UNP P15090 ? ? 'expression tag' -9  12 
1 8WE3 GLY A 13 ? UNP P15090 ? ? 'expression tag' -8  13 
1 8WE3 LEU A 14 ? UNP P15090 ? ? 'expression tag' -7  14 
1 8WE3 VAL A 15 ? UNP P15090 ? ? 'expression tag' -6  15 
1 8WE3 PRO A 16 ? UNP P15090 ? ? 'expression tag' -5  16 
1 8WE3 ARG A 17 ? UNP P15090 ? ? 'expression tag' -4  17 
1 8WE3 GLY A 18 ? UNP P15090 ? ? 'expression tag' -3  18 
1 8WE3 SER A 19 ? UNP P15090 ? ? 'expression tag' -2  19 
1 8WE3 HIS A 20 ? UNP P15090 ? ? 'expression tag' -1  20 
# 
_pdbx_struct_assembly.id                   1 
_pdbx_struct_assembly.details              author_defined_assembly 
_pdbx_struct_assembly.method_details       ? 
_pdbx_struct_assembly.oligomeric_details   monomeric 
_pdbx_struct_assembly.oligomeric_count     1 
# 
loop_
_pdbx_struct_assembly_prop.biol_id 
_pdbx_struct_assembly_prop.type 
_pdbx_struct_assembly_prop.value 
_pdbx_struct_assembly_prop.details 
1 'ABSA (A^2)' 0    ? 
1 MORE         0    ? 
1 'SSA (A^2)'  7050 ? 
# 
_pdbx_struct_assembly_gen.assembly_id       1 
_pdbx_struct_assembly_gen.oper_expression   1 
_pdbx_struct_assembly_gen.asym_id_list      A,B,C 
# 
_pdbx_struct_assembly_auth_evidence.id                     1 
_pdbx_struct_assembly_auth_evidence.assembly_id            1 
_pdbx_struct_assembly_auth_evidence.experimental_support   'gel filtration' 
_pdbx_struct_assembly_auth_evidence.details                ? 
# 
_pdbx_struct_oper_list.id                   1 
_pdbx_struct_oper_list.type                 'identity operation' 
_pdbx_struct_oper_list.name                 1_555 
_pdbx_struct_oper_list.symmetry_operation   x,y,z 
_pdbx_struct_oper_list.matrix[1][1]         1.0000000000 
_pdbx_struct_oper_list.matrix[1][2]         0.0000000000 
_pdbx_struct_oper_list.matrix[1][3]         0.0000000000 
_pdbx_struct_oper_list.vector[1]            0.0000000000 
_pdbx_struct_oper_list.matrix[2][1]         0.0000000000 
_pdbx_struct_oper_list.matrix[2][2]         1.0000000000 
_pdbx_struct_oper_list.matrix[2][3]         0.0000000000 
_pdbx_struct_oper_list.vector[2]            0.0000000000 
_pdbx_struct_oper_list.matrix[3][1]         0.0000000000 
_pdbx_struct_oper_list.matrix[3][2]         0.0000000000 
_pdbx_struct_oper_list.matrix[3][3]         1.0000000000 
_pdbx_struct_oper_list.vector[3]            0.0000000000 
# 
loop_
_struct_conf.conf_type_id 
_struct_conf.id 
_struct_conf.pdbx_PDB_helix_id 
_struct_conf.beg_label_comp_id 
_struct_conf.beg_label_asym_id 
_struct_conf.beg_label_seq_id 
_struct_conf.pdbx_beg_PDB_ins_code 
_struct_conf.end_label_comp_id 
_struct_conf.end_label_asym_id 
_struct_conf.end_label_seq_id 
_struct_conf.pdbx_end_PDB_ins_code 
_struct_conf.beg_auth_comp_id 
_struct_conf.beg_auth_asym_id 
_struct_conf.beg_auth_seq_id 
_struct_conf.end_auth_comp_id 
_struct_conf.end_auth_asym_id 
_struct_conf.end_auth_seq_id 
_struct_conf.pdbx_PDB_helix_class 
_struct_conf.details 
_struct_conf.pdbx_PDB_helix_length 
HELX_P HELX_P1 AA1 HIS A 20 ? VAL A 26 ? HIS A -1 VAL A 5  5 ? 7  
HELX_P HELX_P2 AA2 ASN A 36 ? GLY A 45 ? ASN A 15 GLY A 24 1 ? 10 
HELX_P HELX_P3 AA3 GLY A 47 ? ALA A 57 ? GLY A 26 ALA A 36 1 ? 11 
# 
_struct_conf_type.id          HELX_P 
_struct_conf_type.criteria    ? 
_struct_conf_type.reference   ? 
# 
_struct_sheet.id               AA1 
_struct_sheet.type             ? 
_struct_sheet.number_strands   10 
_struct_sheet.details          ? 
# 
loop_
_struct_sheet_order.sheet_id 
_struct_sheet_order.range_id_1 
_struct_sheet_order.range_id_2 
_struct_sheet_order.offset 
_struct_sheet_order.sense 
AA1 1 2  ? anti-parallel 
AA1 2 3  ? anti-parallel 
AA1 3 4  ? anti-parallel 
AA1 4 5  ? anti-parallel 
AA1 5 6  ? anti-parallel 
AA1 6 7  ? anti-parallel 
AA1 7 8  ? anti-parallel 
AA1 8 9  ? anti-parallel 
AA1 9 10 ? anti-parallel 
# 
loop_
_struct_sheet_range.sheet_id 
_struct_sheet_range.id 
_struct_sheet_range.beg_label_comp_id 
_struct_sheet_range.beg_label_asym_id 
_struct_sheet_range.beg_label_seq_id 
_struct_sheet_range.pdbx_beg_PDB_ins_code 
_struct_sheet_range.end_label_comp_id 
_struct_sheet_range.end_label_asym_id 
_struct_sheet_range.end_label_seq_id 
_struct_sheet_range.pdbx_end_PDB_ins_code 
_struct_sheet_range.beg_auth_comp_id 
_struct_sheet_range.beg_auth_asym_id 
_struct_sheet_range.beg_auth_seq_id 
_struct_sheet_range.end_auth_comp_id 
_struct_sheet_range.end_auth_asym_id 
_struct_sheet_range.end_auth_seq_id 
AA1 1  ASN A 80  ? ILE A 86  ? ASN A 59  ILE A 65  
AA1 2  VAL A 69  ? GLU A 75  ? VAL A 48  GLU A 54  
AA1 3  ASN A 60  ? ASN A 66  ? ASN A 39  ASN A 45  
AA1 4  GLY A 27  ? GLU A 35  ? GLY A 6   GLU A 14  
AA1 5  VAL A 143 ? ARG A 151 ? VAL A 122 ARG A 130 
AA1 6  LYS A 133 ? MET A 140 ? LYS A 112 MET A 119 
AA1 7  LYS A 121 ? GLU A 130 ? LYS A 100 GLU A 109 
AA1 8  VAL A 111 ? TRP A 118 ? VAL A 90  TRP A 97  
AA1 9  LYS A 100 ? ASP A 108 ? LYS A 79  ASP A 87  
AA1 10 PHE A 91  ? VAL A 94  ? PHE A 70  VAL A 73  
# 
loop_
_pdbx_struct_sheet_hbond.sheet_id 
_pdbx_struct_sheet_hbond.range_id_1 
_pdbx_struct_sheet_hbond.range_id_2 
_pdbx_struct_sheet_hbond.range_1_label_atom_id 
_pdbx_struct_sheet_hbond.range_1_label_comp_id 
_pdbx_struct_sheet_hbond.range_1_label_asym_id 
_pdbx_struct_sheet_hbond.range_1_label_seq_id 
_pdbx_struct_sheet_hbond.range_1_PDB_ins_code 
_pdbx_struct_sheet_hbond.range_1_auth_atom_id 
_pdbx_struct_sheet_hbond.range_1_auth_comp_id 
_pdbx_struct_sheet_hbond.range_1_auth_asym_id 
_pdbx_struct_sheet_hbond.range_1_auth_seq_id 
_pdbx_struct_sheet_hbond.range_2_label_atom_id 
_pdbx_struct_sheet_hbond.range_2_label_comp_id 
_pdbx_struct_sheet_hbond.range_2_label_asym_id 
_pdbx_struct_sheet_hbond.range_2_label_seq_id 
_pdbx_struct_sheet_hbond.range_2_PDB_ins_code 
_pdbx_struct_sheet_hbond.range_2_auth_atom_id 
_pdbx_struct_sheet_hbond.range_2_auth_comp_id 
_pdbx_struct_sheet_hbond.range_2_auth_asym_id 
_pdbx_struct_sheet_hbond.range_2_auth_seq_id 
AA1 1 2  O PHE A 85  ? O PHE A 64  N ILE A 70  ? N ILE A 49  
AA1 2 3  O THR A 71  ? O THR A 50  N SER A 64  ? N SER A 43  
AA1 3 4  O MET A 61  ? O MET A 40  N TRP A 29  ? N TRP A 8   
AA1 4 5  N VAL A 32  ? N VAL A 11  O VAL A 148 ? O VAL A 127 
AA1 5 6  O ARG A 147 ? O ARG A 126 N VAL A 136 ? N VAL A 115 
AA1 6 7  O VAL A 135 ? O VAL A 114 N LYS A 128 ? N LYS A 107 
AA1 7 8  O LYS A 121 ? O LYS A 100 N TRP A 118 ? N TRP A 97  
AA1 8 9  O VAL A 113 ? O VAL A 92  N THR A 106 ? N THR A 85  
AA1 9 10 O SER A 103 ? O SER A 82  N PHE A 91  ? N PHE A 70  
# 
loop_
_pdbx_validate_torsion.id 
_pdbx_validate_torsion.PDB_model_num 
_pdbx_validate_torsion.auth_comp_id 
_pdbx_validate_torsion.auth_asym_id 
_pdbx_validate_torsion.auth_seq_id 
_pdbx_validate_torsion.PDB_ins_code 
_pdbx_validate_torsion.label_alt_id 
_pdbx_validate_torsion.phi 
_pdbx_validate_torsion.psi 
1 1 ASP A 110 ? ? 54.78 -130.59 
2 1 LYS A 120 ? ? 56.60 -122.88 
# 
_pdbx_entry_details.entry_id                 8WE3 
_pdbx_entry_details.has_ligand_of_interest   Y 
_pdbx_entry_details.compound_details         ? 
_pdbx_entry_details.source_details           ? 
_pdbx_entry_details.nonpolymer_details       ? 
_pdbx_entry_details.sequence_details         ? 
# 
loop_
_pdbx_unobs_or_zero_occ_residues.id 
_pdbx_unobs_or_zero_occ_residues.PDB_model_num 
_pdbx_unobs_or_zero_occ_residues.polymer_flag 
_pdbx_unobs_or_zero_occ_residues.occupancy_flag 
_pdbx_unobs_or_zero_occ_residues.auth_asym_id 
_pdbx_unobs_or_zero_occ_residues.auth_comp_id 
_pdbx_unobs_or_zero_occ_residues.auth_seq_id 
_pdbx_unobs_or_zero_occ_residues.PDB_ins_code 
_pdbx_unobs_or_zero_occ_residues.label_asym_id 
_pdbx_unobs_or_zero_occ_residues.label_comp_id 
_pdbx_unobs_or_zero_occ_residues.label_seq_id 
1  1 Y 1 A MET -20 ? A MET 1  
2  1 Y 1 A GLY -19 ? A GLY 2  
3  1 Y 1 A SER -18 ? A SER 3  
4  1 Y 1 A SER -17 ? A SER 4  
5  1 Y 1 A HIS -16 ? A HIS 5  
6  1 Y 1 A HIS -15 ? A HIS 6  
7  1 Y 1 A HIS -14 ? A HIS 7  
8  1 Y 1 A HIS -13 ? A HIS 8  
9  1 Y 1 A HIS -12 ? A HIS 9  
10 1 Y 1 A HIS -11 ? A HIS 10 
11 1 Y 1 A SER -10 ? A SER 11 
12 1 Y 1 A SER -9  ? A SER 12 
13 1 Y 1 A GLY -8  ? A GLY 13 
14 1 Y 1 A LEU -7  ? A LEU 14 
15 1 Y 1 A VAL -6  ? A VAL 15 
16 1 Y 1 A PRO -5  ? A PRO 16 
# 
loop_
_chem_comp_atom.comp_id 
_chem_comp_atom.atom_id 
_chem_comp_atom.type_symbol 
_chem_comp_atom.pdbx_aromatic_flag 
_chem_comp_atom.pdbx_stereo_config 
_chem_comp_atom.pdbx_ordinal 
ALA N    N  N N 1   
ALA CA   C  N S 2   
ALA C    C  N N 3   
ALA O    O  N N 4   
ALA CB   C  N N 5   
ALA OXT  O  N N 6   
ALA H    H  N N 7   
ALA H2   H  N N 8   
ALA HA   H  N N 9   
ALA HB1  H  N N 10  
ALA HB2  H  N N 11  
ALA HB3  H  N N 12  
ALA HXT  H  N N 13  
ARG N    N  N N 14  
ARG CA   C  N S 15  
ARG C    C  N N 16  
ARG O    O  N N 17  
ARG CB   C  N N 18  
ARG CG   C  N N 19  
ARG CD   C  N N 20  
ARG NE   N  N N 21  
ARG CZ   C  N N 22  
ARG NH1  N  N N 23  
ARG NH2  N  N N 24  
ARG OXT  O  N N 25  
ARG H    H  N N 26  
ARG H2   H  N N 27  
ARG HA   H  N N 28  
ARG HB2  H  N N 29  
ARG HB3  H  N N 30  
ARG HG2  H  N N 31  
ARG HG3  H  N N 32  
ARG HD2  H  N N 33  
ARG HD3  H  N N 34  
ARG HE   H  N N 35  
ARG HH11 H  N N 36  
ARG HH12 H  N N 37  
ARG HH21 H  N N 38  
ARG HH22 H  N N 39  
ARG HXT  H  N N 40  
ASN N    N  N N 41  
ASN CA   C  N S 42  
ASN C    C  N N 43  
ASN O    O  N N 44  
ASN CB   C  N N 45  
ASN CG   C  N N 46  
ASN OD1  O  N N 47  
ASN ND2  N  N N 48  
ASN OXT  O  N N 49  
ASN H    H  N N 50  
ASN H2   H  N N 51  
ASN HA   H  N N 52  
ASN HB2  H  N N 53  
ASN HB3  H  N N 54  
ASN HD21 H  N N 55  
ASN HD22 H  N N 56  
ASN HXT  H  N N 57  
ASP N    N  N N 58  
ASP CA   C  N S 59  
ASP C    C  N N 60  
ASP O    O  N N 61  
ASP CB   C  N N 62  
ASP CG   C  N N 63  
ASP OD1  O  N N 64  
ASP OD2  O  N N 65  
ASP OXT  O  N N 66  
ASP H    H  N N 67  
ASP H2   H  N N 68  
ASP HA   H  N N 69  
ASP HB2  H  N N 70  
ASP HB3  H  N N 71  
ASP HD2  H  N N 72  
ASP HXT  H  N N 73  
CYS N    N  N N 74  
CYS CA   C  N R 75  
CYS C    C  N N 76  
CYS O    O  N N 77  
CYS CB   C  N N 78  
CYS SG   S  N N 79  
CYS OXT  O  N N 80  
CYS H    H  N N 81  
CYS H2   H  N N 82  
CYS HA   H  N N 83  
CYS HB2  H  N N 84  
CYS HB3  H  N N 85  
CYS HG   H  N N 86  
CYS HXT  H  N N 87  
GLN N    N  N N 88  
GLN CA   C  N S 89  
GLN C    C  N N 90  
GLN O    O  N N 91  
GLN CB   C  N N 92  
GLN CG   C  N N 93  
GLN CD   C  N N 94  
GLN OE1  O  N N 95  
GLN NE2  N  N N 96  
GLN OXT  O  N N 97  
GLN H    H  N N 98  
GLN H2   H  N N 99  
GLN HA   H  N N 100 
GLN HB2  H  N N 101 
GLN HB3  H  N N 102 
GLN HG2  H  N N 103 
GLN HG3  H  N N 104 
GLN HE21 H  N N 105 
GLN HE22 H  N N 106 
GLN HXT  H  N N 107 
GLU N    N  N N 108 
GLU CA   C  N S 109 
GLU C    C  N N 110 
GLU O    O  N N 111 
GLU CB   C  N N 112 
GLU CG   C  N N 113 
GLU CD   C  N N 114 
GLU OE1  O  N N 115 
GLU OE2  O  N N 116 
GLU OXT  O  N N 117 
GLU H    H  N N 118 
GLU H2   H  N N 119 
GLU HA   H  N N 120 
GLU HB2  H  N N 121 
GLU HB3  H  N N 122 
GLU HG2  H  N N 123 
GLU HG3  H  N N 124 
GLU HE2  H  N N 125 
GLU HXT  H  N N 126 
GLY N    N  N N 127 
GLY CA   C  N N 128 
GLY C    C  N N 129 
GLY O    O  N N 130 
GLY OXT  O  N N 131 
GLY H    H  N N 132 
GLY H2   H  N N 133 
GLY HA2  H  N N 134 
GLY HA3  H  N N 135 
GLY HXT  H  N N 136 
HIS N    N  N N 137 
HIS CA   C  N S 138 
HIS C    C  N N 139 
HIS O    O  N N 140 
HIS CB   C  N N 141 
HIS CG   C  Y N 142 
HIS ND1  N  Y N 143 
HIS CD2  C  Y N 144 
HIS CE1  C  Y N 145 
HIS NE2  N  Y N 146 
HIS OXT  O  N N 147 
HIS H    H  N N 148 
HIS H2   H  N N 149 
HIS HA   H  N N 150 
HIS HB2  H  N N 151 
HIS HB3  H  N N 152 
HIS HD1  H  N N 153 
HIS HD2  H  N N 154 
HIS HE1  H  N N 155 
HIS HE2  H  N N 156 
HIS HXT  H  N N 157 
HOH O    O  N N 158 
HOH H1   H  N N 159 
HOH H2   H  N N 160 
ILE N    N  N N 161 
ILE CA   C  N S 162 
ILE C    C  N N 163 
ILE O    O  N N 164 
ILE CB   C  N S 165 
ILE CG1  C  N N 166 
ILE CG2  C  N N 167 
ILE CD1  C  N N 168 
ILE OXT  O  N N 169 
ILE H    H  N N 170 
ILE H2   H  N N 171 
ILE HA   H  N N 172 
ILE HB   H  N N 173 
ILE HG12 H  N N 174 
ILE HG13 H  N N 175 
ILE HG21 H  N N 176 
ILE HG22 H  N N 177 
ILE HG23 H  N N 178 
ILE HD11 H  N N 179 
ILE HD12 H  N N 180 
ILE HD13 H  N N 181 
ILE HXT  H  N N 182 
LEU N    N  N N 183 
LEU CA   C  N S 184 
LEU C    C  N N 185 
LEU O    O  N N 186 
LEU CB   C  N N 187 
LEU CG   C  N N 188 
LEU CD1  C  N N 189 
LEU CD2  C  N N 190 
LEU OXT  O  N N 191 
LEU H    H  N N 192 
LEU H2   H  N N 193 
LEU HA   H  N N 194 
LEU HB2  H  N N 195 
LEU HB3  H  N N 196 
LEU HG   H  N N 197 
LEU HD11 H  N N 198 
LEU HD12 H  N N 199 
LEU HD13 H  N N 200 
LEU HD21 H  N N 201 
LEU HD22 H  N N 202 
LEU HD23 H  N N 203 
LEU HXT  H  N N 204 
LYS N    N  N N 205 
LYS CA   C  N S 206 
LYS C    C  N N 207 
LYS O    O  N N 208 
LYS CB   C  N N 209 
LYS CG   C  N N 210 
LYS CD   C  N N 211 
LYS CE   C  N N 212 
LYS NZ   N  N N 213 
LYS OXT  O  N N 214 
LYS H    H  N N 215 
LYS H2   H  N N 216 
LYS HA   H  N N 217 
LYS HB2  H  N N 218 
LYS HB3  H  N N 219 
LYS HG2  H  N N 220 
LYS HG3  H  N N 221 
LYS HD2  H  N N 222 
LYS HD3  H  N N 223 
LYS HE2  H  N N 224 
LYS HE3  H  N N 225 
LYS HZ1  H  N N 226 
LYS HZ2  H  N N 227 
LYS HZ3  H  N N 228 
LYS HXT  H  N N 229 
MET N    N  N N 230 
MET CA   C  N S 231 
MET C    C  N N 232 
MET O    O  N N 233 
MET CB   C  N N 234 
MET CG   C  N N 235 
MET SD   S  N N 236 
MET CE   C  N N 237 
MET OXT  O  N N 238 
MET H    H  N N 239 
MET H2   H  N N 240 
MET HA   H  N N 241 
MET HB2  H  N N 242 
MET HB3  H  N N 243 
MET HG2  H  N N 244 
MET HG3  H  N N 245 
MET HE1  H  N N 246 
MET HE2  H  N N 247 
MET HE3  H  N N 248 
MET HXT  H  N N 249 
PHE N    N  N N 250 
PHE CA   C  N S 251 
PHE C    C  N N 252 
PHE O    O  N N 253 
PHE CB   C  N N 254 
PHE CG   C  Y N 255 
PHE CD1  C  Y N 256 
PHE CD2  C  Y N 257 
PHE CE1  C  Y N 258 
PHE CE2  C  Y N 259 
PHE CZ   C  Y N 260 
PHE OXT  O  N N 261 
PHE H    H  N N 262 
PHE H2   H  N N 263 
PHE HA   H  N N 264 
PHE HB2  H  N N 265 
PHE HB3  H  N N 266 
PHE HD1  H  N N 267 
PHE HD2  H  N N 268 
PHE HE1  H  N N 269 
PHE HE2  H  N N 270 
PHE HZ   H  N N 271 
PHE HXT  H  N N 272 
PRO N    N  N N 273 
PRO CA   C  N S 274 
PRO C    C  N N 275 
PRO O    O  N N 276 
PRO CB   C  N N 277 
PRO CG   C  N N 278 
PRO CD   C  N N 279 
PRO OXT  O  N N 280 
PRO H    H  N N 281 
PRO HA   H  N N 282 
PRO HB2  H  N N 283 
PRO HB3  H  N N 284 
PRO HG2  H  N N 285 
PRO HG3  H  N N 286 
PRO HD2  H  N N 287 
PRO HD3  H  N N 288 
PRO HXT  H  N N 289 
SER N    N  N N 290 
SER CA   C  N S 291 
SER C    C  N N 292 
SER O    O  N N 293 
SER CB   C  N N 294 
SER OG   O  N N 295 
SER OXT  O  N N 296 
SER H    H  N N 297 
SER H2   H  N N 298 
SER HA   H  N N 299 
SER HB2  H  N N 300 
SER HB3  H  N N 301 
SER HG   H  N N 302 
SER HXT  H  N N 303 
THR N    N  N N 304 
THR CA   C  N S 305 
THR C    C  N N 306 
THR O    O  N N 307 
THR CB   C  N R 308 
THR OG1  O  N N 309 
THR CG2  C  N N 310 
THR OXT  O  N N 311 
THR H    H  N N 312 
THR H2   H  N N 313 
THR HA   H  N N 314 
THR HB   H  N N 315 
THR HG1  H  N N 316 
THR HG21 H  N N 317 
THR HG22 H  N N 318 
THR HG23 H  N N 319 
THR HXT  H  N N 320 
TRP N    N  N N 321 
TRP CA   C  N S 322 
TRP C    C  N N 323 
TRP O    O  N N 324 
TRP CB   C  N N 325 
TRP CG   C  Y N 326 
TRP CD1  C  Y N 327 
TRP CD2  C  Y N 328 
TRP NE1  N  Y N 329 
TRP CE2  C  Y N 330 
TRP CE3  C  Y N 331 
TRP CZ2  C  Y N 332 
TRP CZ3  C  Y N 333 
TRP CH2  C  Y N 334 
TRP OXT  O  N N 335 
TRP H    H  N N 336 
TRP H2   H  N N 337 
TRP HA   H  N N 338 
TRP HB2  H  N N 339 
TRP HB3  H  N N 340 
TRP HD1  H  N N 341 
TRP HE1  H  N N 342 
TRP HE3  H  N N 343 
TRP HZ2  H  N N 344 
TRP HZ3  H  N N 345 
TRP HH2  H  N N 346 
TRP HXT  H  N N 347 
TYR N    N  N N 348 
TYR CA   C  N S 349 
TYR C    C  N N 350 
TYR O    O  N N 351 
TYR CB   C  N N 352 
TYR CG   C  Y N 353 
TYR CD1  C  Y N 354 
TYR CD2  C  Y N 355 
TYR CE1  C  Y N 356 
TYR CE2  C  Y N 357 
TYR CZ   C  Y N 358 
TYR OH   O  N N 359 
TYR OXT  O  N N 360 
TYR H    H  N N 361 
TYR H2   H  N N 362 
TYR HA   H  N N 363 
TYR HB2  H  N N 364 
TYR HB3  H  N N 365 
TYR HD1  H  N N 366 
TYR HD2  H  N N 367 
TYR HE1  H  N N 368 
TYR HE2  H  N N 369 
TYR HH   H  N N 370 
TYR HXT  H  N N 371 
VAL N    N  N N 372 
VAL CA   C  N S 373 
VAL C    C  N N 374 
VAL O    O  N N 375 
VAL CB   C  N N 376 
VAL CG1  C  N N 377 
VAL CG2  C  N N 378 
VAL OXT  O  N N 379 
VAL H    H  N N 380 
VAL H2   H  N N 381 
VAL HA   H  N N 382 
VAL HB   H  N N 383 
VAL HG11 H  N N 384 
VAL HG12 H  N N 385 
VAL HG13 H  N N 386 
VAL HG21 H  N N 387 
VAL HG22 H  N N 388 
VAL HG23 H  N N 389 
VAL HXT  H  N N 390 
W6B N1   N  N N 391 
W6B C4   C  Y N 392 
W6B C5   C  Y N 393 
W6B C6   C  Y N 394 
W6B C7   C  N N 395 
W6B C8   C  Y N 396 
W6B C10  C  Y N 397 
W6B C13  C  Y N 398 
W6B C15  C  Y N 399 
W6B C17  C  Y N 400 
W6B C1   C  Y N 401 
W6B C11  C  Y N 402 
W6B C12  C  Y N 403 
W6B C14  C  Y N 404 
W6B C16  C  Y N 405 
W6B C18  C  Y N 406 
W6B C19  C  Y N 407 
W6B C2   C  Y N 408 
W6B C3   C  Y N 409 
W6B C9   C  Y N 410 
W6B F1   F  N N 411 
W6B O1   O  N N 412 
W6B O2   O  N N 413 
W6B CL1  CL N N 414 
W6B H1   H  N N 415 
W6B H2   H  N N 416 
W6B H3   H  N N 417 
W6B H4   H  N N 418 
W6B H5   H  N N 419 
W6B H6   H  N N 420 
W6B H7   H  N N 421 
W6B H8   H  N N 422 
W6B H9   H  N N 423 
W6B H10  H  N N 424 
W6B H11  H  N N 425 
W6B H12  H  N N 426 
W6B H13  H  N N 427 
# 
loop_
_chem_comp_bond.comp_id 
_chem_comp_bond.atom_id_1 
_chem_comp_bond.atom_id_2 
_chem_comp_bond.value_order 
_chem_comp_bond.pdbx_aromatic_flag 
_chem_comp_bond.pdbx_stereo_config 
_chem_comp_bond.pdbx_ordinal 
ALA N   CA   sing N N 1   
ALA N   H    sing N N 2   
ALA N   H2   sing N N 3   
ALA CA  C    sing N N 4   
ALA CA  CB   sing N N 5   
ALA CA  HA   sing N N 6   
ALA C   O    doub N N 7   
ALA C   OXT  sing N N 8   
ALA CB  HB1  sing N N 9   
ALA CB  HB2  sing N N 10  
ALA CB  HB3  sing N N 11  
ALA OXT HXT  sing N N 12  
ARG N   CA   sing N N 13  
ARG N   H    sing N N 14  
ARG N   H2   sing N N 15  
ARG CA  C    sing N N 16  
ARG CA  CB   sing N N 17  
ARG CA  HA   sing N N 18  
ARG C   O    doub N N 19  
ARG C   OXT  sing N N 20  
ARG CB  CG   sing N N 21  
ARG CB  HB2  sing N N 22  
ARG CB  HB3  sing N N 23  
ARG CG  CD   sing N N 24  
ARG CG  HG2  sing N N 25  
ARG CG  HG3  sing N N 26  
ARG CD  NE   sing N N 27  
ARG CD  HD2  sing N N 28  
ARG CD  HD3  sing N N 29  
ARG NE  CZ   sing N N 30  
ARG NE  HE   sing N N 31  
ARG CZ  NH1  sing N N 32  
ARG CZ  NH2  doub N N 33  
ARG NH1 HH11 sing N N 34  
ARG NH1 HH12 sing N N 35  
ARG NH2 HH21 sing N N 36  
ARG NH2 HH22 sing N N 37  
ARG OXT HXT  sing N N 38  
ASN N   CA   sing N N 39  
ASN N   H    sing N N 40  
ASN N   H2   sing N N 41  
ASN CA  C    sing N N 42  
ASN CA  CB   sing N N 43  
ASN CA  HA   sing N N 44  
ASN C   O    doub N N 45  
ASN C   OXT  sing N N 46  
ASN CB  CG   sing N N 47  
ASN CB  HB2  sing N N 48  
ASN CB  HB3  sing N N 49  
ASN CG  OD1  doub N N 50  
ASN CG  ND2  sing N N 51  
ASN ND2 HD21 sing N N 52  
ASN ND2 HD22 sing N N 53  
ASN OXT HXT  sing N N 54  
ASP N   CA   sing N N 55  
ASP N   H    sing N N 56  
ASP N   H2   sing N N 57  
ASP CA  C    sing N N 58  
ASP CA  CB   sing N N 59  
ASP CA  HA   sing N N 60  
ASP C   O    doub N N 61  
ASP C   OXT  sing N N 62  
ASP CB  CG   sing N N 63  
ASP CB  HB2  sing N N 64  
ASP CB  HB3  sing N N 65  
ASP CG  OD1  doub N N 66  
ASP CG  OD2  sing N N 67  
ASP OD2 HD2  sing N N 68  
ASP OXT HXT  sing N N 69  
CYS N   CA   sing N N 70  
CYS N   H    sing N N 71  
CYS N   H2   sing N N 72  
CYS CA  C    sing N N 73  
CYS CA  CB   sing N N 74  
CYS CA  HA   sing N N 75  
CYS C   O    doub N N 76  
CYS C   OXT  sing N N 77  
CYS CB  SG   sing N N 78  
CYS CB  HB2  sing N N 79  
CYS CB  HB3  sing N N 80  
CYS SG  HG   sing N N 81  
CYS OXT HXT  sing N N 82  
GLN N   CA   sing N N 83  
GLN N   H    sing N N 84  
GLN N   H2   sing N N 85  
GLN CA  C    sing N N 86  
GLN CA  CB   sing N N 87  
GLN CA  HA   sing N N 88  
GLN C   O    doub N N 89  
GLN C   OXT  sing N N 90  
GLN CB  CG   sing N N 91  
GLN CB  HB2  sing N N 92  
GLN CB  HB3  sing N N 93  
GLN CG  CD   sing N N 94  
GLN CG  HG2  sing N N 95  
GLN CG  HG3  sing N N 96  
GLN CD  OE1  doub N N 97  
GLN CD  NE2  sing N N 98  
GLN NE2 HE21 sing N N 99  
GLN NE2 HE22 sing N N 100 
GLN OXT HXT  sing N N 101 
GLU N   CA   sing N N 102 
GLU N   H    sing N N 103 
GLU N   H2   sing N N 104 
GLU CA  C    sing N N 105 
GLU CA  CB   sing N N 106 
GLU CA  HA   sing N N 107 
GLU C   O    doub N N 108 
GLU C   OXT  sing N N 109 
GLU CB  CG   sing N N 110 
GLU CB  HB2  sing N N 111 
GLU CB  HB3  sing N N 112 
GLU CG  CD   sing N N 113 
GLU CG  HG2  sing N N 114 
GLU CG  HG3  sing N N 115 
GLU CD  OE1  doub N N 116 
GLU CD  OE2  sing N N 117 
GLU OE2 HE2  sing N N 118 
GLU OXT HXT  sing N N 119 
GLY N   CA   sing N N 120 
GLY N   H    sing N N 121 
GLY N   H2   sing N N 122 
GLY CA  C    sing N N 123 
GLY CA  HA2  sing N N 124 
GLY CA  HA3  sing N N 125 
GLY C   O    doub N N 126 
GLY C   OXT  sing N N 127 
GLY OXT HXT  sing N N 128 
HIS N   CA   sing N N 129 
HIS N   H    sing N N 130 
HIS N   H2   sing N N 131 
HIS CA  C    sing N N 132 
HIS CA  CB   sing N N 133 
HIS CA  HA   sing N N 134 
HIS C   O    doub N N 135 
HIS C   OXT  sing N N 136 
HIS CB  CG   sing N N 137 
HIS CB  HB2  sing N N 138 
HIS CB  HB3  sing N N 139 
HIS CG  ND1  sing Y N 140 
HIS CG  CD2  doub Y N 141 
HIS ND1 CE1  doub Y N 142 
HIS ND1 HD1  sing N N 143 
HIS CD2 NE2  sing Y N 144 
HIS CD2 HD2  sing N N 145 
HIS CE1 NE2  sing Y N 146 
HIS CE1 HE1  sing N N 147 
HIS NE2 HE2  sing N N 148 
HIS OXT HXT  sing N N 149 
HOH O   H1   sing N N 150 
HOH O   H2   sing N N 151 
ILE N   CA   sing N N 152 
ILE N   H    sing N N 153 
ILE N   H2   sing N N 154 
ILE CA  C    sing N N 155 
ILE CA  CB   sing N N 156 
ILE CA  HA   sing N N 157 
ILE C   O    doub N N 158 
ILE C   OXT  sing N N 159 
ILE CB  CG1  sing N N 160 
ILE CB  CG2  sing N N 161 
ILE CB  HB   sing N N 162 
ILE CG1 CD1  sing N N 163 
ILE CG1 HG12 sing N N 164 
ILE CG1 HG13 sing N N 165 
ILE CG2 HG21 sing N N 166 
ILE CG2 HG22 sing N N 167 
ILE CG2 HG23 sing N N 168 
ILE CD1 HD11 sing N N 169 
ILE CD1 HD12 sing N N 170 
ILE CD1 HD13 sing N N 171 
ILE OXT HXT  sing N N 172 
LEU N   CA   sing N N 173 
LEU N   H    sing N N 174 
LEU N   H2   sing N N 175 
LEU CA  C    sing N N 176 
LEU CA  CB   sing N N 177 
LEU CA  HA   sing N N 178 
LEU C   O    doub N N 179 
LEU C   OXT  sing N N 180 
LEU CB  CG   sing N N 181 
LEU CB  HB2  sing N N 182 
LEU CB  HB3  sing N N 183 
LEU CG  CD1  sing N N 184 
LEU CG  CD2  sing N N 185 
LEU CG  HG   sing N N 186 
LEU CD1 HD11 sing N N 187 
LEU CD1 HD12 sing N N 188 
LEU CD1 HD13 sing N N 189 
LEU CD2 HD21 sing N N 190 
LEU CD2 HD22 sing N N 191 
LEU CD2 HD23 sing N N 192 
LEU OXT HXT  sing N N 193 
LYS N   CA   sing N N 194 
LYS N   H    sing N N 195 
LYS N   H2   sing N N 196 
LYS CA  C    sing N N 197 
LYS CA  CB   sing N N 198 
LYS CA  HA   sing N N 199 
LYS C   O    doub N N 200 
LYS C   OXT  sing N N 201 
LYS CB  CG   sing N N 202 
LYS CB  HB2  sing N N 203 
LYS CB  HB3  sing N N 204 
LYS CG  CD   sing N N 205 
LYS CG  HG2  sing N N 206 
LYS CG  HG3  sing N N 207 
LYS CD  CE   sing N N 208 
LYS CD  HD2  sing N N 209 
LYS CD  HD3  sing N N 210 
LYS CE  NZ   sing N N 211 
LYS CE  HE2  sing N N 212 
LYS CE  HE3  sing N N 213 
LYS NZ  HZ1  sing N N 214 
LYS NZ  HZ2  sing N N 215 
LYS NZ  HZ3  sing N N 216 
LYS OXT HXT  sing N N 217 
MET N   CA   sing N N 218 
MET N   H    sing N N 219 
MET N   H2   sing N N 220 
MET CA  C    sing N N 221 
MET CA  CB   sing N N 222 
MET CA  HA   sing N N 223 
MET C   O    doub N N 224 
MET C   OXT  sing N N 225 
MET CB  CG   sing N N 226 
MET CB  HB2  sing N N 227 
MET CB  HB3  sing N N 228 
MET CG  SD   sing N N 229 
MET CG  HG2  sing N N 230 
MET CG  HG3  sing N N 231 
MET SD  CE   sing N N 232 
MET CE  HE1  sing N N 233 
MET CE  HE2  sing N N 234 
MET CE  HE3  sing N N 235 
MET OXT HXT  sing N N 236 
PHE N   CA   sing N N 237 
PHE N   H    sing N N 238 
PHE N   H2   sing N N 239 
PHE CA  C    sing N N 240 
PHE CA  CB   sing N N 241 
PHE CA  HA   sing N N 242 
PHE C   O    doub N N 243 
PHE C   OXT  sing N N 244 
PHE CB  CG   sing N N 245 
PHE CB  HB2  sing N N 246 
PHE CB  HB3  sing N N 247 
PHE CG  CD1  doub Y N 248 
PHE CG  CD2  sing Y N 249 
PHE CD1 CE1  sing Y N 250 
PHE CD1 HD1  sing N N 251 
PHE CD2 CE2  doub Y N 252 
PHE CD2 HD2  sing N N 253 
PHE CE1 CZ   doub Y N 254 
PHE CE1 HE1  sing N N 255 
PHE CE2 CZ   sing Y N 256 
PHE CE2 HE2  sing N N 257 
PHE CZ  HZ   sing N N 258 
PHE OXT HXT  sing N N 259 
PRO N   CA   sing N N 260 
PRO N   CD   sing N N 261 
PRO N   H    sing N N 262 
PRO CA  C    sing N N 263 
PRO CA  CB   sing N N 264 
PRO CA  HA   sing N N 265 
PRO C   O    doub N N 266 
PRO C   OXT  sing N N 267 
PRO CB  CG   sing N N 268 
PRO CB  HB2  sing N N 269 
PRO CB  HB3  sing N N 270 
PRO CG  CD   sing N N 271 
PRO CG  HG2  sing N N 272 
PRO CG  HG3  sing N N 273 
PRO CD  HD2  sing N N 274 
PRO CD  HD3  sing N N 275 
PRO OXT HXT  sing N N 276 
SER N   CA   sing N N 277 
SER N   H    sing N N 278 
SER N   H2   sing N N 279 
SER CA  C    sing N N 280 
SER CA  CB   sing N N 281 
SER CA  HA   sing N N 282 
SER C   O    doub N N 283 
SER C   OXT  sing N N 284 
SER CB  OG   sing N N 285 
SER CB  HB2  sing N N 286 
SER CB  HB3  sing N N 287 
SER OG  HG   sing N N 288 
SER OXT HXT  sing N N 289 
THR N   CA   sing N N 290 
THR N   H    sing N N 291 
THR N   H2   sing N N 292 
THR CA  C    sing N N 293 
THR CA  CB   sing N N 294 
THR CA  HA   sing N N 295 
THR C   O    doub N N 296 
THR C   OXT  sing N N 297 
THR CB  OG1  sing N N 298 
THR CB  CG2  sing N N 299 
THR CB  HB   sing N N 300 
THR OG1 HG1  sing N N 301 
THR CG2 HG21 sing N N 302 
THR CG2 HG22 sing N N 303 
THR CG2 HG23 sing N N 304 
THR OXT HXT  sing N N 305 
TRP N   CA   sing N N 306 
TRP N   H    sing N N 307 
TRP N   H2   sing N N 308 
TRP CA  C    sing N N 309 
TRP CA  CB   sing N N 310 
TRP CA  HA   sing N N 311 
TRP C   O    doub N N 312 
TRP C   OXT  sing N N 313 
TRP CB  CG   sing N N 314 
TRP CB  HB2  sing N N 315 
TRP CB  HB3  sing N N 316 
TRP CG  CD1  doub Y N 317 
TRP CG  CD2  sing Y N 318 
TRP CD1 NE1  sing Y N 319 
TRP CD1 HD1  sing N N 320 
TRP CD2 CE2  doub Y N 321 
TRP CD2 CE3  sing Y N 322 
TRP NE1 CE2  sing Y N 323 
TRP NE1 HE1  sing N N 324 
TRP CE2 CZ2  sing Y N 325 
TRP CE3 CZ3  doub Y N 326 
TRP CE3 HE3  sing N N 327 
TRP CZ2 CH2  doub Y N 328 
TRP CZ2 HZ2  sing N N 329 
TRP CZ3 CH2  sing Y N 330 
TRP CZ3 HZ3  sing N N 331 
TRP CH2 HH2  sing N N 332 
TRP OXT HXT  sing N N 333 
TYR N   CA   sing N N 334 
TYR N   H    sing N N 335 
TYR N   H2   sing N N 336 
TYR CA  C    sing N N 337 
TYR CA  CB   sing N N 338 
TYR CA  HA   sing N N 339 
TYR C   O    doub N N 340 
TYR C   OXT  sing N N 341 
TYR CB  CG   sing N N 342 
TYR CB  HB2  sing N N 343 
TYR CB  HB3  sing N N 344 
TYR CG  CD1  doub Y N 345 
TYR CG  CD2  sing Y N 346 
TYR CD1 CE1  sing Y N 347 
TYR CD1 HD1  sing N N 348 
TYR CD2 CE2  doub Y N 349 
TYR CD2 HD2  sing N N 350 
TYR CE1 CZ   doub Y N 351 
TYR CE1 HE1  sing N N 352 
TYR CE2 CZ   sing Y N 353 
TYR CE2 HE2  sing N N 354 
TYR CZ  OH   sing N N 355 
TYR OH  HH   sing N N 356 
TYR OXT HXT  sing N N 357 
VAL N   CA   sing N N 358 
VAL N   H    sing N N 359 
VAL N   H2   sing N N 360 
VAL CA  C    sing N N 361 
VAL CA  CB   sing N N 362 
VAL CA  HA   sing N N 363 
VAL C   O    doub N N 364 
VAL C   OXT  sing N N 365 
VAL CB  CG1  sing N N 366 
VAL CB  CG2  sing N N 367 
VAL CB  HB   sing N N 368 
VAL CG1 HG11 sing N N 369 
VAL CG1 HG12 sing N N 370 
VAL CG1 HG13 sing N N 371 
VAL CG2 HG21 sing N N 372 
VAL CG2 HG22 sing N N 373 
VAL CG2 HG23 sing N N 374 
VAL OXT HXT  sing N N 375 
W6B CL1 C12  sing N N 376 
W6B C11 C12  doub Y N 377 
W6B C11 C10  sing Y N 378 
W6B C12 C13  sing Y N 379 
W6B C10 C9   doub Y N 380 
W6B C13 C14  sing N N 381 
W6B C13 C8   doub Y N 382 
W6B C9  C8   sing Y N 383 
W6B C19 C14  doub Y N 384 
W6B C19 C18  sing Y N 385 
W6B C14 C15  sing Y N 386 
W6B C8  N1   sing N N 387 
W6B C18 C17  doub Y N 388 
W6B C15 C16  doub Y N 389 
W6B C17 C16  sing Y N 390 
W6B N1  C6   sing N N 391 
W6B C5  C6   doub Y N 392 
W6B C5  C4   sing Y N 393 
W6B C6  C1   sing Y N 394 
W6B O2  C7   doub N N 395 
W6B C4  C3   doub Y N 396 
W6B C1  C7   sing N N 397 
W6B C1  C2   doub Y N 398 
W6B C7  O1   sing N N 399 
W6B C3  C2   sing Y N 400 
W6B C3  F1   sing N N 401 
W6B N1  H1   sing N N 402 
W6B C4  H2   sing N N 403 
W6B C5  H3   sing N N 404 
W6B C10 H4   sing N N 405 
W6B C15 H5   sing N N 406 
W6B C17 H6   sing N N 407 
W6B C11 H7   sing N N 408 
W6B C16 H8   sing N N 409 
W6B C18 H9   sing N N 410 
W6B C19 H10  sing N N 411 
W6B C2  H11  sing N N 412 
W6B C9  H12  sing N N 413 
W6B O1  H13  sing N N 414 
# 
_pdbx_audit_support.funding_organization   'Not funded' 
_pdbx_audit_support.country                ? 
_pdbx_audit_support.grant_number           ? 
_pdbx_audit_support.ordinal                1 
# 
_pdbx_entity_instance_feature.ordinal        1 
_pdbx_entity_instance_feature.comp_id        W6B 
_pdbx_entity_instance_feature.asym_id        ? 
_pdbx_entity_instance_feature.seq_num        ? 
_pdbx_entity_instance_feature.auth_comp_id   W6B 
_pdbx_entity_instance_feature.auth_asym_id   ? 
_pdbx_entity_instance_feature.auth_seq_num   ? 
_pdbx_entity_instance_feature.feature_type   'SUBJECT OF INVESTIGATION' 
_pdbx_entity_instance_feature.details        ? 
# 
_atom_sites.entry_id                    8WE3 
_atom_sites.Cartn_transf_matrix[1][1]   ? 
_atom_sites.Cartn_transf_matrix[1][2]   ? 
_atom_sites.Cartn_transf_matrix[1][3]   ? 
_atom_sites.Cartn_transf_matrix[2][1]   ? 
_atom_sites.Cartn_transf_matrix[2][2]   ? 
_atom_sites.Cartn_transf_matrix[2][3]   ? 
_atom_sites.Cartn_transf_matrix[3][1]   ? 
_atom_sites.Cartn_transf_matrix[3][2]   ? 
_atom_sites.Cartn_transf_matrix[3][3]   ? 
_atom_sites.Cartn_transf_vector[1]      ? 
_atom_sites.Cartn_transf_vector[2]      ? 
_atom_sites.Cartn_transf_vector[3]      ? 
_atom_sites.Cartn_transform_axes        ? 
_atom_sites.fract_transf_matrix[1][1]   0.02582267 
_atom_sites.fract_transf_matrix[1][2]   0.01652031 
_atom_sites.fract_transf_matrix[1][3]   0.00327053 
_atom_sites.fract_transf_matrix[2][1]   0.00476802 
_atom_sites.fract_transf_matrix[2][2]   -0.00401284 
_atom_sites.fract_transf_matrix[2][3]   -0.01737627 
_atom_sites.fract_transf_matrix[3][1]   -0.00637595 
_atom_sites.fract_transf_matrix[3][2]   0.01080658 
_atom_sites.fract_transf_matrix[3][3]   -0.00424520 
_atom_sites.fract_transf_vector[1]      -0.238516 
_atom_sites.fract_transf_vector[2]      0.185124 
_atom_sites.fract_transf_vector[3]      -0.192633 
_atom_sites.solution_primary            ? 
_atom_sites.solution_secondary          ? 
_atom_sites.solution_hydrogens          ? 
_atom_sites.special_details             ? 
# 
loop_
_atom_type.symbol 
C  
CL 
F  
N  
O  
S  
# 
loop_
_atom_site.group_PDB 
_atom_site.id 
_atom_site.type_symbol 
_atom_site.label_atom_id 
_atom_site.label_alt_id 
_atom_site.label_comp_id 
_atom_site.label_asym_id 
_atom_site.label_entity_id 
_atom_site.label_seq_id 
_atom_site.pdbx_PDB_ins_code 
_atom_site.Cartn_x 
_atom_site.Cartn_y 
_atom_site.Cartn_z 
_atom_site.occupancy 
_atom_site.B_iso_or_equiv 
_atom_site.pdbx_formal_charge 
_atom_site.auth_seq_id 
_atom_site.auth_comp_id 
_atom_site.auth_asym_id 
_atom_site.auth_atom_id 
_atom_site.pdbx_PDB_model_num 
ATOM   1    N  N   . ARG A 1 17  ? -4.175  16.343  -21.898 1.00 49.35 ?  -4  ARG A N   1 
ATOM   2    C  CA  . ARG A 1 17  ? -4.549  15.197  -21.068 1.00 39.44 ?  -4  ARG A CA  1 
ATOM   3    C  C   . ARG A 1 17  ? -5.414  15.661  -19.908 1.00 43.59 ?  -4  ARG A C   1 
ATOM   4    O  O   . ARG A 1 17  ? -5.047  16.589  -19.181 1.00 52.73 ?  -4  ARG A O   1 
ATOM   5    C  CB  . ARG A 1 17  ? -3.305  14.473  -20.555 1.00 36.27 ?  -4  ARG A CB  1 
ATOM   6    N  N   . GLY A 1 18  ? -6.560  15.008  -19.727 1.00 45.94 ?  -3  GLY A N   1 
ATOM   7    C  CA  . GLY A 1 18  ? -7.573  15.477  -18.810 1.00 26.58 ?  -3  GLY A CA  1 
ATOM   8    C  C   . GLY A 1 18  ? -7.536  14.787  -17.463 1.00 32.15 ?  -3  GLY A C   1 
ATOM   9    O  O   . GLY A 1 18  ? -6.583  14.091  -17.105 1.00 42.23 ?  -3  GLY A O   1 
ATOM   10   N  N   . SER A 1 19  ? -8.613  14.988  -16.707 1.00 28.36 ?  -2  SER A N   1 
ATOM   11   C  CA  . SER A 1 19  ? -8.707  14.452  -15.363 1.00 28.14 ?  -2  SER A CA  1 
ATOM   12   C  C   . SER A 1 19  ? -9.119  12.986  -15.396 1.00 31.52 ?  -2  SER A C   1 
ATOM   13   O  O   . SER A 1 19  ? -9.708  12.500  -16.364 1.00 25.32 ?  -2  SER A O   1 
ATOM   14   C  CB  . SER A 1 19  ? -9.699  15.265  -14.538 1.00 32.46 ?  -2  SER A CB  1 
ATOM   15   O  OG  . SER A 1 19  ? -9.311  16.628  -14.493 1.00 40.71 ?  -2  SER A OG  1 
ATOM   16   N  N   . HIS A 1 20  ? -8.787  12.280  -14.323 1.00 25.32 ?  -1  HIS A N   1 
ATOM   17   C  CA  . HIS A 1 20  ? -9.164  10.887  -14.167 1.00 25.32 ?  -1  HIS A CA  1 
ATOM   18   C  C   . HIS A 1 20  ? -9.769  10.702  -12.785 1.00 25.32 ?  -1  HIS A C   1 
ATOM   19   O  O   . HIS A 1 20  ? -9.470  11.449  -11.851 1.00 25.32 ?  -1  HIS A O   1 
ATOM   20   C  CB  . HIS A 1 20  ? -7.965  9.937   -14.363 1.00 25.47 ?  -1  HIS A CB  1 
ATOM   21   C  CG  . HIS A 1 20  ? -7.453  9.889   -15.770 1.00 41.47 ?  -1  HIS A CG  1 
ATOM   22   N  ND1 . HIS A 1 20  ? -6.757  10.932  -16.345 1.00 50.95 ?  -1  HIS A ND1 1 
ATOM   23   C  CD2 . HIS A 1 20  ? -7.529  8.922   -16.717 1.00 49.06 ?  -1  HIS A CD2 1 
ATOM   24   C  CE1 . HIS A 1 20  ? -6.432  10.612  -17.584 1.00 46.25 ?  -1  HIS A CE1 1 
ATOM   25   N  NE2 . HIS A 1 20  ? -6.890  9.399   -17.836 1.00 47.07 ?  -1  HIS A NE2 1 
ATOM   26   N  N   . MET A 1 21  ? -10.638 9.694   -12.677 1.00 18.02 ?  0   MET A N   1 
ATOM   27   C  CA  . MET A 1 21  ? -11.268 9.367   -11.400 1.00 22.30 ?  0   MET A CA  1 
ATOM   28   C  C   . MET A 1 21  ? -10.223 9.103   -10.324 1.00 21.20 ?  0   MET A C   1 
ATOM   29   O  O   . MET A 1 21  ? -10.404 9.477   -9.161  1.00 22.54 ?  0   MET A O   1 
ATOM   30   C  CB  . MET A 1 21  ? -12.188 8.147   -11.570 1.00 19.39 ?  0   MET A CB  1 
ATOM   31   C  CG  . MET A 1 21  ? -12.818 7.613   -10.289 1.00 20.69 ?  0   MET A CG  1 
ATOM   32   S  SD  . MET A 1 21  ? -11.801 6.385   -9.442  1.00 28.96 ?  0   MET A SD  1 
ATOM   33   C  CE  . MET A 1 21  ? -12.050 6.851   -7.725  1.00 30.08 ?  0   MET A CE  1 
ATOM   34   N  N   . CYS A 1 22  ? -9.124  8.452   -10.697 1.00 20.57 ?  1   CYS A N   1 
ATOM   35   C  CA  . CYS A 1 22  ? -8.085  8.090   -9.740  1.00 19.63 ?  1   CYS A CA  1 
ATOM   36   C  C   . CYS A 1 22  ? -7.272  9.286   -9.260  1.00 20.93 ?  1   CYS A C   1 
ATOM   37   O  O   . CYS A 1 22  ? -6.455  9.129   -8.345  1.00 17.83 ?  1   CYS A O   1 
ATOM   38   C  CB  . CYS A 1 22  ? -7.151  7.034   -10.347 1.00 28.00 ?  1   CYS A CB  1 
ATOM   39   S  SG  . CYS A 1 22  ? -6.273  7.560   -11.827 1.00 37.73 ?  1   CYS A SG  1 
ATOM   40   N  N   . ASP A 1 23  ? -7.472  10.474  -9.837  1.00 17.89 ?  2   ASP A N   1 
ATOM   41   C  CA  . ASP A 1 23  ? -6.890  11.676  -9.253  1.00 18.45 ?  2   ASP A CA  1 
ATOM   42   C  C   . ASP A 1 23  ? -7.408  11.932  -7.844  1.00 16.72 ?  2   ASP A C   1 
ATOM   43   O  O   . ASP A 1 23  ? -6.828  12.755  -7.129  1.00 19.20 ?  2   ASP A O   1 
ATOM   44   C  CB  . ASP A 1 23  ? -7.168  12.895  -10.140 1.00 19.79 ?  2   ASP A CB  1 
ATOM   45   C  CG  . ASP A 1 23  ? -6.553  12.767  -11.522 1.00 29.25 ?  2   ASP A CG  1 
ATOM   46   O  OD1 . ASP A 1 23  ? -5.630  11.943  -11.695 1.00 30.49 ?  2   ASP A OD1 1 
ATOM   47   O  OD2 . ASP A 1 23  ? -6.993  13.495  -12.437 1.00 31.71 ?  2   ASP A OD2 1 
ATOM   48   N  N   . ALA A 1 24  ? -8.481  11.248  -7.435  1.00 14.00 ?  3   ALA A N   1 
ATOM   49   C  CA  . ALA A 1 24  ? -8.967  11.337  -6.064  1.00 17.52 ?  3   ALA A CA  1 
ATOM   50   C  C   . ALA A 1 24  ? -7.958  10.792  -5.063  1.00 17.15 ?  3   ALA A C   1 
ATOM   51   O  O   . ALA A 1 24  ? -8.035  11.127  -3.876  1.00 15.90 ?  3   ALA A O   1 
ATOM   52   C  CB  . ALA A 1 24  ? -10.289 10.582  -5.932  1.00 20.02 ?  3   ALA A CB  1 
ATOM   53   N  N   . PHE A 1 25  ? -7.023  9.955   -5.507  1.00 11.84 ?  4   PHE A N   1 
ATOM   54   C  CA  . PHE A 1 25  ? -5.978  9.451   -4.627  1.00 12.26 ?  4   PHE A CA  1 
ATOM   55   C  C   . PHE A 1 25  ? -4.767  10.368  -4.553  1.00 14.18 ?  4   PHE A C   1 
ATOM   56   O  O   . PHE A 1 25  ? -3.957  10.225  -3.632  1.00 14.21 ?  4   PHE A O   1 
ATOM   57   C  CB  . PHE A 1 25  ? -5.514  8.068   -5.088  1.00 12.75 ?  4   PHE A CB  1 
ATOM   58   C  CG  . PHE A 1 25  ? -6.550  6.995   -4.932  1.00 14.87 ?  4   PHE A CG  1 
ATOM   59   C  CD1 . PHE A 1 25  ? -6.752  6.381   -3.706  1.00 12.20 ?  4   PHE A CD1 1 
ATOM   60   C  CD2 . PHE A 1 25  ? -7.314  6.589   -6.015  1.00 15.48 ?  4   PHE A CD2 1 
ATOM   61   C  CE1 . PHE A 1 25  ? -7.701  5.387   -3.561  1.00 14.99 ?  4   PHE A CE1 1 
ATOM   62   C  CE2 . PHE A 1 25  ? -8.264  5.596   -5.877  1.00 17.41 ?  4   PHE A CE2 1 
ATOM   63   C  CZ  . PHE A 1 25  ? -8.459  4.994   -4.647  1.00 15.48 ?  4   PHE A CZ  1 
ATOM   64   N  N   . VAL A 1 26  ? -4.628  11.297  -5.496  1.00 11.84 ?  5   VAL A N   1 
ATOM   65   C  CA  . VAL A 1 26  ? -3.412  12.094  -5.605  1.00 12.96 ?  5   VAL A CA  1 
ATOM   66   C  C   . VAL A 1 26  ? -3.286  13.012  -4.397  1.00 14.43 ?  5   VAL A C   1 
ATOM   67   O  O   . VAL A 1 26  ? -4.248  13.683  -4.003  1.00 13.16 ?  5   VAL A O   1 
ATOM   68   C  CB  . VAL A 1 26  ? -3.422  12.901  -6.913  1.00 15.85 ?  5   VAL A CB  1 
ATOM   69   C  CG1 . VAL A 1 26  ? -2.278  13.913  -6.931  1.00 15.64 ?  5   VAL A CG1 1 
ATOM   70   C  CG2 . VAL A 1 26  ? -3.351  11.964  -8.111  1.00 12.68 ?  5   VAL A CG2 1 
ATOM   71   N  N   . GLY A 1 27  ? -2.104  13.050  -3.808  1.00 12.30 ?  6   GLY A N   1 
ATOM   72   C  CA  . GLY A 1 27  ? -1.825  13.996  -2.752  1.00 15.83 ?  6   GLY A CA  1 
ATOM   73   C  C   . GLY A 1 27  ? -0.824  13.427  -1.769  1.00 14.98 ?  6   GLY A C   1 
ATOM   74   O  O   . GLY A 1 27  ? -0.188  12.407  -2.020  1.00 15.41 ?  6   GLY A O   1 
ATOM   75   N  N   . THR A 1 28  ? -0.702  14.122  -0.644  1.00 14.54 ?  7   THR A N   1 
ATOM   76   C  CA  . THR A 1 28  ? 0.197   13.749  0.440   1.00 15.24 ?  7   THR A CA  1 
ATOM   77   C  C   . THR A 1 28  ? -0.650  13.295  1.622   1.00 16.38 ?  7   THR A C   1 
ATOM   78   O  O   . THR A 1 28  ? -1.478  14.061  2.127   1.00 15.48 ?  7   THR A O   1 
ATOM   79   C  CB  . THR A 1 28  ? 1.093   14.924  0.837   1.00 20.64 ?  7   THR A CB  1 
ATOM   80   O  OG1 . THR A 1 28  ? 1.666   15.510  -0.342  1.00 21.57 ?  7   THR A OG1 1 
ATOM   81   C  CG2 . THR A 1 28  ? 2.214   14.469  1.766   1.00 15.08 ?  7   THR A CG2 1 
ATOM   82   N  N   . TRP A 1 29  ? -0.446  12.055  2.058   1.00 11.69 ?  8   TRP A N   1 
ATOM   83   C  CA  . TRP A 1 29  ? -1.246  11.449  3.109   1.00 12.28 ?  8   TRP A CA  1 
ATOM   84   C  C   . TRP A 1 29  ? -0.358  11.033  4.274   1.00 13.66 ?  8   TRP A C   1 
ATOM   85   O  O   . TRP A 1 29  ? 0.805   10.664  4.085   1.00 14.05 ?  8   TRP A O   1 
ATOM   86   C  CB  . TRP A 1 29  ? -2.013  10.227  2.588   1.00 10.93 ?  8   TRP A CB  1 
ATOM   87   C  CG  . TRP A 1 29  ? -2.837  10.504  1.368   1.00 11.70 ?  8   TRP A CG  1 
ATOM   88   C  CD1 . TRP A 1 29  ? -2.416  10.467  0.067   1.00 15.18 ?  8   TRP A CD1 1 
ATOM   89   C  CD2 . TRP A 1 29  ? -4.224  10.853  1.330   1.00 7.94  ?  8   TRP A CD2 1 
ATOM   90   N  NE1 . TRP A 1 29  ? -3.458  10.778  -0.775  1.00 11.91 ?  8   TRP A NE1 1 
ATOM   91   C  CE2 . TRP A 1 29  ? -4.578  11.018  -0.025  1.00 11.63 ?  8   TRP A CE2 1 
ATOM   92   C  CE3 . TRP A 1 29  ? -5.201  11.044  2.311   1.00 15.66 ?  8   TRP A CE3 1 
ATOM   93   C  CZ2 . TRP A 1 29  ? -5.868  11.364  -0.422  1.00 15.39 ?  8   TRP A CZ2 1 
ATOM   94   C  CZ3 . TRP A 1 29  ? -6.480  11.387  1.914   1.00 14.78 ?  8   TRP A CZ3 1 
ATOM   95   C  CH2 . TRP A 1 29  ? -6.803  11.543  0.559   1.00 12.29 ?  8   TRP A CH2 1 
ATOM   96   N  N   . LYS A 1 30  ? -0.919  11.086  5.483   1.00 12.47 ?  9   LYS A N   1 
ATOM   97   C  CA  . LYS A 1 30  ? -0.216  10.682  6.695   1.00 13.27 ?  9   LYS A CA  1 
ATOM   98   C  C   . LYS A 1 30  ? -1.060  9.686   7.481   1.00 12.53 ?  9   LYS A C   1 
ATOM   99   O  O   . LYS A 1 30  ? -2.285  9.810   7.543   1.00 12.15 ?  9   LYS A O   1 
ATOM   100  C  CB  . LYS A 1 30  ? 0.128   11.891  7.575   1.00 18.93 ?  9   LYS A CB  1 
ATOM   101  C  CG  . LYS A 1 30  ? -1.073  12.700  8.047   1.00 26.46 ?  9   LYS A CG  1 
ATOM   102  C  CD  . LYS A 1 30  ? -0.671  13.671  9.154   1.00 37.02 ?  9   LYS A CD  1 
ATOM   103  C  CE  . LYS A 1 30  ? -1.859  14.461  9.685   1.00 33.50 ?  9   LYS A CE  1 
ATOM   104  N  NZ  . LYS A 1 30  ? -2.245  15.589  8.789   1.00 38.60 ?  9   LYS A NZ  1 
ATOM   105  N  N   . LEU A 1 31  ? -0.398  8.694   8.075   1.00 14.01 ?  10  LEU A N   1 
ATOM   106  C  CA  . LEU A 1 31  ? -1.099  7.669   8.839   1.00 11.74 ?  10  LEU A CA  1 
ATOM   107  C  C   . LEU A 1 31  ? -1.658  8.256   10.130  1.00 15.30 ?  10  LEU A C   1 
ATOM   108  O  O   . LEU A 1 31  ? -0.947  8.939   10.873  1.00 15.18 ?  10  LEU A O   1 
ATOM   109  C  CB  . LEU A 1 31  ? -0.160  6.506   9.162   1.00 12.29 ?  10  LEU A CB  1 
ATOM   110  C  CG  . LEU A 1 31  ? -0.796  5.326   9.898   1.00 10.25 ?  10  LEU A CG  1 
ATOM   111  C  CD1 . LEU A 1 31  ? -1.568  4.460   8.926   1.00 10.58 ?  10  LEU A CD1 1 
ATOM   112  C  CD2 . LEU A 1 31  ? 0.262   4.509   10.627  1.00 13.59 ?  10  LEU A CD2 1 
ATOM   113  N  N   . VAL A 1 32  ? -2.933  7.980   10.401  1.00 11.54 ?  11  VAL A N   1 
ATOM   114  C  CA  . VAL A 1 32  ? -3.576  8.451   11.620  1.00 15.47 ?  11  VAL A CA  1 
ATOM   115  C  C   . VAL A 1 32  ? -4.097  7.324   12.504  1.00 20.26 ?  11  VAL A C   1 
ATOM   116  O  O   . VAL A 1 32  ? -4.302  7.553   13.707  1.00 16.03 ?  11  VAL A O   1 
ATOM   117  C  CB  . VAL A 1 32  ? -4.716  9.445   11.307  1.00 15.91 ?  11  VAL A CB  1 
ATOM   118  C  CG1 . VAL A 1 32  ? -4.155  10.714  10.678  1.00 16.98 ?  11  VAL A CG1 1 
ATOM   119  C  CG2 . VAL A 1 32  ? -5.765  8.803   10.409  1.00 15.80 ?  11  VAL A CG2 1 
ATOM   120  N  N   . SER A 1 33  ? -4.329  6.121   11.980  1.00 14.62 ?  12  SER A N   1 
ATOM   121  C  CA  . SER A 1 33  ? -4.729  5.008   12.833  1.00 11.98 ?  12  SER A CA  1 
ATOM   122  C  C   . SER A 1 33  ? -4.418  3.698   12.124  1.00 13.23 ?  12  SER A C   1 
ATOM   123  O  O   . SER A 1 33  ? -4.405  3.619   10.892  1.00 15.07 ?  12  SER A O   1 
ATOM   124  C  CB  . SER A 1 33  ? -6.214  5.078   13.210  1.00 14.94 ?  12  SER A CB  1 
ATOM   125  O  OG  . SER A 1 33  ? -7.032  4.602   12.161  1.00 22.35 ?  12  SER A OG  1 
ATOM   126  N  N   . SER A 1 34  ? -4.164  2.671   12.932  1.00 11.54 ?  13  SER A N   1 
ATOM   127  C  CA  . SER A 1 34  ? -3.789  1.350   12.453  1.00 12.42 ?  13  SER A CA  1 
ATOM   128  C  C   . SER A 1 34  ? -4.455  0.312   13.338  1.00 17.57 ?  13  SER A C   1 
ATOM   129  O  O   . SER A 1 34  ? -4.537  0.494   14.555  1.00 18.72 ?  13  SER A O   1 
ATOM   130  C  CB  . SER A 1 34  ? -2.266  1.157   12.478  1.00 14.59 ?  13  SER A CB  1 
ATOM   131  O  OG  . SER A 1 34  ? -1.907  -0.194  12.240  1.00 15.51 ?  13  SER A OG  1 
ATOM   132  N  N   . GLU A 1 35  ? -4.925  -0.774  12.731  1.00 13.64 ?  14  GLU A N   1 
ATOM   133  C  CA  . GLU A 1 35  ? -5.558  -1.849  13.482  1.00 16.22 ?  14  GLU A CA  1 
ATOM   134  C  C   . GLU A 1 35  ? -5.082  -3.191  12.946  1.00 14.96 ?  14  GLU A C   1 
ATOM   135  O  O   . GLU A 1 35  ? -5.068  -3.403  11.731  1.00 12.28 ?  14  GLU A O   1 
ATOM   136  C  CB  . GLU A 1 35  ? -7.086  -1.758  13.397  1.00 16.14 ?  14  GLU A CB  1 
ATOM   137  N  N   . ASN A 1 36  ? -4.683  -4.084  13.856  1.00 13.41 ?  15  ASN A N   1 
ATOM   138  C  CA  . ASN A 1 36  ? -4.332  -5.470  13.539  1.00 15.60 ?  15  ASN A CA  1 
ATOM   139  C  C   . ASN A 1 36  ? -3.126  -5.576  12.609  1.00 17.22 ?  15  ASN A C   1 
ATOM   140  O  O   . ASN A 1 36  ? -2.913  -6.620  11.986  1.00 15.09 ?  15  ASN A O   1 
ATOM   141  C  CB  . ASN A 1 36  ? -5.525  -6.220  12.929  1.00 12.00 ?  15  ASN A CB  1 
ATOM   142  C  CG  . ASN A 1 36  ? -5.538  -7.692  13.294  1.00 24.70 ?  15  ASN A CG  1 
ATOM   143  O  OD1 . ASN A 1 36  ? -5.240  -8.062  14.429  1.00 26.30 ?  15  ASN A OD1 1 
ATOM   144  N  ND2 . ASN A 1 36  ? -5.879  -8.542  12.329  1.00 21.82 ?  15  ASN A ND2 1 
ATOM   145  N  N   . PHE A 1 37  ? -2.320  -4.515  12.506  1.00 15.53 ?  16  PHE A N   1 
ATOM   146  C  CA  . PHE A 1 37  ? -1.220  -4.526  11.546  1.00 14.51 ?  16  PHE A CA  1 
ATOM   147  C  C   . PHE A 1 37  ? -0.116  -5.489  11.967  1.00 14.85 ?  16  PHE A C   1 
ATOM   148  O  O   . PHE A 1 37  ? 0.538   -6.098  11.113  1.00 13.37 ?  16  PHE A O   1 
ATOM   149  C  CB  . PHE A 1 37  ? -0.661  -3.116  11.361  1.00 16.57 ?  16  PHE A CB  1 
ATOM   150  C  CG  . PHE A 1 37  ? 0.291   -2.994  10.202  1.00 17.53 ?  16  PHE A CG  1 
ATOM   151  C  CD1 . PHE A 1 37  ? -0.145  -3.220  8.907   1.00 18.53 ?  16  PHE A CD1 1 
ATOM   152  C  CD2 . PHE A 1 37  ? 1.617   -2.648  10.406  1.00 19.03 ?  16  PHE A CD2 1 
ATOM   153  C  CE1 . PHE A 1 37  ? 0.724   -3.109  7.834   1.00 14.90 ?  16  PHE A CE1 1 
ATOM   154  C  CE2 . PHE A 1 37  ? 2.493   -2.535  9.336   1.00 19.75 ?  16  PHE A CE2 1 
ATOM   155  C  CZ  . PHE A 1 37  ? 2.045   -2.767  8.050   1.00 15.99 ?  16  PHE A CZ  1 
ATOM   156  N  N   . ASP A 1 38  ? 0.114   -5.637  13.273  1.00 11.59 ?  17  ASP A N   1 
ATOM   157  C  CA  . ASP A 1 38  ? 1.103   -6.609  13.727  1.00 15.70 ?  17  ASP A CA  1 
ATOM   158  C  C   . ASP A 1 38  ? 0.708   -8.022  13.316  1.00 14.45 ?  17  ASP A C   1 
ATOM   159  O  O   . ASP A 1 38  ? 1.549   -8.801  12.852  1.00 16.14 ?  17  ASP A O   1 
ATOM   160  C  CB  . ASP A 1 38  ? 1.276   -6.516  15.241  1.00 18.73 ?  17  ASP A CB  1 
ATOM   161  C  CG  . ASP A 1 38  ? 2.334   -7.464  15.765  1.00 27.16 ?  17  ASP A CG  1 
ATOM   162  O  OD1 . ASP A 1 38  ? 3.506   -7.337  15.350  1.00 31.50 ?  17  ASP A OD1 1 
ATOM   163  O  OD2 . ASP A 1 38  ? 1.994   -8.332  16.596  1.00 32.55 ?  17  ASP A OD2 1 
ATOM   164  N  N   . ASP A 1 39  ? -0.573  -8.363  13.463  1.00 17.45 ?  18  ASP A N   1 
ATOM   165  C  CA  . ASP A 1 39  ? -1.042  -9.684  13.056  1.00 15.54 ?  18  ASP A CA  1 
ATOM   166  C  C   . ASP A 1 39  ? -0.932  -9.871  11.548  1.00 17.23 ?  18  ASP A C   1 
ATOM   167  O  O   . ASP A 1 39  ? -0.619  -10.970 11.075  1.00 14.25 ?  18  ASP A O   1 
ATOM   168  C  CB  . ASP A 1 39  ? -2.482  -9.891  13.526  1.00 18.38 ?  18  ASP A CB  1 
ATOM   169  C  CG  . ASP A 1 39  ? -2.575  -10.140 15.021  1.00 35.06 ?  18  ASP A CG  1 
ATOM   170  O  OD1 . ASP A 1 39  ? -2.112  -11.207 15.476  1.00 37.81 ?  18  ASP A OD1 1 
ATOM   171  O  OD2 . ASP A 1 39  ? -3.094  -9.264  15.744  1.00 43.79 ?  18  ASP A OD2 1 
ATOM   172  N  N   . TYR A 1 40  ? -1.188  -8.809  10.777  1.00 13.94 ?  19  TYR A N   1 
ATOM   173  C  CA  . TYR A 1 40  ? -1.024  -8.898  9.329   1.00 10.32 ?  19  TYR A CA  1 
ATOM   174  C  C   . TYR A 1 40  ? 0.427   -9.178  8.962   1.00 14.91 ?  19  TYR A C   1 
ATOM   175  O  O   . TYR A 1 40  ? 0.713   -10.038 8.119   1.00 14.72 ?  19  TYR A O   1 
ATOM   176  C  CB  . TYR A 1 40  ? -1.509  -7.613  8.656   1.00 13.36 ?  19  TYR A CB  1 
ATOM   177  C  CG  . TYR A 1 40  ? -1.110  -7.540  7.196   1.00 12.87 ?  19  TYR A CG  1 
ATOM   178  C  CD1 . TYR A 1 40  ? -1.765  -8.302  6.237   1.00 15.06 ?  19  TYR A CD1 1 
ATOM   179  C  CD2 . TYR A 1 40  ? -0.060  -6.727  6.781   1.00 12.85 ?  19  TYR A CD2 1 
ATOM   180  C  CE1 . TYR A 1 40  ? -1.394  -8.247  4.901   1.00 15.01 ?  19  TYR A CE1 1 
ATOM   181  C  CE2 . TYR A 1 40  ? 0.319   -6.668  5.448   1.00 13.75 ?  19  TYR A CE2 1 
ATOM   182  C  CZ  . TYR A 1 40  ? -0.350  -7.431  4.514   1.00 13.98 ?  19  TYR A CZ  1 
ATOM   183  O  OH  . TYR A 1 40  ? 0.025   -7.376  3.189   1.00 13.90 ?  19  TYR A OH  1 
ATOM   184  N  N   . MET A 1 41  ? 1.363   -8.463  9.591   1.00 12.18 ?  20  MET A N   1 
ATOM   185  C  CA  . MET A 1 41  ? 2.776   -8.694  9.309   1.00 14.41 ?  20  MET A CA  1 
ATOM   186  C  C   . MET A 1 41  ? 3.211   -10.092 9.727   1.00 16.28 ?  20  MET A C   1 
ATOM   187  O  O   . MET A 1 41  ? 4.064   -10.696 9.066   1.00 16.48 ?  20  MET A O   1 
ATOM   188  C  CB  . MET A 1 41  ? 3.638   -7.639  10.000  1.00 14.13 ?  20  MET A CB  1 
ATOM   189  C  CG  . MET A 1 41  ? 3.637   -6.289  9.295   1.00 13.93 ?  20  MET A CG  1 
ATOM   190  S  SD  . MET A 1 41  ? 4.861   -5.157  9.978   1.00 17.37 ?  20  MET A SD  1 
ATOM   191  C  CE  . MET A 1 41  ? 4.218   -4.907  11.633  1.00 16.68 ?  20  MET A CE  1 
ATOM   192  N  N   . LYS A 1 42  ? 2.643   -10.622 10.812  1.00 13.21 ?  21  LYS A N   1 
ATOM   193  C  CA  . LYS A 1 42  ? 2.962   -11.988 11.214  1.00 17.76 ?  21  LYS A CA  1 
ATOM   194  C  C   . LYS A 1 42  ? 2.510   -12.984 10.156  1.00 16.74 ?  21  LYS A C   1 
ATOM   195  O  O   . LYS A 1 42  ? 3.245   -13.919 9.818   1.00 19.60 ?  21  LYS A O   1 
ATOM   196  C  CB  . LYS A 1 42  ? 2.319   -12.312 12.563  1.00 20.80 ?  21  LYS A CB  1 
ATOM   197  C  CG  . LYS A 1 42  ? 2.862   -11.498 13.725  1.00 25.67 ?  21  LYS A CG  1 
ATOM   198  C  CD  . LYS A 1 42  ? 2.406   -12.037 15.069  1.00 20.58 ?  21  LYS A CD  1 
ATOM   199  C  CE  . LYS A 1 42  ? 3.167   -13.294 15.445  1.00 34.38 ?  21  LYS A CE  1 
ATOM   200  N  NZ  . LYS A 1 42  ? 2.904   -13.691 16.857  1.00 49.60 ?  21  LYS A NZ  1 
ATOM   201  N  N   . GLU A 1 43  ? 1.304   -12.793 9.616   1.00 15.87 ?  22  GLU A N   1 
ATOM   202  C  CA  . GLU A 1 43  ? 0.787   -13.710 8.604   1.00 16.11 ?  22  GLU A CA  1 
ATOM   203  C  C   . GLU A 1 43  ? 1.600   -13.618 7.321   1.00 17.16 ?  22  GLU A C   1 
ATOM   204  O  O   . GLU A 1 43  ? 1.791   -14.620 6.623   1.00 17.94 ?  22  GLU A O   1 
ATOM   205  C  CB  . GLU A 1 43  ? -0.687  -13.409 8.335   1.00 16.02 ?  22  GLU A CB  1 
ATOM   206  C  CG  . GLU A 1 43  ? -1.489  -14.581 7.770   1.00 21.19 ?  22  GLU A CG  1 
ATOM   207  C  CD  . GLU A 1 43  ? -1.852  -15.631 8.814   1.00 28.33 ?  22  GLU A CD  1 
ATOM   208  O  OE1 . GLU A 1 43  ? -1.453  -15.487 9.990   1.00 25.96 ?  22  GLU A OE1 1 
ATOM   209  O  OE2 . GLU A 1 43  ? -2.551  -16.601 8.451   1.00 39.66 ?  22  GLU A OE2 1 
ATOM   210  N  N   . VAL A 1 44  ? 2.090   -12.418 6.998   1.00 15.34 ?  23  VAL A N   1 
ATOM   211  C  CA  . VAL A 1 44  ? 2.963   -12.246 5.843   1.00 13.98 ?  23  VAL A CA  1 
ATOM   212  C  C   . VAL A 1 44  ? 4.284   -12.977 6.051   1.00 17.27 ?  23  VAL A C   1 
ATOM   213  O  O   . VAL A 1 44  ? 4.903   -13.444 5.089   1.00 19.93 ?  23  VAL A O   1 
ATOM   214  C  CB  . VAL A 1 44  ? 3.169   -10.742 5.575   1.00 18.78 ?  23  VAL A CB  1 
ATOM   215  C  CG1 . VAL A 1 44  ? 4.294   -10.506 4.587   1.00 16.53 ?  23  VAL A CG1 1 
ATOM   216  C  CG2 . VAL A 1 44  ? 1.877   -10.120 5.068   1.00 14.31 ?  23  VAL A CG2 1 
ATOM   217  N  N   . GLY A 1 45  ? 4.721   -13.115 7.295   1.00 16.82 ?  24  GLY A N   1 
ATOM   218  C  CA  . GLY A 1 45  ? 5.989   -13.745 7.592   1.00 14.90 ?  24  GLY A CA  1 
ATOM   219  C  C   . GLY A 1 45  ? 7.093   -12.797 7.998   1.00 21.21 ?  24  GLY A C   1 
ATOM   220  O  O   . GLY A 1 45  ? 8.264   -13.192 7.969   1.00 16.93 ?  24  GLY A O   1 
ATOM   221  N  N   . VAL A 1 46  ? 6.756   -11.563 8.375   1.00 14.23 ?  25  VAL A N   1 
ATOM   222  C  CA  . VAL A 1 46  ? 7.759   -10.586 8.770   1.00 12.47 ?  25  VAL A CA  1 
ATOM   223  C  C   . VAL A 1 46  ? 8.391   -11.019 10.086  1.00 13.17 ?  25  VAL A C   1 
ATOM   224  O  O   . VAL A 1 46  ? 7.690   -11.384 11.040  1.00 13.60 ?  25  VAL A O   1 
ATOM   225  C  CB  . VAL A 1 46  ? 7.126   -9.190  8.877   1.00 14.20 ?  25  VAL A CB  1 
ATOM   226  C  CG1 . VAL A 1 46  ? 8.183   -8.147  9.176   1.00 12.80 ?  25  VAL A CG1 1 
ATOM   227  C  CG2 . VAL A 1 46  ? 6.375   -8.840  7.589   1.00 14.34 ?  25  VAL A CG2 1 
ATOM   228  N  N   . GLY A 1 47  ? 9.723   -10.985 10.141  1.00 15.35 ?  26  GLY A N   1 
ATOM   229  C  CA  . GLY A 1 47  ? 10.445  -11.398 11.329  1.00 17.77 ?  26  GLY A CA  1 
ATOM   230  C  C   . GLY A 1 47  ? 10.242  -10.448 12.496  1.00 19.71 ?  26  GLY A C   1 
ATOM   231  O  O   . GLY A 1 47  ? 9.708   -9.345  12.363  1.00 14.94 ?  26  GLY A O   1 
ATOM   232  N  N   . PHE A 1 48  ? 10.701  -10.892 13.670  1.00 17.06 ?  27  PHE A N   1 
ATOM   233  C  CA  . PHE A 1 48  ? 10.417  -10.177 14.911  1.00 16.89 ?  27  PHE A CA  1 
ATOM   234  C  C   . PHE A 1 48  ? 10.925  -8.740  14.870  1.00 13.81 ?  27  PHE A C   1 
ATOM   235  O  O   . PHE A 1 48  ? 10.163  -7.792  15.094  1.00 16.52 ?  27  PHE A O   1 
ATOM   236  C  CB  . PHE A 1 48  ? 11.036  -10.912 16.099  1.00 20.45 ?  27  PHE A CB  1 
ATOM   237  C  CG  . PHE A 1 48  ? 10.852  -10.197 17.409  1.00 15.70 ?  27  PHE A CG  1 
ATOM   238  C  CD1 . PHE A 1 48  ? 9.717   -10.409 18.172  1.00 18.99 ?  27  PHE A CD1 1 
ATOM   239  C  CD2 . PHE A 1 48  ? 11.811  -9.310  17.875  1.00 17.17 ?  27  PHE A CD2 1 
ATOM   240  C  CE1 . PHE A 1 48  ? 9.538   -9.752  19.375  1.00 23.04 ?  27  PHE A CE1 1 
ATOM   241  C  CE2 . PHE A 1 48  ? 11.637  -8.646  19.076  1.00 19.27 ?  27  PHE A CE2 1 
ATOM   242  C  CZ  . PHE A 1 48  ? 10.500  -8.869  19.828  1.00 21.48 ?  27  PHE A CZ  1 
ATOM   243  N  N   . ALA A 1 49  ? 12.224  -8.565  14.621  1.00 12.94 ?  28  ALA A N   1 
ATOM   244  C  CA  . ALA A 1 49  ? 12.822  -7.235  14.708  1.00 18.40 ?  28  ALA A CA  1 
ATOM   245  C  C   . ALA A 1 49  ? 12.181  -6.273  13.717  1.00 19.45 ?  28  ALA A C   1 
ATOM   246  O  O   . ALA A 1 49  ? 11.931  -5.106  14.046  1.00 15.87 ?  28  ALA A O   1 
ATOM   247  C  CB  . ALA A 1 49  ? 14.330  -7.322  14.483  1.00 15.85 ?  28  ALA A CB  1 
ATOM   248  N  N   . THR A 1 50  ? 11.890  -6.746  12.503  1.00 15.93 ?  29  THR A N   1 
ATOM   249  C  CA  . THR A 1 50  ? 11.252  -5.877  11.521  1.00 14.33 ?  29  THR A CA  1 
ATOM   250  C  C   . THR A 1 50  ? 9.828   -5.525  11.935  1.00 16.86 ?  29  THR A C   1 
ATOM   251  O  O   . THR A 1 50  ? 9.394   -4.381  11.758  1.00 15.14 ?  29  THR A O   1 
ATOM   252  C  CB  . THR A 1 50  ? 11.271  -6.537  10.142  1.00 15.93 ?  29  THR A CB  1 
ATOM   253  O  OG1 . THR A 1 50  ? 12.615  -6.892  9.802   1.00 18.16 ?  29  THR A OG1 1 
ATOM   254  C  CG2 . THR A 1 50  ? 10.735  -5.582  9.083   1.00 17.57 ?  29  THR A CG2 1 
ATOM   255  N  N   . ARG A 1 51  ? 9.087   -6.489  12.494  1.00 13.81 ?  30  ARG A N   1 
ATOM   256  C  CA  . ARG A 1 51  ? 7.729   -6.202  12.952  1.00 17.20 ?  30  ARG A CA  1 
ATOM   257  C  C   . ARG A 1 51  ? 7.719   -5.115  14.017  1.00 18.48 ?  30  ARG A C   1 
ATOM   258  O  O   . ARG A 1 51  ? 6.872   -4.215  13.988  1.00 15.55 ?  30  ARG A O   1 
ATOM   259  C  CB  . ARG A 1 51  ? 7.066   -7.463  13.502  1.00 17.22 ?  30  ARG A CB  1 
ATOM   260  C  CG  . ARG A 1 51  ? 6.541   -8.414  12.452  1.00 19.21 ?  30  ARG A CG  1 
ATOM   261  C  CD  . ARG A 1 51  ? 5.367   -9.200  12.996  1.00 18.95 ?  30  ARG A CD  1 
ATOM   262  N  NE  . ARG A 1 51  ? 5.575   -9.600  14.386  1.00 17.97 ?  30  ARG A NE  1 
ATOM   263  C  CZ  . ARG A 1 51  ? 6.279   -10.661 14.765  1.00 24.38 ?  30  ARG A CZ  1 
ATOM   264  N  NH1 . ARG A 1 51  ? 6.849   -11.443 13.856  1.00 23.39 ?  30  ARG A NH1 1 
ATOM   265  N  NH2 . ARG A 1 51  ? 6.413   -10.943 16.054  1.00 18.59 ?  30  ARG A NH2 1 
ATOM   266  N  N   . LYS A 1 52  ? 8.644   -5.190  14.974  1.00 15.77 ?  31  LYS A N   1 
ATOM   267  C  CA  . LYS A 1 52  ? 8.664   -4.209  16.054  1.00 16.48 ?  31  LYS A CA  1 
ATOM   268  C  C   . LYS A 1 52  ? 9.016   -2.828  15.525  1.00 15.56 ?  31  LYS A C   1 
ATOM   269  O  O   . LYS A 1 52  ? 8.361   -1.835  15.868  1.00 17.68 ?  31  LYS A O   1 
ATOM   270  C  CB  . LYS A 1 52  ? 9.649   -4.639  17.142  1.00 17.19 ?  31  LYS A CB  1 
ATOM   271  C  CG  . LYS A 1 52  ? 9.203   -5.859  17.933  1.00 19.91 ?  31  LYS A CG  1 
ATOM   272  C  CD  . LYS A 1 52  ? 7.719   -5.773  18.259  1.00 25.34 ?  31  LYS A CD  1 
ATOM   273  C  CE  . LYS A 1 52  ? 7.297   -6.876  19.212  1.00 36.76 ?  31  LYS A CE  1 
ATOM   274  N  NZ  . LYS A 1 52  ? 5.846   -7.192  19.079  1.00 41.16 ?  31  LYS A NZ  1 
ATOM   275  N  N   . VAL A 1 53  ? 10.040  -2.745  14.675  1.00 15.74 ?  32  VAL A N   1 
ATOM   276  C  CA  . VAL A 1 53  ? 10.468  -1.450  14.158  1.00 16.04 ?  32  VAL A CA  1 
ATOM   277  C  C   . VAL A 1 53  ? 9.441   -0.897  13.176  1.00 19.68 ?  32  VAL A C   1 
ATOM   278  O  O   . VAL A 1 53  ? 9.113   0.295   13.211  1.00 20.07 ?  32  VAL A O   1 
ATOM   279  C  CB  . VAL A 1 53  ? 11.868  -1.566  13.526  1.00 15.54 ?  32  VAL A CB  1 
ATOM   280  C  CG1 . VAL A 1 53  ? 12.232  -0.284  12.797  1.00 17.81 ?  32  VAL A CG1 1 
ATOM   281  C  CG2 . VAL A 1 53  ? 12.905  -1.878  14.600  1.00 19.74 ?  32  VAL A CG2 1 
ATOM   282  N  N   . ALA A 1 54  ? 8.900   -1.751  12.300  1.00 15.03 ?  33  ALA A N   1 
ATOM   283  C  CA  . ALA A 1 54  ? 7.919   -1.274  11.326  1.00 15.78 ?  33  ALA A CA  1 
ATOM   284  C  C   . ALA A 1 54  ? 6.589   -0.931  11.983  1.00 16.79 ?  33  ALA A C   1 
ATOM   285  O  O   . ALA A 1 54  ? 5.888   -0.023  11.521  1.00 15.81 ?  33  ALA A O   1 
ATOM   286  C  CB  . ALA A 1 54  ? 7.705   -2.316  10.226  1.00 14.99 ?  33  ALA A CB  1 
ATOM   287  N  N   . GLY A 1 55  ? 6.224   -1.638  13.055  1.00 15.20 ?  34  GLY A N   1 
ATOM   288  C  CA  . GLY A 1 55  ? 4.980   -1.337  13.746  1.00 18.14 ?  34  GLY A CA  1 
ATOM   289  C  C   . GLY A 1 55  ? 4.972   0.031   14.399  1.00 16.65 ?  34  GLY A C   1 
ATOM   290  O  O   . GLY A 1 55  ? 3.905   0.603   14.637  1.00 16.71 ?  34  GLY A O   1 
ATOM   291  N  N   . MET A 1 56  ? 6.156   0.573   14.702  1.00 15.13 ?  35  MET A N   1 
ATOM   292  C  CA  . MET A 1 56  ? 6.264   1.902   15.294  1.00 14.69 ?  35  MET A CA  1 
ATOM   293  C  C   . MET A 1 56  ? 6.117   3.021   14.270  1.00 14.33 ?  35  MET A C   1 
ATOM   294  O  O   . MET A 1 56  ? 5.822   4.161   14.653  1.00 13.66 ?  35  MET A O   1 
ATOM   295  C  CB  . MET A 1 56  ? 7.611   2.049   16.009  1.00 16.73 ?  35  MET A CB  1 
ATOM   296  C  CG  . MET A 1 56  ? 7.771   1.169   17.234  1.00 12.17 ?  35  MET A CG  1 
ATOM   297  S  SD  . MET A 1 56  ? 6.661   1.678   18.560  1.00 19.75 ?  35  MET A SD  1 
ATOM   298  C  CE  . MET A 1 56  ? 7.146   3.388   18.779  1.00 21.76 ?  35  MET A CE  1 
ATOM   299  N  N   . ALA A 1 57  ? 6.308   2.723   12.988  1.00 12.70 ?  36  ALA A N   1 
ATOM   300  C  CA  . ALA A 1 57  ? 6.386   3.765   11.976  1.00 12.15 ?  36  ALA A CA  1 
ATOM   301  C  C   . ALA A 1 57  ? 5.026   4.403   11.721  1.00 13.94 ?  36  ALA A C   1 
ATOM   302  O  O   . ALA A 1 57  ? 3.979   3.753   11.778  1.00 16.42 ?  36  ALA A O   1 
ATOM   303  C  CB  . ALA A 1 57  ? 6.941   3.198   10.671  1.00 15.12 ?  36  ALA A CB  1 
ATOM   304  N  N   . LYS A 1 58  ? 5.056   5.704   11.430  1.00 12.66 ?  37  LYS A N   1 
ATOM   305  C  CA  . LYS A 1 58  ? 3.887   6.464   10.999  1.00 13.59 ?  37  LYS A CA  1 
ATOM   306  C  C   . LYS A 1 58  ? 4.204   6.983   9.603   1.00 16.35 ?  37  LYS A C   1 
ATOM   307  O  O   . LYS A 1 58  ? 4.640   8.133   9.438   1.00 13.42 ?  37  LYS A O   1 
ATOM   308  C  CB  . LYS A 1 58  ? 3.565   7.599   11.970  1.00 17.18 ?  37  LYS A CB  1 
ATOM   309  N  N   . PRO A 1 59  ? 4.018   6.162   8.573   1.00 13.74 ?  38  PRO A N   1 
ATOM   310  C  CA  . PRO A 1 59  ? 4.459   6.551   7.232   1.00 13.33 ?  38  PRO A CA  1 
ATOM   311  C  C   . PRO A 1 59  ? 3.624   7.683   6.657   1.00 15.95 ?  38  PRO A C   1 
ATOM   312  O  O   . PRO A 1 59  ? 2.460   7.879   7.017   1.00 12.76 ?  38  PRO A O   1 
ATOM   313  C  CB  . PRO A 1 59  ? 4.277   5.270   6.404   1.00 14.05 ?  38  PRO A CB  1 
ATOM   314  C  CG  . PRO A 1 59  ? 4.070   4.170   7.400   1.00 13.65 ?  38  PRO A CG  1 
ATOM   315  C  CD  . PRO A 1 59  ? 3.425   4.815   8.586   1.00 15.77 ?  38  PRO A CD  1 
ATOM   316  N  N   . ASN A 1 60  ? 4.245   8.439   5.757   1.00 13.28 ?  39  ASN A N   1 
ATOM   317  C  CA  . ASN A 1 60  ? 3.528   9.297   4.826   1.00 13.79 ?  39  ASN A CA  1 
ATOM   318  C  C   . ASN A 1 60  ? 3.397   8.568   3.498   1.00 17.76 ?  39  ASN A C   1 
ATOM   319  O  O   . ASN A 1 60  ? 4.313   7.853   3.080   1.00 19.19 ?  39  ASN A O   1 
ATOM   320  C  CB  . ASN A 1 60  ? 4.242   10.632  4.616   1.00 16.24 ?  39  ASN A CB  1 
ATOM   321  C  CG  . ASN A 1 60  ? 3.873   11.662  5.662   1.00 28.86 ?  39  ASN A CG  1 
ATOM   322  O  OD1 . ASN A 1 60  ? 3.929   11.393  6.860   1.00 30.26 ?  39  ASN A OD1 1 
ATOM   323  N  ND2 . ASN A 1 60  ? 3.471   12.847  5.209   1.00 39.91 ?  39  ASN A ND2 1 
ATOM   324  N  N   . MET A 1 61  ? 2.253   8.737   2.843   1.00 13.88 ?  40  MET A N   1 
ATOM   325  C  CA  . MET A 1 61  ? 2.005   8.149   1.535   1.00 15.86 ?  40  MET A CA  1 
ATOM   326  C  C   . MET A 1 61  ? 1.812   9.279   0.537   1.00 12.57 ?  40  MET A C   1 
ATOM   327  O  O   . MET A 1 61  ? 0.979   10.164  0.753   1.00 16.01 ?  40  MET A O   1 
ATOM   328  C  CB  . MET A 1 61  ? 0.778   7.234   1.560   1.00 14.15 ?  40  MET A CB  1 
ATOM   329  C  CG  . MET A 1 61  ? 0.572   6.429   0.284   1.00 14.34 ?  40  MET A CG  1 
ATOM   330  S  SD  . MET A 1 61  ? -0.935  5.443   0.358   1.00 22.28 ?  40  MET A SD  1 
ATOM   331  C  CE  . MET A 1 61  ? -0.650  4.495   1.848   1.00 20.18 ?  40  MET A CE  1 
ATOM   332  N  N   . ILE A 1 62  ? 2.592   9.262   -0.539  1.00 12.87 ?  41  ILE A N   1 
ATOM   333  C  CA  . ILE A 1 62  ? 2.566   10.315  -1.548  1.00 13.53 ?  41  ILE A CA  1 
ATOM   334  C  C   . ILE A 1 62  ? 2.171   9.678   -2.870  1.00 13.57 ?  41  ILE A C   1 
ATOM   335  O  O   . ILE A 1 62  ? 2.912   8.844   -3.407  1.00 11.57 ?  41  ILE A O   1 
ATOM   336  C  CB  . ILE A 1 62  ? 3.918   11.037  -1.666  1.00 15.59 ?  41  ILE A CB  1 
ATOM   337  C  CG1 . ILE A 1 62  ? 4.324   11.673  -0.331  1.00 21.62 ?  41  ILE A CG1 1 
ATOM   338  C  CG2 . ILE A 1 62  ? 3.863   12.100  -2.751  1.00 16.91 ?  41  ILE A CG2 1 
ATOM   339  C  CD1 . ILE A 1 62  ? 5.248   10.811  0.505   1.00 31.27 ?  41  ILE A CD1 1 
ATOM   340  N  N   . ILE A 1 63  ? 1.012   10.066  -3.393  1.00 11.26 ?  42  ILE A N   1 
ATOM   341  C  CA  . ILE A 1 63  ? 0.441   9.465   -4.591  1.00 8.04  ?  42  ILE A CA  1 
ATOM   342  C  C   . ILE A 1 63  ? 0.363   10.527  -5.679  1.00 15.05 ?  42  ILE A C   1 
ATOM   343  O  O   . ILE A 1 63  ? -0.159  11.624  -5.445  1.00 13.62 ?  42  ILE A O   1 
ATOM   344  C  CB  . ILE A 1 63  ? -0.947  8.863   -4.309  1.00 13.29 ?  42  ILE A CB  1 
ATOM   345  C  CG1 . ILE A 1 63  ? -0.838  7.770   -3.243  1.00 10.06 ?  42  ILE A CG1 1 
ATOM   346  C  CG2 . ILE A 1 63  ? -1.572  8.323   -5.588  1.00 11.02 ?  42  ILE A CG2 1 
ATOM   347  C  CD1 . ILE A 1 63  ? -2.145  7.097   -2.918  1.00 15.50 ?  42  ILE A CD1 1 
ATOM   348  N  N   . SER A 1 64  ? 0.881   10.200  -6.862  1.00 11.82 ?  43  SER A N   1 
ATOM   349  C  CA  . SER A 1 64  ? 0.835   11.101  -8.005  1.00 12.20 ?  43  SER A CA  1 
ATOM   350  C  C   . SER A 1 64  ? 0.529   10.305  -9.265  1.00 11.57 ?  43  SER A C   1 
ATOM   351  O  O   . SER A 1 64  ? 0.866   9.123   -9.369  1.00 13.93 ?  43  SER A O   1 
ATOM   352  C  CB  . SER A 1 64  ? 2.152   11.870  -8.171  1.00 15.56 ?  43  SER A CB  1 
ATOM   353  O  OG  . SER A 1 64  ? 3.253   10.986  -8.290  1.00 23.06 ?  43  SER A OG  1 
ATOM   354  N  N   . VAL A 1 65  ? -0.115  10.966  -10.224 1.00 11.98 ?  44  VAL A N   1 
ATOM   355  C  CA  . VAL A 1 65  ? -0.477  10.354  -11.498 1.00 14.83 ?  44  VAL A CA  1 
ATOM   356  C  C   . VAL A 1 65  ? 0.093   11.215  -12.617 1.00 17.24 ?  44  VAL A C   1 
ATOM   357  O  O   . VAL A 1 65  ? -0.078  12.438  -12.615 1.00 14.83 ?  44  VAL A O   1 
ATOM   358  C  CB  . VAL A 1 65  ? -2.005  10.199  -11.648 1.00 17.04 ?  44  VAL A CB  1 
ATOM   359  C  CG1 . VAL A 1 65  ? -2.353  9.585   -12.998 1.00 16.26 ?  44  VAL A CG1 1 
ATOM   360  C  CG2 . VAL A 1 65  ? -2.581  9.349   -10.511 1.00 16.75 ?  44  VAL A CG2 1 
ATOM   361  N  N   . ASN A 1 66  ? 0.779   10.577  -13.565 1.00 13.42 ?  45  ASN A N   1 
ATOM   362  C  CA  . ASN A 1 66  ? 1.364   11.267  -14.716 1.00 13.49 ?  45  ASN A CA  1 
ATOM   363  C  C   . ASN A 1 66  ? 1.056   10.411  -15.942 1.00 18.25 ?  45  ASN A C   1 
ATOM   364  O  O   . ASN A 1 66  ? 1.740   9.415   -16.198 1.00 12.94 ?  45  ASN A O   1 
ATOM   365  C  CB  . ASN A 1 66  ? 2.863   11.476  -14.532 1.00 15.56 ?  45  ASN A CB  1 
ATOM   366  C  CG  . ASN A 1 66  ? 3.476   12.358  -15.606 1.00 21.36 ?  45  ASN A CG  1 
ATOM   367  O  OD1 . ASN A 1 66  ? 3.048   12.349  -16.764 1.00 18.38 ?  45  ASN A OD1 1 
ATOM   368  N  ND2 . ASN A 1 66  ? 4.494   13.120  -15.228 1.00 16.69 ?  45  ASN A ND2 1 
ATOM   369  N  N   . GLY A 1 67  ? 0.029   10.801  -16.691 1.00 17.16 ?  46  GLY A N   1 
ATOM   370  C  CA  . GLY A 1 67  ? -0.397  9.984   -17.814 1.00 17.09 ?  46  GLY A CA  1 
ATOM   371  C  C   . GLY A 1 67  ? -0.932  8.654   -17.324 1.00 19.51 ?  46  GLY A C   1 
ATOM   372  O  O   . GLY A 1 67  ? -1.788  8.588   -16.435 1.00 23.82 ?  46  GLY A O   1 
ATOM   373  N  N   . ASP A 1 68  ? -0.417  7.571   -17.904 1.00 15.24 ?  47  ASP A N   1 
ATOM   374  C  CA  . ASP A 1 68  ? -0.824  6.233   -17.502 1.00 14.80 ?  47  ASP A CA  1 
ATOM   375  C  C   . ASP A 1 68  ? -0.102  5.742   -16.257 1.00 15.95 ?  47  ASP A C   1 
ATOM   376  O  O   . ASP A 1 68  ? -0.485  4.698   -15.719 1.00 16.93 ?  47  ASP A O   1 
ATOM   377  C  CB  . ASP A 1 68  ? -0.578  5.235   -18.639 1.00 22.04 ?  47  ASP A CB  1 
ATOM   378  C  CG  . ASP A 1 68  ? -1.453  5.497   -19.851 1.00 33.50 ?  47  ASP A CG  1 
ATOM   379  O  OD1 . ASP A 1 68  ? -2.612  5.920   -19.666 1.00 26.50 ?  47  ASP A OD1 1 
ATOM   380  O  OD2 . ASP A 1 68  ? -0.982  5.274   -20.987 1.00 39.51 ?  47  ASP A OD2 1 
ATOM   381  N  N   . VAL A 1 69  ? 0.921   6.455   -15.791 1.00 12.21 ?  48  VAL A N   1 
ATOM   382  C  CA  . VAL A 1 69  ? 1.817   5.961   -14.749 1.00 12.04 ?  48  VAL A CA  1 
ATOM   383  C  C   . VAL A 1 69  ? 1.375   6.530   -13.409 1.00 15.33 ?  48  VAL A C   1 
ATOM   384  O  O   . VAL A 1 69  ? 1.280   7.753   -13.239 1.00 12.30 ?  48  VAL A O   1 
ATOM   385  C  CB  . VAL A 1 69  ? 3.283   6.323   -15.044 1.00 13.47 ?  48  VAL A CB  1 
ATOM   386  C  CG1 . VAL A 1 69  ? 4.197   5.802   -13.937 1.00 14.00 ?  48  VAL A CG1 1 
ATOM   387  C  CG2 . VAL A 1 69  ? 3.707   5.749   -16.380 1.00 12.67 ?  48  VAL A CG2 1 
ATOM   388  N  N   . ILE A 1 70  ? 1.113   5.638   -12.458 1.00 10.49 ?  49  ILE A N   1 
ATOM   389  C  CA  . ILE A 1 70  ? 0.810   6.006   -11.083 1.00 11.98 ?  49  ILE A CA  1 
ATOM   390  C  C   . ILE A 1 70  ? 2.045   5.729   -10.240 1.00 13.76 ?  49  ILE A C   1 
ATOM   391  O  O   . ILE A 1 70  ? 2.674   4.672   -10.379 1.00 11.94 ?  49  ILE A O   1 
ATOM   392  C  CB  . ILE A 1 70  ? -0.404  5.225   -10.551 1.00 14.05 ?  49  ILE A CB  1 
ATOM   393  C  CG1 . ILE A 1 70  ? -1.635  5.476   -11.427 1.00 13.69 ?  49  ILE A CG1 1 
ATOM   394  C  CG2 . ILE A 1 70  ? -0.679  5.595   -9.103  1.00 14.39 ?  49  ILE A CG2 1 
ATOM   395  C  CD1 . ILE A 1 70  ? -2.834  4.627   -11.048 1.00 15.40 ?  49  ILE A CD1 1 
ATOM   396  N  N   . THR A 1 71  ? 2.404   6.675   -9.378  1.00 11.93 ?  50  THR A N   1 
ATOM   397  C  CA  . THR A 1 71  ? 3.537   6.527   -8.475  1.00 12.00 ?  50  THR A CA  1 
ATOM   398  C  C   . THR A 1 71  ? 3.048   6.648   -7.040  1.00 12.03 ?  50  THR A C   1 
ATOM   399  O  O   . THR A 1 71  ? 2.325   7.592   -6.704  1.00 10.48 ?  50  THR A O   1 
ATOM   400  C  CB  . THR A 1 71  ? 4.620   7.575   -8.760  1.00 15.70 ?  50  THR A CB  1 
ATOM   401  O  OG1 . THR A 1 71  ? 5.167   7.359   -10.069 1.00 15.08 ?  50  THR A OG1 1 
ATOM   402  C  CG2 . THR A 1 71  ? 5.738   7.486   -7.732  1.00 17.49 ?  50  THR A CG2 1 
ATOM   403  N  N   . ILE A 1 72  ? 3.434   5.688   -6.203  1.00 11.26 ?  51  ILE A N   1 
ATOM   404  C  CA  . ILE A 1 72  ? 3.107   5.696   -4.781  1.00 10.20 ?  51  ILE A CA  1 
ATOM   405  C  C   . ILE A 1 72  ? 4.412   5.629   -4.000  1.00 11.12 ?  51  ILE A C   1 
ATOM   406  O  O   . ILE A 1 72  ? 5.198   4.692   -4.175  1.00 10.67 ?  51  ILE A O   1 
ATOM   407  C  CB  . ILE A 1 72  ? 2.182   4.531   -4.395  1.00 10.15 ?  51  ILE A CB  1 
ATOM   408  C  CG1 . ILE A 1 72  ? 0.872   4.604   -5.184  1.00 11.56 ?  51  ILE A CG1 1 
ATOM   409  C  CG2 . ILE A 1 72  ? 1.897   4.561   -2.906  1.00 12.96 ?  51  ILE A CG2 1 
ATOM   410  C  CD1 . ILE A 1 72  ? -0.092  3.484   -4.866  1.00 11.07 ?  51  ILE A CD1 1 
ATOM   411  N  N   . LYS A 1 73  ? 4.644   6.618   -3.143  1.00 10.62 ?  52  LYS A N   1 
ATOM   412  C  CA  . LYS A 1 73  ? 5.839   6.676   -2.316  1.00 13.65 ?  52  LYS A CA  1 
ATOM   413  C  C   . LYS A 1 73  ? 5.447   6.579   -0.849  1.00 14.97 ?  52  LYS A C   1 
ATOM   414  O  O   . LYS A 1 73  ? 4.414   7.114   -0.436  1.00 13.04 ?  52  LYS A O   1 
ATOM   415  C  CB  . LYS A 1 73  ? 6.631   7.968   -2.565  1.00 14.55 ?  52  LYS A CB  1 
ATOM   416  N  N   . SER A 1 74  ? 6.266   5.878   -0.070  1.00 13.16 ?  53  SER A N   1 
ATOM   417  C  CA  . SER A 1 74  ? 6.074   5.763   1.370   1.00 12.40 ?  53  SER A CA  1 
ATOM   418  C  C   . SER A 1 74  ? 7.355   6.211   2.050   1.00 17.55 ?  53  SER A C   1 
ATOM   419  O  O   . SER A 1 74  ? 8.428   5.670   1.770   1.00 18.01 ?  53  SER A O   1 
ATOM   420  C  CB  . SER A 1 74  ? 5.723   4.329   1.775   1.00 21.57 ?  53  SER A CB  1 
ATOM   421  O  OG  . SER A 1 74  ? 5.716   4.196   3.186   1.00 24.69 ?  53  SER A OG  1 
ATOM   422  N  N   . GLU A 1 75  ? 7.247   7.203   2.931   1.00 14.45 ?  54  GLU A N   1 
ATOM   423  C  CA  . GLU A 1 75  ? 8.383   7.730   3.674   1.00 14.60 ?  54  GLU A CA  1 
ATOM   424  C  C   . GLU A 1 75  ? 8.128   7.565   5.163   1.00 15.25 ?  54  GLU A C   1 
ATOM   425  O  O   . GLU A 1 75  ? 7.041   7.898   5.648   1.00 14.18 ?  54  GLU A O   1 
ATOM   426  C  CB  . GLU A 1 75  ? 8.623   9.210   3.356   1.00 24.21 ?  54  GLU A CB  1 
ATOM   427  C  CG  . GLU A 1 75  ? 9.029   9.501   1.926   1.00 29.83 ?  54  GLU A CG  1 
ATOM   428  C  CD  . GLU A 1 75  ? 9.431   10.950  1.730   1.00 40.50 ?  54  GLU A CD  1 
ATOM   429  O  OE1 . GLU A 1 75  ? 8.910   11.818  2.468   1.00 39.51 ?  54  GLU A OE1 1 
ATOM   430  O  OE2 . GLU A 1 75  ? 10.275  11.221  0.850   1.00 44.17 ?  54  GLU A OE2 1 
ATOM   431  N  N   . SER A 1 76  ? 9.130   7.067   5.886   1.00 14.70 ?  55  SER A N   1 
ATOM   432  C  CA  . SER A 1 76  ? 9.022   6.917   7.332   1.00 18.55 ?  55  SER A CA  1 
ATOM   433  C  C   . SER A 1 76  ? 10.420  6.767   7.914   1.00 18.51 ?  55  SER A C   1 
ATOM   434  O  O   . SER A 1 76  ? 11.412  6.667   7.188   1.00 15.42 ?  55  SER A O   1 
ATOM   435  C  CB  . SER A 1 76  ? 8.144   5.719   7.716   1.00 19.37 ?  55  SER A CB  1 
ATOM   436  O  OG  . SER A 1 76  ? 8.759   4.498   7.342   1.00 15.55 ?  55  SER A OG  1 
ATOM   437  N  N   . THR A 1 77  ? 10.483  6.753   9.250   1.00 17.82 ?  56  THR A N   1 
ATOM   438  C  CA  . THR A 1 77  ? 11.742  6.482   9.934   1.00 19.31 ?  56  THR A CA  1 
ATOM   439  C  C   . THR A 1 77  ? 12.219  5.056   9.696   1.00 18.91 ?  56  THR A C   1 
ATOM   440  O  O   . THR A 1 77  ? 13.405  4.766   9.891   1.00 23.86 ?  56  THR A O   1 
ATOM   441  C  CB  . THR A 1 77  ? 11.588  6.735   11.436  1.00 22.22 ?  56  THR A CB  1 
ATOM   442  O  OG1 . THR A 1 77  ? 10.631  5.815   11.973  1.00 25.15 ?  56  THR A OG1 1 
ATOM   443  C  CG2 . THR A 1 77  ? 11.097  8.156   11.685  1.00 19.72 ?  56  THR A CG2 1 
ATOM   444  N  N   . PHE A 1 78  ? 11.319  4.163   9.281   1.00 14.39 ?  57  PHE A N   1 
ATOM   445  C  CA  . PHE A 1 78  ? 11.677  2.771   9.039   1.00 17.76 ?  57  PHE A CA  1 
ATOM   446  C  C   . PHE A 1 78  ? 12.305  2.595   7.660   1.00 21.49 ?  57  PHE A C   1 
ATOM   447  O  O   . PHE A 1 78  ? 13.424  2.081   7.540   1.00 16.36 ?  57  PHE A O   1 
ATOM   448  C  CB  . PHE A 1 78  ? 10.437  1.886   9.202   1.00 14.52 ?  57  PHE A CB  1 
ATOM   449  C  CG  . PHE A 1 78  ? 10.625  0.470   8.739   1.00 14.81 ?  57  PHE A CG  1 
ATOM   450  C  CD1 . PHE A 1 78  ? 11.646  -0.312  9.251   1.00 17.48 ?  57  PHE A CD1 1 
ATOM   451  C  CD2 . PHE A 1 78  ? 9.765   -0.086  7.806   1.00 19.21 ?  57  PHE A CD2 1 
ATOM   452  C  CE1 . PHE A 1 78  ? 11.820  -1.619  8.827   1.00 19.90 ?  57  PHE A CE1 1 
ATOM   453  C  CE2 . PHE A 1 78  ? 9.932   -1.393  7.377   1.00 21.29 ?  57  PHE A CE2 1 
ATOM   454  C  CZ  . PHE A 1 78  ? 10.962  -2.161  7.890   1.00 17.19 ?  57  PHE A CZ  1 
ATOM   455  N  N   . LYS A 1 79  ? 11.610  3.028   6.612   1.00 18.22 ?  58  LYS A N   1 
ATOM   456  C  CA  . LYS A 1 79  ? 12.125  2.896   5.257   1.00 20.47 ?  58  LYS A CA  1 
ATOM   457  C  C   . LYS A 1 79  ? 11.440  3.918   4.365   1.00 20.38 ?  58  LYS A C   1 
ATOM   458  O  O   . LYS A 1 79  ? 10.341  4.396   4.661   1.00 19.66 ?  58  LYS A O   1 
ATOM   459  C  CB  . LYS A 1 79  ? 11.916  1.479   4.709   1.00 24.43 ?  58  LYS A CB  1 
ATOM   460  N  N   . ASN A 1 80  ? 12.120  4.257   3.276   1.00 16.82 ?  59  ASN A N   1 
ATOM   461  C  CA  . ASN A 1 80  ? 11.549  5.040   2.189   1.00 14.74 ?  59  ASN A CA  1 
ATOM   462  C  C   . ASN A 1 80  ? 11.437  4.133   0.975   1.00 22.23 ?  59  ASN A C   1 
ATOM   463  O  O   . ASN A 1 80  ? 12.433  3.537   0.553   1.00 24.56 ?  59  ASN A O   1 
ATOM   464  C  CB  . ASN A 1 80  ? 12.412  6.260   1.862   1.00 16.39 ?  59  ASN A CB  1 
ATOM   465  C  CG  . ASN A 1 80  ? 12.569  7.204   3.038   1.00 24.89 ?  59  ASN A CG  1 
ATOM   466  O  OD1 . ASN A 1 80  ? 11.674  7.335   3.873   1.00 22.16 ?  59  ASN A OD1 1 
ATOM   467  N  ND2 . ASN A 1 80  ? 13.715  7.874   3.106   1.00 34.59 ?  59  ASN A ND2 1 
ATOM   468  N  N   . THR A 1 81  ? 10.228  4.004   0.435   1.00 17.22 ?  60  THR A N   1 
ATOM   469  C  CA  . THR A 1 81  ? 9.979   3.131   -0.703  1.00 15.52 ?  60  THR A CA  1 
ATOM   470  C  C   . THR A 1 81  ? 9.159   3.871   -1.749  1.00 17.86 ?  60  THR A C   1 
ATOM   471  O  O   . THR A 1 81  ? 8.520   4.886   -1.467  1.00 13.35 ?  60  THR A O   1 
ATOM   472  C  CB  . THR A 1 81  ? 9.244   1.846   -0.297  1.00 19.20 ?  60  THR A CB  1 
ATOM   473  O  OG1 . THR A 1 81  ? 7.976   2.180   0.281   1.00 23.84 ?  60  THR A OG1 1 
ATOM   474  C  CG2 . THR A 1 81  ? 10.062  1.052   0.706   1.00 25.33 ?  60  THR A CG2 1 
ATOM   475  N  N   . GLU A 1 82  ? 9.180   3.334   -2.966  1.00 15.90 ?  61  GLU A N   1 
ATOM   476  C  CA  . GLU A 1 82  ? 8.494   3.947   -4.093  1.00 14.16 ?  61  GLU A CA  1 
ATOM   477  C  C   . GLU A 1 82  ? 8.181   2.876   -5.126  1.00 14.48 ?  61  GLU A C   1 
ATOM   478  O  O   . GLU A 1 82  ? 9.024   2.025   -5.420  1.00 14.15 ?  61  GLU A O   1 
ATOM   479  C  CB  . GLU A 1 82  ? 9.348   5.055   -4.723  1.00 15.95 ?  61  GLU A CB  1 
ATOM   480  C  CG  . GLU A 1 82  ? 8.692   5.756   -5.901  1.00 30.46 ?  61  GLU A CG  1 
ATOM   481  C  CD  . GLU A 1 82  ? 9.657   6.651   -6.656  1.00 43.49 ?  61  GLU A CD  1 
ATOM   482  O  OE1 . GLU A 1 82  ? 9.463   6.848   -7.875  1.00 39.31 ?  61  GLU A OE1 1 
ATOM   483  O  OE2 . GLU A 1 82  ? 10.616  7.150   -6.029  1.00 50.46 ?  61  GLU A OE2 1 
ATOM   484  N  N   . ILE A 1 83  ? 6.963   2.914   -5.664  1.00 12.79 ?  62  ILE A N   1 
ATOM   485  C  CA  . ILE A 1 83  ? 6.572   2.066   -6.782  1.00 7.93  ?  62  ILE A CA  1 
ATOM   486  C  C   . ILE A 1 83  ? 5.925   2.940   -7.847  1.00 11.64 ?  62  ILE A C   1 
ATOM   487  O  O   . ILE A 1 83  ? 5.175   3.870   -7.531  1.00 10.86 ?  62  ILE A O   1 
ATOM   488  C  CB  . ILE A 1 83  ? 5.615   0.929   -6.355  1.00 11.94 ?  62  ILE A CB  1 
ATOM   489  C  CG1 . ILE A 1 83  ? 4.348   1.489   -5.704  1.00 17.84 ?  62  ILE A CG1 1 
ATOM   490  C  CG2 . ILE A 1 83  ? 6.320   -0.034  -5.410  1.00 13.89 ?  62  ILE A CG2 1 
ATOM   491  C  CD1 . ILE A 1 83  ? 3.292   0.439   -5.418  1.00 17.82 ?  62  ILE A CD1 1 
ATOM   492  N  N   . SER A 1 84  ? 6.242   2.658   -9.106  1.00 10.23 ?  63  SER A N   1 
ATOM   493  C  CA  . SER A 1 84  ? 5.580   3.268   -10.248 1.00 9.62  ?  63  SER A CA  1 
ATOM   494  C  C   . SER A 1 84  ? 5.037   2.154   -11.128 1.00 13.76 ?  63  SER A C   1 
ATOM   495  O  O   . SER A 1 84  ? 5.697   1.125   -11.313 1.00 10.87 ?  63  SER A O   1 
ATOM   496  C  CB  . SER A 1 84  ? 6.533   4.162   -11.043 1.00 14.11 ?  63  SER A CB  1 
ATOM   497  O  OG  . SER A 1 84  ? 6.991   5.241   -10.253 1.00 16.07 ?  63  SER A OG  1 
ATOM   498  N  N   . PHE A 1 85  ? 3.832   2.344   -11.658 1.00 10.13 ?  64  PHE A N   1 
ATOM   499  C  CA  . PHE A 1 85  ? 3.168   1.234   -12.322 1.00 10.75 ?  64  PHE A CA  1 
ATOM   500  C  C   . PHE A 1 85  ? 2.076   1.751   -13.241 1.00 12.42 ?  64  PHE A C   1 
ATOM   501  O  O   . PHE A 1 85  ? 1.625   2.895   -13.130 1.00 10.77 ?  64  PHE A O   1 
ATOM   502  C  CB  . PHE A 1 85  ? 2.571   0.254   -11.304 1.00 10.60 ?  64  PHE A CB  1 
ATOM   503  C  CG  . PHE A 1 85  ? 1.578   0.888   -10.368 1.00 10.20 ?  64  PHE A CG  1 
ATOM   504  C  CD1 . PHE A 1 85  ? 2.001   1.499   -9.198  1.00 10.14 ?  64  PHE A CD1 1 
ATOM   505  C  CD2 . PHE A 1 85  ? 0.222   0.881   -10.661 1.00 6.48  ?  64  PHE A CD2 1 
ATOM   506  C  CE1 . PHE A 1 85  ? 1.092   2.089   -8.334  1.00 9.02  ?  64  PHE A CE1 1 
ATOM   507  C  CE2 . PHE A 1 85  ? -0.692  1.472   -9.804  1.00 9.12  ?  64  PHE A CE2 1 
ATOM   508  C  CZ  . PHE A 1 85  ? -0.256  2.076   -8.638  1.00 12.54 ?  64  PHE A CZ  1 
ATOM   509  N  N   . ILE A 1 86  ? 1.659   0.874   -14.148 1.00 10.29 ?  65  ILE A N   1 
ATOM   510  C  CA  . ILE A 1 86  ? 0.512   1.087   -15.019 1.00 13.79 ?  65  ILE A CA  1 
ATOM   511  C  C   . ILE A 1 86  ? -0.540  0.052   -14.650 1.00 9.28  ?  65  ILE A C   1 
ATOM   512  O  O   . ILE A 1 86  ? -0.210  -1.115  -14.412 1.00 12.58 ?  65  ILE A O   1 
ATOM   513  C  CB  . ILE A 1 86  ? 0.907   0.975   -16.506 1.00 16.30 ?  65  ILE A CB  1 
ATOM   514  C  CG1 . ILE A 1 86  ? 1.905   2.076   -16.871 1.00 18.36 ?  65  ILE A CG1 1 
ATOM   515  C  CG2 . ILE A 1 86  ? -0.328  1.029   -17.401 1.00 12.58 ?  65  ILE A CG2 1 
ATOM   516  C  CD1 . ILE A 1 86  ? 2.492   1.937   -18.263 1.00 23.05 ?  65  ILE A CD1 1 
ATOM   517  N  N   . LEU A 1 87  ? -1.798  0.482   -14.587 1.00 12.33 ?  66  LEU A N   1 
ATOM   518  C  CA  . LEU A 1 87  ? -2.870  -0.400  -14.143 1.00 12.52 ?  66  LEU A CA  1 
ATOM   519  C  C   . LEU A 1 87  ? -2.936  -1.649  -15.014 1.00 13.53 ?  66  LEU A C   1 
ATOM   520  O  O   . LEU A 1 87  ? -2.934  -1.565  -16.245 1.00 14.38 ?  66  LEU A O   1 
ATOM   521  C  CB  . LEU A 1 87  ? -4.206  0.341   -14.172 1.00 11.93 ?  66  LEU A CB  1 
ATOM   522  C  CG  . LEU A 1 87  ? -4.329  1.553   -13.245 1.00 14.97 ?  66  LEU A CG  1 
ATOM   523  C  CD1 . LEU A 1 87  ? -5.722  2.166   -13.334 1.00 11.51 ?  66  LEU A CD1 1 
ATOM   524  C  CD2 . LEU A 1 87  ? -4.011  1.154   -11.817 1.00 19.72 ?  66  LEU A CD2 1 
ATOM   525  N  N   . GLY A 1 88  ? -2.966  -2.812  -14.365 1.00 11.61 ?  67  GLY A N   1 
ATOM   526  C  CA  . GLY A 1 88  ? -3.102  -4.080  -15.046 1.00 11.57 ?  67  GLY A CA  1 
ATOM   527  C  C   . GLY A 1 88  ? -1.816  -4.689  -15.559 1.00 11.53 ?  67  GLY A C   1 
ATOM   528  O  O   . GLY A 1 88  ? -1.860  -5.779  -16.144 1.00 15.40 ?  67  GLY A O   1 
ATOM   529  N  N   . GLN A 1 89  ? -0.673  -4.039  -15.356 1.00 11.06 ?  68  GLN A N   1 
ATOM   530  C  CA  . GLN A 1 89  ? 0.593   -4.489  -15.924 1.00 12.29 ?  68  GLN A CA  1 
ATOM   531  C  C   . GLN A 1 89  ? 1.536   -4.877  -14.795 1.00 11.88 ?  68  GLN A C   1 
ATOM   532  O  O   . GLN A 1 89  ? 1.912   -4.031  -13.975 1.00 12.58 ?  68  GLN A O   1 
ATOM   533  C  CB  . GLN A 1 89  ? 1.202   -3.402  -16.812 1.00 11.86 ?  68  GLN A CB  1 
ATOM   534  C  CG  . GLN A 1 89  ? 0.227   -2.901  -17.870 1.00 13.79 ?  68  GLN A CG  1 
ATOM   535  C  CD  . GLN A 1 89  ? 0.896   -2.132  -18.990 1.00 17.49 ?  68  GLN A CD  1 
ATOM   536  O  OE1 . GLN A 1 89  ? 2.094   -1.848  -18.943 1.00 19.69 ?  68  GLN A OE1 1 
ATOM   537  N  NE2 . GLN A 1 89  ? 0.119   -1.793  -20.012 1.00 22.71 ?  68  GLN A NE2 1 
ATOM   538  N  N   . GLU A 1 90  ? 1.919   -6.152  -14.766 1.00 11.86 ?  69  GLU A N   1 
ATOM   539  C  CA  . GLU A 1 90  ? 2.712   -6.701  -13.673 1.00 12.42 ?  69  GLU A CA  1 
ATOM   540  C  C   . GLU A 1 90  ? 4.079   -6.030  -13.588 1.00 15.12 ?  69  GLU A C   1 
ATOM   541  O  O   . GLU A 1 90  ? 4.677   -5.657  -14.601 1.00 13.45 ?  69  GLU A O   1 
ATOM   542  C  CB  . GLU A 1 90  ? 2.881   -8.210  -13.867 1.00 14.80 ?  69  GLU A CB  1 
ATOM   543  C  CG  . GLU A 1 90  ? 3.599   -8.930  -12.736 1.00 18.25 ?  69  GLU A CG  1 
ATOM   544  C  CD  . GLU A 1 90  ? 3.804   -10.402 -13.032 1.00 31.36 ?  69  GLU A CD  1 
ATOM   545  O  OE1 . GLU A 1 90  ? 3.920   -10.758 -14.223 1.00 37.16 ?  69  GLU A OE1 1 
ATOM   546  O  OE2 . GLU A 1 90  ? 3.840   -11.206 -12.077 1.00 43.12 ?  69  GLU A OE2 1 
ATOM   547  N  N   . PHE A 1 91  ? 4.580   -5.884  -12.360 1.00 12.02 ?  70  PHE A N   1 
ATOM   548  C  CA  . PHE A 1 91  ? 5.887   -5.286  -12.131 1.00 12.29 ?  70  PHE A CA  1 
ATOM   549  C  C   . PHE A 1 91  ? 6.569   -5.956  -10.945 1.00 14.85 ?  70  PHE A C   1 
ATOM   550  O  O   . PHE A 1 91  ? 5.936   -6.635  -10.133 1.00 13.07 ?  70  PHE A O   1 
ATOM   551  C  CB  . PHE A 1 91  ? 5.790   -3.765  -11.906 1.00 12.14 ?  70  PHE A CB  1 
ATOM   552  C  CG  . PHE A 1 91  ? 4.931   -3.366  -10.731 1.00 15.39 ?  70  PHE A CG  1 
ATOM   553  C  CD1 . PHE A 1 91  ? 3.556   -3.256  -10.866 1.00 11.14 ?  70  PHE A CD1 1 
ATOM   554  C  CD2 . PHE A 1 91  ? 5.500   -3.076  -9.501  1.00 15.51 ?  70  PHE A CD2 1 
ATOM   555  C  CE1 . PHE A 1 91  ? 2.762   -2.883  -9.792  1.00 10.96 ?  70  PHE A CE1 1 
ATOM   556  C  CE2 . PHE A 1 91  ? 4.712   -2.699  -8.422  1.00 16.16 ?  70  PHE A CE2 1 
ATOM   557  C  CZ  . PHE A 1 91  ? 3.342   -2.602  -8.571  1.00 13.70 ?  70  PHE A CZ  1 
ATOM   558  N  N   . ASP A 1 92  ? 7.883   -5.758  -10.866 1.00 16.47 ?  71  ASP A N   1 
ATOM   559  C  CA  . ASP A 1 92  ? 8.689   -6.250  -9.758  1.00 15.92 ?  71  ASP A CA  1 
ATOM   560  C  C   . ASP A 1 92  ? 8.712   -5.217  -8.643  1.00 18.07 ?  71  ASP A C   1 
ATOM   561  O  O   . ASP A 1 92  ? 8.906   -4.025  -8.891  1.00 19.14 ?  71  ASP A O   1 
ATOM   562  C  CB  . ASP A 1 92  ? 10.122  -6.539  -10.209 1.00 20.74 ?  71  ASP A CB  1 
ATOM   563  C  CG  . ASP A 1 92  ? 10.199  -7.649  -11.226 1.00 27.38 ?  71  ASP A CG  1 
ATOM   564  O  OD1 . ASP A 1 92  ? 9.769   -8.774  -10.903 1.00 30.49 ?  71  ASP A OD1 1 
ATOM   565  O  OD2 . ASP A 1 92  ? 10.676  -7.395  -12.353 1.00 33.03 ?  71  ASP A OD2 1 
ATOM   566  N  N   . GLU A 1 93  ? 8.530   -5.682  -7.410  1.00 15.47 ?  72  GLU A N   1 
ATOM   567  C  CA  . GLU A 1 93  ? 8.516   -4.809  -6.247  1.00 16.48 ?  72  GLU A CA  1 
ATOM   568  C  C   . GLU A 1 93  ? 9.373   -5.415  -5.149  1.00 18.92 ?  72  GLU A C   1 
ATOM   569  O  O   . GLU A 1 93  ? 9.376   -6.634  -4.951  1.00 16.71 ?  72  GLU A O   1 
ATOM   570  C  CB  . GLU A 1 93  ? 7.084   -4.583  -5.730  1.00 13.76 ?  72  GLU A CB  1 
ATOM   571  C  CG  . GLU A 1 93  ? 6.979   -3.659  -4.513  1.00 18.83 ?  72  GLU A CG  1 
ATOM   572  C  CD  . GLU A 1 93  ? 5.559   -3.565  -3.975  1.00 16.21 ?  72  GLU A CD  1 
ATOM   573  O  OE1 . GLU A 1 93  ? 4.668   -4.229  -4.545  1.00 20.59 ?  72  GLU A OE1 1 
ATOM   574  O  OE2 . GLU A 1 93  ? 5.332   -2.834  -2.985  1.00 16.64 ?  72  GLU A OE2 1 
ATOM   575  N  N   . VAL A 1 94  ? 10.108  -4.560  -4.448  1.00 19.23 ?  73  VAL A N   1 
ATOM   576  C  CA  . VAL A 1 94  ? 10.803  -4.930  -3.222  1.00 23.78 ?  73  VAL A CA  1 
ATOM   577  C  C   . VAL A 1 94  ? 10.089  -4.215  -2.085  1.00 20.24 ?  73  VAL A C   1 
ATOM   578  O  O   . VAL A 1 94  ? 10.153  -2.983  -1.978  1.00 20.61 ?  73  VAL A O   1 
ATOM   579  C  CB  . VAL A 1 94  ? 12.291  -4.565  -3.264  1.00 22.76 ?  73  VAL A CB  1 
ATOM   580  C  CG1 . VAL A 1 94  ? 12.978  -5.020  -1.985  1.00 24.82 ?  73  VAL A CG1 1 
ATOM   581  C  CG2 . VAL A 1 94  ? 12.958  -5.184  -4.486  1.00 25.82 ?  73  VAL A CG2 1 
ATOM   582  N  N   . THR A 1 95  ? 9.399   -4.977  -1.241  1.00 17.37 ?  74  THR A N   1 
ATOM   583  C  CA  . THR A 1 95  ? 8.591   -4.387  -0.187  1.00 16.83 ?  74  THR A CA  1 
ATOM   584  C  C   . THR A 1 95  ? 9.477   -3.840  0.930   1.00 15.90 ?  74  THR A C   1 
ATOM   585  O  O   . THR A 1 95  ? 10.687  -4.079  0.982   1.00 16.71 ?  74  THR A O   1 
ATOM   586  C  CB  . THR A 1 95  ? 7.609   -5.412  0.374   1.00 15.84 ?  74  THR A CB  1 
ATOM   587  O  OG1 . THR A 1 95  ? 8.336   -6.437  1.063   1.00 15.86 ?  74  THR A OG1 1 
ATOM   588  C  CG2 . THR A 1 95  ? 6.792   -6.038  -0.753  1.00 13.98 ?  74  THR A CG2 1 
ATOM   589  N  N   . ALA A 1 96  ? 8.845   -3.094  1.843   1.00 16.69 ?  75  ALA A N   1 
ATOM   590  C  CA  . ALA A 1 96  ? 9.582   -2.493  2.950   1.00 17.73 ?  75  ALA A CA  1 
ATOM   591  C  C   . ALA A 1 96  ? 10.221  -3.550  3.838   1.00 20.75 ?  75  ALA A C   1 
ATOM   592  O  O   . ALA A 1 96  ? 11.291  -3.315  4.412   1.00 20.02 ?  75  ALA A O   1 
ATOM   593  C  CB  . ALA A 1 96  ? 8.654   -1.597  3.772   1.00 18.42 ?  75  ALA A CB  1 
ATOM   594  N  N   . ASP A 1 97  ? 9.591   -4.717  3.956   1.00 16.79 ?  76  ASP A N   1 
ATOM   595  C  CA  . ASP A 1 97  ? 10.142  -5.820  4.731   1.00 15.03 ?  76  ASP A CA  1 
ATOM   596  C  C   . ASP A 1 97  ? 11.073  -6.705  3.907   1.00 19.70 ?  76  ASP A C   1 
ATOM   597  O  O   . ASP A 1 97  ? 11.363  -7.833  4.320   1.00 20.90 ?  76  ASP A O   1 
ATOM   598  C  CB  . ASP A 1 97  ? 9.011   -6.656  5.338   1.00 19.15 ?  76  ASP A CB  1 
ATOM   599  C  CG  . ASP A 1 97  ? 8.054   -7.190  4.297   1.00 20.59 ?  76  ASP A CG  1 
ATOM   600  O  OD1 . ASP A 1 97  ? 7.552   -6.395  3.473   1.00 19.48 ?  76  ASP A OD1 1 
ATOM   601  O  OD2 . ASP A 1 97  ? 7.805   -8.412  4.306   1.00 20.03 ?  76  ASP A OD2 1 
ATOM   602  N  N   . ASP A 1 98  ? 11.532  -6.213  2.754   1.00 19.69 ?  77  ASP A N   1 
ATOM   603  C  CA  . ASP A 1 98  ? 12.560  -6.853  1.931   1.00 16.48 ?  77  ASP A CA  1 
ATOM   604  C  C   . ASP A 1 98  ? 12.071  -8.139  1.270   1.00 21.74 ?  77  ASP A C   1 
ATOM   605  O  O   . ASP A 1 98  ? 12.866  -9.043  0.999   1.00 24.34 ?  77  ASP A O   1 
ATOM   606  C  CB  . ASP A 1 98  ? 13.839  -7.120  2.733   1.00 20.25 ?  77  ASP A CB  1 
ATOM   607  N  N   . ARG A 1 99  ? 10.773  -8.238  0.995   1.00 16.02 ?  78  ARG A N   1 
ATOM   608  C  CA  . ARG A 1 99  ? 10.269  -9.281  0.113   1.00 16.27 ?  78  ARG A CA  1 
ATOM   609  C  C   . ARG A 1 99  ? 10.431  -8.849  -1.338  1.00 17.78 ?  78  ARG A C   1 
ATOM   610  O  O   . ARG A 1 99  ? 10.245  -7.676  -1.674  1.00 21.79 ?  78  ARG A O   1 
ATOM   611  C  CB  . ARG A 1 99  ? 8.796   -9.576  0.400   1.00 15.26 ?  78  ARG A CB  1 
ATOM   612  C  CG  . ARG A 1 99  ? 8.544   -10.453 1.612   1.00 18.09 ?  78  ARG A CG  1 
ATOM   613  C  CD  . ARG A 1 99  ? 7.056   -10.545 1.935   1.00 15.80 ?  78  ARG A CD  1 
ATOM   614  N  NE  . ARG A 1 99  ? 6.500   -9.249  2.320   1.00 14.06 ?  78  ARG A NE  1 
ATOM   615  C  CZ  . ARG A 1 99  ? 5.419   -8.699  1.777   1.00 17.01 ?  78  ARG A CZ  1 
ATOM   616  N  NH1 . ARG A 1 99  ? 4.751   -9.333  0.824   1.00 14.16 ?  78  ARG A NH1 1 
ATOM   617  N  NH2 . ARG A 1 99  ? 4.997   -7.515  2.197   1.00 17.95 ?  78  ARG A NH2 1 
ATOM   618  N  N   . LYS A 1 100 ? 10.784  -9.800  -2.200  1.00 17.67 ?  79  LYS A N   1 
ATOM   619  C  CA  . LYS A 1 100 ? 10.843  -9.568  -3.642  1.00 15.92 ?  79  LYS A CA  1 
ATOM   620  C  C   . LYS A 1 100 ? 9.605   -10.209 -4.259  1.00 13.50 ?  79  LYS A C   1 
ATOM   621  O  O   . LYS A 1 100 ? 9.517   -11.437 -4.354  1.00 15.14 ?  79  LYS A O   1 
ATOM   622  C  CB  . LYS A 1 100 ? 12.128  -10.138 -4.241  1.00 18.73 ?  79  LYS A CB  1 
ATOM   623  N  N   . VAL A 1 101 ? 8.644   -9.381  -4.667  1.00 11.00 ?  80  VAL A N   1 
ATOM   624  C  CA  . VAL A 1 101 ? 7.338   -9.869  -5.081  1.00 11.38 ?  80  VAL A CA  1 
ATOM   625  C  C   . VAL A 1 101 ? 7.062   -9.453  -6.519  1.00 13.04 ?  80  VAL A C   1 
ATOM   626  O  O   . VAL A 1 101 ? 7.680   -8.535  -7.065  1.00 15.45 ?  80  VAL A O   1 
ATOM   627  C  CB  . VAL A 1 101 ? 6.211   -9.361  -4.158  1.00 14.60 ?  80  VAL A CB  1 
ATOM   628  C  CG1 . VAL A 1 101 ? 6.561   -9.608  -2.696  1.00 10.06 ?  80  VAL A CG1 1 
ATOM   629  C  CG2 . VAL A 1 101 ? 5.951   -7.885  -4.408  1.00 13.06 ?  80  VAL A CG2 1 
ATOM   630  N  N   . LYS A 1 102 ? 6.120   -10.162 -7.133  1.00 11.90 ?  81  LYS A N   1 
ATOM   631  C  CA  . LYS A 1 102 ? 5.509   -9.763  -8.392  1.00 14.00 ?  81  LYS A CA  1 
ATOM   632  C  C   . LYS A 1 102 ? 4.174   -9.108  -8.076  1.00 11.75 ?  81  LYS A C   1 
ATOM   633  O  O   . LYS A 1 102 ? 3.331   -9.710  -7.404  1.00 11.40 ?  81  LYS A O   1 
ATOM   634  C  CB  . LYS A 1 102 ? 5.294   -10.965 -9.311  1.00 18.29 ?  81  LYS A CB  1 
ATOM   635  C  CG  . LYS A 1 102 ? 6.556   -11.710 -9.703  1.00 21.07 ?  81  LYS A CG  1 
ATOM   636  C  CD  . LYS A 1 102 ? 7.452   -10.868 -10.593 1.00 27.84 ?  81  LYS A CD  1 
ATOM   637  C  CE  . LYS A 1 102 ? 8.531   -11.726 -11.238 1.00 30.16 ?  81  LYS A CE  1 
ATOM   638  N  NZ  . LYS A 1 102 ? 9.644   -10.899 -11.783 1.00 35.62 ?  81  LYS A NZ  1 
ATOM   639  N  N   . SER A 1 103 ? 3.980   -7.884  -8.552  1.00 14.35 ?  82  SER A N   1 
ATOM   640  C  CA  . SER A 1 103 ? 2.804   -7.106  -8.197  1.00 9.99  ?  82  SER A CA  1 
ATOM   641  C  C   . SER A 1 103 ? 2.002   -6.735  -9.436  1.00 13.23 ?  82  SER A C   1 
ATOM   642  O  O   . SER A 1 103 ? 2.560   -6.485  -10.508 1.00 11.45 ?  82  SER A O   1 
ATOM   643  C  CB  . SER A 1 103 ? 3.187   -5.826  -7.446  1.00 14.11 ?  82  SER A CB  1 
ATOM   644  O  OG  . SER A 1 103 ? 3.845   -6.113  -6.225  1.00 16.76 ?  82  SER A OG  1 
ATOM   645  N  N   . THR A 1 104 ? 0.682   -6.697  -9.269  1.00 12.54 ?  83  THR A N   1 
ATOM   646  C  CA  . THR A 1 104 ? -0.231  -6.174  -10.276 1.00 10.47 ?  83  THR A CA  1 
ATOM   647  C  C   . THR A 1 104 ? -1.280  -5.336  -9.564  1.00 14.11 ?  83  THR A C   1 
ATOM   648  O  O   . THR A 1 104 ? -1.856  -5.782  -8.567  1.00 9.89  ?  83  THR A O   1 
ATOM   649  C  CB  . THR A 1 104 ? -0.906  -7.294  -11.076 1.00 15.11 ?  83  THR A CB  1 
ATOM   650  O  OG1 . THR A 1 104 ? 0.095   -8.147  -11.645 1.00 16.69 ?  83  THR A OG1 1 
ATOM   651  C  CG2 . THR A 1 104 ? -1.758  -6.713  -12.197 1.00 13.88 ?  83  THR A CG2 1 
ATOM   652  N  N   . ILE A 1 105 ? -1.520  -4.128  -10.068 1.00 10.72 ?  84  ILE A N   1 
ATOM   653  C  CA  . ILE A 1 105 ? -2.473  -3.200  -9.472  1.00 8.79  ?  84  ILE A CA  1 
ATOM   654  C  C   . ILE A 1 105 ? -3.521  -2.851  -10.518 1.00 14.17 ?  84  ILE A C   1 
ATOM   655  O  O   . ILE A 1 105 ? -3.180  -2.518  -11.657 1.00 9.90  ?  84  ILE A O   1 
ATOM   656  C  CB  . ILE A 1 105 ? -1.778  -1.932  -8.946  1.00 10.40 ?  84  ILE A CB  1 
ATOM   657  C  CG1 . ILE A 1 105 ? -0.696  -2.314  -7.930  1.00 11.55 ?  84  ILE A CG1 1 
ATOM   658  C  CG2 . ILE A 1 105 ? -2.788  -0.993  -8.311  1.00 9.97  ?  84  ILE A CG2 1 
ATOM   659  C  CD1 . ILE A 1 105 ? -0.022  -1.132  -7.273  1.00 12.59 ?  84  ILE A CD1 1 
ATOM   660  N  N   . THR A 1 106 ? -4.794  -2.941  -10.132 1.00 10.80 ?  85  THR A N   1 
ATOM   661  C  CA  . THR A 1 106 ? -5.910  -2.631  -11.014 1.00 12.99 ?  85  THR A CA  1 
ATOM   662  C  C   . THR A 1 106 ? -6.903  -1.743  -10.277 1.00 19.36 ?  85  THR A C   1 
ATOM   663  O  O   . THR A 1 106 ? -6.878  -1.634  -9.048  1.00 13.96 ?  85  THR A O   1 
ATOM   664  C  CB  . THR A 1 106 ? -6.622  -3.902  -11.498 1.00 17.45 ?  85  THR A CB  1 
ATOM   665  O  OG1 . THR A 1 106 ? -7.018  -4.681  -10.361 1.00 19.17 ?  85  THR A OG1 1 
ATOM   666  C  CG2 . THR A 1 106 ? -5.703  -4.739  -12.384 1.00 15.99 ?  85  THR A CG2 1 
ATOM   667  N  N   . LEU A 1 107 ? -7.788  -1.114  -11.046 1.00 15.36 ?  86  LEU A N   1 
ATOM   668  C  CA  . LEU A 1 107 ? -8.849  -0.267  -10.518 1.00 18.85 ?  86  LEU A CA  1 
ATOM   669  C  C   . LEU A 1 107 ? -10.166 -1.027  -10.588 1.00 25.15 ?  86  LEU A C   1 
ATOM   670  O  O   . LEU A 1 107 ? -10.641 -1.355  -11.681 1.00 29.64 ?  86  LEU A O   1 
ATOM   671  C  CB  . LEU A 1 107 ? -8.952  1.043   -11.301 1.00 21.84 ?  86  LEU A CB  1 
ATOM   672  C  CG  . LEU A 1 107 ? -8.490  2.332   -10.620 1.00 26.68 ?  86  LEU A CG  1 
ATOM   673  C  CD1 . LEU A 1 107 ? -8.755  3.534   -11.516 1.00 22.39 ?  86  LEU A CD1 1 
ATOM   674  C  CD2 . LEU A 1 107 ? -9.174  2.510   -9.276  1.00 20.49 ?  86  LEU A CD2 1 
ATOM   675  N  N   . ASP A 1 108 ? -10.758 -1.298  -9.428  1.00 20.21 ?  87  ASP A N   1 
ATOM   676  C  CA  . ASP A 1 108 ? -12.035 -2.002  -9.330  1.00 23.32 ?  87  ASP A CA  1 
ATOM   677  C  C   . ASP A 1 108 ? -13.037 -1.081  -8.640  1.00 21.80 ?  87  ASP A C   1 
ATOM   678  O  O   . ASP A 1 108 ? -13.004 -0.928  -7.415  1.00 19.00 ?  87  ASP A O   1 
ATOM   679  C  CB  . ASP A 1 108 ? -11.882 -3.316  -8.569  1.00 22.90 ?  87  ASP A CB  1 
ATOM   680  C  CG  . ASP A 1 108 ? -13.211 -4.012  -8.331  1.00 35.72 ?  87  ASP A CG  1 
ATOM   681  O  OD1 . ASP A 1 108 ? -14.165 -3.768  -9.103  1.00 44.81 ?  87  ASP A OD1 1 
ATOM   682  O  OD2 . ASP A 1 108 ? -13.305 -4.799  -7.364  1.00 37.28 ?  87  ASP A OD2 1 
ATOM   683  N  N   . GLY A 1 109 ? -13.926 -0.477  -9.428  1.00 23.29 ?  88  GLY A N   1 
ATOM   684  C  CA  . GLY A 1 109 ? -14.984 0.362   -8.899  1.00 21.45 ?  88  GLY A CA  1 
ATOM   685  C  C   . GLY A 1 109 ? -14.518 1.408   -7.907  1.00 23.64 ?  88  GLY A C   1 
ATOM   686  O  O   . GLY A 1 109 ? -15.090 1.541   -6.821  1.00 22.04 ?  88  GLY A O   1 
ATOM   687  N  N   . GLY A 1 110 ? -13.472 2.149   -8.258  1.00 19.14 ?  89  GLY A N   1 
ATOM   688  C  CA  . GLY A 1 110 ? -12.953 3.186   -7.394  1.00 20.78 ?  89  GLY A CA  1 
ATOM   689  C  C   . GLY A 1 110 ? -11.886 2.741   -6.415  1.00 21.07 ?  89  GLY A C   1 
ATOM   690  O  O   . GLY A 1 110 ? -11.312 3.593   -5.726  1.00 16.27 ?  89  GLY A O   1 
ATOM   691  N  N   . VAL A 1 111 ? -11.599 1.446   -6.328  1.00 13.60 ?  90  VAL A N   1 
ATOM   692  C  CA  . VAL A 1 111 ? -10.653 0.904   -5.358  1.00 12.71 ?  90  VAL A CA  1 
ATOM   693  C  C   . VAL A 1 111 ? -9.403  0.447   -6.096  1.00 14.06 ?  90  VAL A C   1 
ATOM   694  O  O   . VAL A 1 111 ? -9.495  -0.297  -7.081  1.00 14.61 ?  90  VAL A O   1 
ATOM   695  C  CB  . VAL A 1 111 ? -11.269 -0.260  -4.561  1.00 11.54 ?  90  VAL A CB  1 
ATOM   696  C  CG1 . VAL A 1 111 ? -10.287 -0.757  -3.505  1.00 13.86 ?  90  VAL A CG1 1 
ATOM   697  C  CG2 . VAL A 1 111 ? -12.588 0.161   -3.931  1.00 16.74 ?  90  VAL A CG2 1 
ATOM   698  N  N   . LEU A 1 112 ? -8.240  0.893   -5.625  1.00 11.33 ?  91  LEU A N   1 
ATOM   699  C  CA  . LEU A 1 112 ? -6.971  0.368   -6.115  1.00 8.19  ?  91  LEU A CA  1 
ATOM   700  C  C   . LEU A 1 112 ? -6.709  -0.969  -5.440  1.00 12.22 ?  91  LEU A C   1 
ATOM   701  O  O   . LEU A 1 112 ? -6.590  -1.031  -4.213  1.00 12.56 ?  91  LEU A O   1 
ATOM   702  C  CB  . LEU A 1 112 ? -5.825  1.337   -5.831  1.00 13.40 ?  91  LEU A CB  1 
ATOM   703  C  CG  . LEU A 1 112 ? -5.678  2.580   -6.711  1.00 17.55 ?  91  LEU A CG  1 
ATOM   704  C  CD1 . LEU A 1 112 ? -4.608  3.511   -6.155  1.00 18.67 ?  91  LEU A CD1 1 
ATOM   705  C  CD2 . LEU A 1 112 ? -5.343  2.177   -8.138  1.00 13.39 ?  91  LEU A CD2 1 
ATOM   706  N  N   . VAL A 1 113 ? -6.628  -2.032  -6.232  1.00 9.98  ?  92  VAL A N   1 
ATOM   707  C  CA  . VAL A 1 113 ? -6.428  -3.384  -5.720  1.00 10.26 ?  92  VAL A CA  1 
ATOM   708  C  C   . VAL A 1 113 ? -5.028  -3.828  -6.112  1.00 12.78 ?  92  VAL A C   1 
ATOM   709  O  O   . VAL A 1 113 ? -4.708  -3.915  -7.303  1.00 12.46 ?  92  VAL A O   1 
ATOM   710  C  CB  . VAL A 1 113 ? -7.492  -4.353  -6.253  1.00 13.88 ?  92  VAL A CB  1 
ATOM   711  C  CG1 . VAL A 1 113 ? -7.354  -5.709  -5.585  1.00 14.55 ?  92  VAL A CG1 1 
ATOM   712  C  CG2 . VAL A 1 113 ? -8.881  -3.781  -6.030  1.00 14.30 ?  92  VAL A CG2 1 
ATOM   713  N  N   . HIS A 1 114 ? -4.200  -4.118  -5.110  1.00 11.75 ?  93  HIS A N   1 
ATOM   714  C  CA  . HIS A 1 114 ? -2.785  -4.424  -5.294  1.00 12.55 ?  93  HIS A CA  1 
ATOM   715  C  C   . HIS A 1 114 ? -2.534  -5.837  -4.783  1.00 13.47 ?  93  HIS A C   1 
ATOM   716  O  O   . HIS A 1 114 ? -2.637  -6.092  -3.580  1.00 11.45 ?  93  HIS A O   1 
ATOM   717  C  CB  . HIS A 1 114 ? -1.928  -3.396  -4.553  1.00 9.09  ?  93  HIS A CB  1 
ATOM   718  C  CG  . HIS A 1 114 ? -0.453  -3.644  -4.630  1.00 11.70 ?  93  HIS A CG  1 
ATOM   719  N  ND1 . HIS A 1 114 ? 0.462   -2.852  -3.971  1.00 13.63 ?  93  HIS A ND1 1 
ATOM   720  C  CD2 . HIS A 1 114 ? 0.269   -4.584  -5.288  1.00 12.94 ?  93  HIS A CD2 1 
ATOM   721  C  CE1 . HIS A 1 114 ? 1.683   -3.295  -4.213  1.00 14.10 ?  93  HIS A CE1 1 
ATOM   722  N  NE2 . HIS A 1 114 ? 1.594   -4.347  -5.008  1.00 14.36 ?  93  HIS A NE2 1 
ATOM   723  N  N   . VAL A 1 115 ? -2.204  -6.755  -5.691  1.00 13.83 ?  94  VAL A N   1 
ATOM   724  C  CA  . VAL A 1 115 ? -1.916  -8.142  -5.342  1.00 11.47 ?  94  VAL A CA  1 
ATOM   725  C  C   . VAL A 1 115 ? -0.412  -8.360  -5.436  1.00 14.15 ?  94  VAL A C   1 
ATOM   726  O  O   . VAL A 1 115 ? 0.207   -8.021  -6.451  1.00 13.74 ?  94  VAL A O   1 
ATOM   727  C  CB  . VAL A 1 115 ? -2.667  -9.126  -6.257  1.00 16.72 ?  94  VAL A CB  1 
ATOM   728  C  CG1 . VAL A 1 115 ? -2.285  -10.569 -5.921  1.00 18.65 ?  94  VAL A CG1 1 
ATOM   729  C  CG2 . VAL A 1 115 ? -4.172  -8.922  -6.144  1.00 16.78 ?  94  VAL A CG2 1 
ATOM   730  N  N   . GLN A 1 116 ? 0.171   -8.924  -4.381  1.00 9.25  ?  95  GLN A N   1 
ATOM   731  C  CA  . GLN A 1 116 ? 1.578   -9.304  -4.362  1.00 10.81 ?  95  GLN A CA  1 
ATOM   732  C  C   . GLN A 1 116 ? 1.672   -10.819 -4.272  1.00 15.26 ?  95  GLN A C   1 
ATOM   733  O  O   . GLN A 1 116 ? 1.016   -11.434 -3.426  1.00 12.38 ?  95  GLN A O   1 
ATOM   734  C  CB  . GLN A 1 116 ? 2.318   -8.669  -3.181  1.00 10.91 ?  95  GLN A CB  1 
ATOM   735  C  CG  . GLN A 1 116 ? 2.217   -7.160  -3.096  1.00 14.81 ?  95  GLN A CG  1 
ATOM   736  C  CD  . GLN A 1 116 ? 2.870   -6.613  -1.844  1.00 14.33 ?  95  GLN A CD  1 
ATOM   737  O  OE1 . GLN A 1 116 ? 2.834   -7.244  -0.782  1.00 14.36 ?  95  GLN A OE1 1 
ATOM   738  N  NE2 . GLN A 1 116 ? 3.485   -5.442  -1.960  1.00 13.37 ?  95  GLN A NE2 1 
ATOM   739  N  N   . LYS A 1 117 ? 2.492   -11.416 -5.132  1.00 13.04 ?  96  LYS A N   1 
ATOM   740  C  CA  . LYS A 1 117 ? 2.719   -12.854 -5.127  1.00 12.79 ?  96  LYS A CA  1 
ATOM   741  C  C   . LYS A 1 117 ? 4.208   -13.131 -4.961  1.00 15.81 ?  96  LYS A C   1 
ATOM   742  O  O   . LYS A 1 117 ? 5.044   -12.478 -5.590  1.00 13.29 ?  96  LYS A O   1 
ATOM   743  C  CB  . LYS A 1 117 ? 2.190   -13.501 -6.413  1.00 16.30 ?  96  LYS A CB  1 
ATOM   744  N  N   . TRP A 1 118 ? 4.533   -14.088 -4.094  1.00 15.46 ?  97  TRP A N   1 
ATOM   745  C  CA  . TRP A 1 118 ? 5.918   -14.453 -3.825  1.00 14.18 ?  97  TRP A CA  1 
ATOM   746  C  C   . TRP A 1 118 ? 5.926   -15.793 -3.106  1.00 17.86 ?  97  TRP A C   1 
ATOM   747  O  O   . TRP A 1 118 ? 5.000   -16.105 -2.353  1.00 21.12 ?  97  TRP A O   1 
ATOM   748  C  CB  . TRP A 1 118 ? 6.634   -13.394 -2.974  1.00 12.84 ?  97  TRP A CB  1 
ATOM   749  C  CG  . TRP A 1 118 ? 6.298   -13.484 -1.514  1.00 17.54 ?  97  TRP A CG  1 
ATOM   750  C  CD1 . TRP A 1 118 ? 7.054   -14.057 -0.530  1.00 19.06 ?  97  TRP A CD1 1 
ATOM   751  C  CD2 . TRP A 1 118 ? 5.109   -13.003 -0.875  1.00 16.47 ?  97  TRP A CD2 1 
ATOM   752  N  NE1 . TRP A 1 118 ? 6.411   -13.958 0.681   1.00 21.11 ?  97  TRP A NE1 1 
ATOM   753  C  CE2 . TRP A 1 118 ? 5.215   -13.314 0.497   1.00 20.27 ?  97  TRP A CE2 1 
ATOM   754  C  CE3 . TRP A 1 118 ? 3.967   -12.339 -1.328  1.00 15.15 ?  97  TRP A CE3 1 
ATOM   755  C  CZ2 . TRP A 1 118 ? 4.223   -12.982 1.416   1.00 19.18 ?  97  TRP A CZ2 1 
ATOM   756  C  CZ3 . TRP A 1 118 ? 2.984   -12.009 -0.414  1.00 14.94 ?  97  TRP A CZ3 1 
ATOM   757  C  CH2 . TRP A 1 118 ? 3.118   -12.332 0.944   1.00 18.83 ?  97  TRP A CH2 1 
ATOM   758  N  N   . ASP A 1 119 ? 6.975   -16.581 -3.361  1.00 23.75 ?  98  ASP A N   1 
ATOM   759  C  CA  . ASP A 1 119 ? 7.221   -17.851 -2.677  1.00 20.68 ?  98  ASP A CA  1 
ATOM   760  C  C   . ASP A 1 119 ? 5.954   -18.680 -2.503  1.00 22.17 ?  98  ASP A C   1 
ATOM   761  O  O   . ASP A 1 119 ? 5.762   -19.318 -1.463  1.00 26.28 ?  98  ASP A O   1 
ATOM   762  C  CB  . ASP A 1 119 ? 7.866   -17.598 -1.311  1.00 23.12 ?  98  ASP A CB  1 
ATOM   763  N  N   . GLY A 1 120 ? 5.077   -18.666 -3.504  1.00 21.66 ?  99  GLY A N   1 
ATOM   764  C  CA  . GLY A 1 120 ? 3.804   -19.343 -3.399  1.00 25.55 ?  99  GLY A CA  1 
ATOM   765  C  C   . GLY A 1 120 ? 2.786   -18.681 -2.497  1.00 32.43 ?  99  GLY A C   1 
ATOM   766  O  O   . GLY A 1 120 ? 1.695   -19.236 -2.318  1.00 28.70 ?  99  GLY A O   1 
ATOM   767  N  N   . LYS A 1 121 ? 3.096   -17.526 -1.917  1.00 26.47 ?  100 LYS A N   1 
ATOM   768  C  CA  . LYS A 1 121 ? 2.157   -16.790 -1.084  1.00 18.71 ?  100 LYS A CA  1 
ATOM   769  C  C   . LYS A 1 121 ? 1.546   -15.634 -1.870  1.00 18.07 ?  100 LYS A C   1 
ATOM   770  O  O   . LYS A 1 121 ? 2.023   -15.249 -2.940  1.00 17.90 ?  100 LYS A O   1 
ATOM   771  C  CB  . LYS A 1 121 ? 2.843   -16.260 0.178   1.00 21.00 ?  100 LYS A CB  1 
ATOM   772  C  CG  . LYS A 1 121 ? 3.479   -17.326 1.053   1.00 24.95 ?  100 LYS A CG  1 
ATOM   773  C  CD  . LYS A 1 121 ? 4.199   -16.675 2.219   1.00 27.41 ?  100 LYS A CD  1 
ATOM   774  C  CE  . LYS A 1 121 ? 5.159   -17.636 2.896   1.00 40.91 ?  100 LYS A CE  1 
ATOM   775  N  NZ  . LYS A 1 121 ? 6.139   -16.900 3.743   1.00 42.09 ?  100 LYS A NZ  1 
ATOM   776  N  N   . SER A 1 122 ? 0.479   -15.071 -1.310  1.00 14.81 ?  101 SER A N   1 
ATOM   777  C  CA  . SER A 1 122 ? -0.241  -13.979 -1.946  1.00 15.64 ?  101 SER A CA  1 
ATOM   778  C  C   . SER A 1 122 ? -0.888  -13.107 -0.882  1.00 16.39 ?  101 SER A C   1 
ATOM   779  O  O   . SER A 1 122 ? -1.445  -13.617 0.093   1.00 16.69 ?  101 SER A O   1 
ATOM   780  C  CB  . SER A 1 122 ? -1.311  -14.503 -2.908  1.00 15.71 ?  101 SER A CB  1 
ATOM   781  O  OG  . SER A 1 122 ? -2.251  -13.488 -3.215  1.00 28.83 ?  101 SER A OG  1 
ATOM   782  N  N   . THR A 1 123 ? -0.809  -11.794 -1.075  1.00 12.72 ?  102 THR A N   1 
ATOM   783  C  CA  . THR A 1 123 ? -1.491  -10.838 -0.219  1.00 12.49 ?  102 THR A CA  1 
ATOM   784  C  C   . THR A 1 123 ? -2.106  -9.760  -1.095  1.00 16.07 ?  102 THR A C   1 
ATOM   785  O  O   . THR A 1 123 ? -1.653  -9.506  -2.215  1.00 11.34 ?  102 THR A O   1 
ATOM   786  C  CB  . THR A 1 123 ? -0.546  -10.209 0.821   1.00 16.88 ?  102 THR A CB  1 
ATOM   787  O  OG1 . THR A 1 123 ? -1.297  -9.372  1.709   1.00 18.80 ?  102 THR A OG1 1 
ATOM   788  C  CG2 . THR A 1 123 ? 0.516   -9.366  0.139   1.00 14.99 ?  102 THR A CG2 1 
ATOM   789  N  N   . THR A 1 124 ? -3.163  -9.134  -0.583  1.00 12.64 ?  103 THR A N   1 
ATOM   790  C  CA  . THR A 1 124 ? -3.892  -8.120  -1.328  1.00 13.69 ?  103 THR A CA  1 
ATOM   791  C  C   . THR A 1 124 ? -3.997  -6.858  -0.491  1.00 17.47 ?  103 THR A C   1 
ATOM   792  O  O   . THR A 1 124 ? -4.384  -6.917  0.681   1.00 13.65 ?  103 THR A O   1 
ATOM   793  C  CB  . THR A 1 124 ? -5.288  -8.611  -1.720  1.00 11.12 ?  103 THR A CB  1 
ATOM   794  O  OG1 . THR A 1 124 ? -5.169  -9.783  -2.534  1.00 16.99 ?  103 THR A OG1 1 
ATOM   795  C  CG2 . THR A 1 124 ? -6.022  -7.540  -2.506  1.00 11.93 ?  103 THR A CG2 1 
ATOM   796  N  N   . ILE A 1 125 ? -3.646  -5.723  -1.092  1.00 11.72 ?  104 ILE A N   1 
ATOM   797  C  CA  . ILE A 1 125 ? -3.735  -4.417  -0.454  1.00 9.52  ?  104 ILE A CA  1 
ATOM   798  C  C   . ILE A 1 125 ? -4.721  -3.580  -1.250  1.00 13.14 ?  104 ILE A C   1 
ATOM   799  O  O   . ILE A 1 125 ? -4.575  -3.435  -2.468  1.00 11.32 ?  104 ILE A O   1 
ATOM   800  C  CB  . ILE A 1 125 ? -2.365  -3.716  -0.379  1.00 11.76 ?  104 ILE A CB  1 
ATOM   801  C  CG1 . ILE A 1 125 ? -1.337  -4.581  0.357   1.00 14.11 ?  104 ILE A CG1 1 
ATOM   802  C  CG2 . ILE A 1 125 ? -2.488  -2.369  0.304   1.00 13.64 ?  104 ILE A CG2 1 
ATOM   803  C  CD1 . ILE A 1 125 ? -0.378  -5.292  -0.566  1.00 21.31 ?  104 ILE A CD1 1 
ATOM   804  N  N   . LYS A 1 126 ? -5.724  -3.042  -0.568  1.00 10.66 ?  105 LYS A N   1 
ATOM   805  C  CA  . LYS A 1 126 ? -6.731  -2.199  -1.194  1.00 13.08 ?  105 LYS A CA  1 
ATOM   806  C  C   . LYS A 1 126 ? -6.630  -0.791  -0.632  1.00 10.62 ?  105 LYS A C   1 
ATOM   807  O  O   . LYS A 1 126 ? -6.539  -0.607  0.585   1.00 10.37 ?  105 LYS A O   1 
ATOM   808  C  CB  . LYS A 1 126 ? -8.139  -2.752  -0.965  1.00 12.93 ?  105 LYS A CB  1 
ATOM   809  C  CG  . LYS A 1 126 ? -8.357  -4.130  -1.556  1.00 18.84 ?  105 LYS A CG  1 
ATOM   810  C  CD  . LYS A 1 126 ? -9.788  -4.596  -1.357  1.00 26.59 ?  105 LYS A CD  1 
ATOM   811  C  CE  . LYS A 1 126 ? -9.996  -5.988  -1.933  1.00 40.57 ?  105 LYS A CE  1 
ATOM   812  N  NZ  . LYS A 1 126 ? -11.376 -6.488  -1.687  1.00 44.08 ?  105 LYS A NZ  1 
ATOM   813  N  N   . ARG A 1 127 ? -6.635  0.198   -1.525  1.00 10.35 ?  106 ARG A N   1 
ATOM   814  C  CA  . ARG A 1 127 ? -6.686  1.606   -1.158  1.00 11.06 ?  106 ARG A CA  1 
ATOM   815  C  C   . ARG A 1 127 ? -7.985  2.199   -1.682  1.00 10.79 ?  106 ARG A C   1 
ATOM   816  O  O   . ARG A 1 127 ? -8.302  2.053   -2.866  1.00 10.90 ?  106 ARG A O   1 
ATOM   817  C  CB  . ARG A 1 127 ? -5.504  2.386   -1.735  1.00 14.24 ?  106 ARG A CB  1 
ATOM   818  C  CG  . ARG A 1 127 ? -4.137  1.941   -1.269  1.00 14.17 ?  106 ARG A CG  1 
ATOM   819  C  CD  . ARG A 1 127 ? -3.073  2.644   -2.092  1.00 17.24 ?  106 ARG A CD  1 
ATOM   820  N  NE  . ARG A 1 127 ? -1.729  2.430   -1.570  1.00 22.25 ?  106 ARG A NE  1 
ATOM   821  C  CZ  . ARG A 1 127 ? -0.990  1.354   -1.812  1.00 21.17 ?  106 ARG A CZ  1 
ATOM   822  N  NH1 . ARG A 1 127 ? -1.460  0.366   -2.565  1.00 20.65 ?  106 ARG A NH1 1 
ATOM   823  N  NH2 . ARG A 1 127 ? 0.226   1.263   -1.293  1.00 25.84 ?  106 ARG A NH2 1 
ATOM   824  N  N   . LYS A 1 128 ? -8.727  2.874   -0.810  1.00 9.76  ?  107 LYS A N   1 
ATOM   825  C  CA  . LYS A 1 128 ? -9.997  3.454   -1.215  1.00 12.87 ?  107 LYS A CA  1 
ATOM   826  C  C   . LYS A 1 128 ? -10.181 4.792   -0.517  1.00 13.81 ?  107 LYS A C   1 
ATOM   827  O  O   . LYS A 1 128 ? -9.654  5.017   0.573   1.00 16.14 ?  107 LYS A O   1 
ATOM   828  C  CB  . LYS A 1 128 ? -11.172 2.526   -0.893  1.00 14.67 ?  107 LYS A CB  1 
ATOM   829  N  N   . ARG A 1 129 ? -10.934 5.677   -1.164  1.00 12.14 ?  108 ARG A N   1 
ATOM   830  C  CA  . ARG A 1 129 ? -11.304 6.956   -0.576  1.00 13.54 ?  108 ARG A CA  1 
ATOM   831  C  C   . ARG A 1 129 ? -12.602 6.811   0.211   1.00 16.80 ?  108 ARG A C   1 
ATOM   832  O  O   . ARG A 1 129 ? -13.608 6.328   -0.319  1.00 19.23 ?  108 ARG A O   1 
ATOM   833  C  CB  . ARG A 1 129 ? -11.453 8.023   -1.661  1.00 15.15 ?  108 ARG A CB  1 
ATOM   834  C  CG  . ARG A 1 129 ? -10.127 8.552   -2.188  1.00 15.64 ?  108 ARG A CG  1 
ATOM   835  C  CD  . ARG A 1 129 ? -9.381  9.339   -1.113  1.00 17.94 ?  108 ARG A CD  1 
ATOM   836  N  NE  . ARG A 1 129 ? -10.252 10.300  -0.433  1.00 21.11 ?  108 ARG A NE  1 
ATOM   837  C  CZ  . ARG A 1 129 ? -10.560 11.495  -0.923  1.00 21.89 ?  108 ARG A CZ  1 
ATOM   838  N  NH1 . ARG A 1 129 ? -10.073 11.869  -2.097  1.00 23.21 ?  108 ARG A NH1 1 
ATOM   839  N  NH2 . ARG A 1 129 ? -11.358 12.311  -0.252  1.00 26.35 ?  108 ARG A NH2 1 
ATOM   840  N  N   . GLU A 1 130 ? -12.567 7.224   1.478   1.00 16.44 ?  109 GLU A N   1 
ATOM   841  C  CA  . GLU A 1 130 ? -13.727 7.219   2.363   1.00 16.22 ?  109 GLU A CA  1 
ATOM   842  C  C   . GLU A 1 130 ? -13.786 8.568   3.064   1.00 16.85 ?  109 GLU A C   1 
ATOM   843  O  O   . GLU A 1 130 ? -12.914 8.876   3.881   1.00 13.58 ?  109 GLU A O   1 
ATOM   844  C  CB  . GLU A 1 130 ? -13.635 6.087   3.390   1.00 15.72 ?  109 GLU A CB  1 
ATOM   845  C  CG  . GLU A 1 130 ? -13.402 4.710   2.792   1.00 27.80 ?  109 GLU A CG  1 
ATOM   846  C  CD  . GLU A 1 130 ? -14.655 3.860   2.760   1.00 41.13 ?  109 GLU A CD  1 
ATOM   847  O  OE1 . GLU A 1 130 ? -15.762 4.420   2.921   1.00 52.27 ?  109 GLU A OE1 1 
ATOM   848  O  OE2 . GLU A 1 130 ? -14.530 2.629   2.580   1.00 45.34 ?  109 GLU A OE2 1 
ATOM   849  N  N   . ASP A 1 131 ? -14.808 9.365   2.749   1.00 17.86 ?  110 ASP A N   1 
ATOM   850  C  CA  . ASP A 1 131 ? -14.915 10.748  3.239   1.00 15.63 ?  110 ASP A CA  1 
ATOM   851  C  C   . ASP A 1 131 ? -13.623 11.463  2.843   1.00 12.52 ?  110 ASP A C   1 
ATOM   852  O  O   . ASP A 1 131 ? -13.209 11.368  1.680   1.00 17.16 ?  110 ASP A O   1 
ATOM   853  C  CB  . ASP A 1 131 ? -15.243 10.755  4.731   1.00 20.44 ?  110 ASP A CB  1 
ATOM   854  C  CG  . ASP A 1 131 ? -16.598 10.145  5.041   1.00 34.08 ?  110 ASP A CG  1 
ATOM   855  O  OD1 . ASP A 1 131 ? -17.475 10.169  4.154   1.00 34.09 ?  110 ASP A OD1 1 
ATOM   856  O  OD2 . ASP A 1 131 ? -16.789 9.646   6.173   1.00 38.89 ?  110 ASP A OD2 1 
ATOM   857  N  N   . ASP A 1 132 ? -12.951 12.162  3.756   1.00 13.91 ?  111 ASP A N   1 
ATOM   858  C  CA  . ASP A 1 132 ? -11.714 12.865  3.443   1.00 15.82 ?  111 ASP A CA  1 
ATOM   859  C  C   . ASP A 1 132 ? -10.477 12.005  3.655   1.00 14.96 ?  111 ASP A C   1 
ATOM   860  O  O   . ASP A 1 132 ? -9.357  12.522  3.589   1.00 18.64 ?  111 ASP A O   1 
ATOM   861  C  CB  . ASP A 1 132 ? -11.600 14.139  4.283   1.00 14.86 ?  111 ASP A CB  1 
ATOM   862  C  CG  . ASP A 1 132 ? -12.564 15.219  3.841   1.00 18.72 ?  111 ASP A CG  1 
ATOM   863  O  OD1 . ASP A 1 132 ? -12.711 15.420  2.617   1.00 19.47 ?  111 ASP A OD1 1 
ATOM   864  O  OD2 . ASP A 1 132 ? -13.173 15.864  4.719   1.00 23.15 ?  111 ASP A OD2 1 
ATOM   865  N  N   . LYS A 1 133 ? -10.650 10.714  3.902   1.00 13.49 ?  112 LYS A N   1 
ATOM   866  C  CA  . LYS A 1 133 ? -9.559  9.822   4.251   1.00 11.82 ?  112 LYS A CA  1 
ATOM   867  C  C   . LYS A 1 133 ? -9.233  8.881   3.098   1.00 16.56 ?  112 LYS A C   1 
ATOM   868  O  O   . LYS A 1 133 ? -10.028 8.686   2.174   1.00 11.92 ?  112 LYS A O   1 
ATOM   869  C  CB  . LYS A 1 133 ? -9.912  9.004   5.497   1.00 16.98 ?  112 LYS A CB  1 
ATOM   870  C  CG  . LYS A 1 133 ? -10.302 9.846   6.699   1.00 21.61 ?  112 LYS A CG  1 
ATOM   871  C  CD  . LYS A 1 133 ? -11.104 9.038   7.704   1.00 26.78 ?  112 LYS A CD  1 
ATOM   872  C  CE  . LYS A 1 133 ? -11.188 9.763   9.034   1.00 37.23 ?  112 LYS A CE  1 
ATOM   873  N  NZ  . LYS A 1 133 ? -12.239 9.187   9.916   1.00 52.59 ?  112 LYS A NZ  1 
ATOM   874  N  N   . LEU A 1 134 ? -8.037  8.306   3.170   1.00 10.08 ?  113 LEU A N   1 
ATOM   875  C  CA  . LEU A 1 134 ? -7.617  7.202   2.320   1.00 12.89 ?  113 LEU A CA  1 
ATOM   876  C  C   . LEU A 1 134 ? -7.461  5.989   3.223   1.00 13.49 ?  113 LEU A C   1 
ATOM   877  O  O   . LEU A 1 134 ? -6.633  6.001   4.141   1.00 14.47 ?  113 LEU A O   1 
ATOM   878  C  CB  . LEU A 1 134 ? -6.308  7.531   1.598   1.00 13.08 ?  113 LEU A CB  1 
ATOM   879  C  CG  . LEU A 1 134 ? -5.757  6.590   0.522   1.00 14.26 ?  113 LEU A CG  1 
ATOM   880  C  CD1 . LEU A 1 134 ? -4.888  7.374   -0.443  1.00 15.79 ?  113 LEU A CD1 1 
ATOM   881  C  CD2 . LEU A 1 134 ? -4.947  5.463   1.135   1.00 17.91 ?  113 LEU A CD2 1 
ATOM   882  N  N   . VAL A 1 135 ? -8.269  4.962   2.985   1.00 11.13 ?  114 VAL A N   1 
ATOM   883  C  CA  . VAL A 1 135 ? -8.317  3.783   3.840   1.00 11.04 ?  114 VAL A CA  1 
ATOM   884  C  C   . VAL A 1 135 ? -7.616  2.639   3.125   1.00 13.32 ?  114 VAL A C   1 
ATOM   885  O  O   . VAL A 1 135 ? -7.921  2.345   1.963   1.00 14.13 ?  114 VAL A O   1 
ATOM   886  C  CB  . VAL A 1 135 ? -9.764  3.403   4.200   1.00 16.29 ?  114 VAL A CB  1 
ATOM   887  C  CG1 . VAL A 1 135 ? -9.784  2.156   5.075   1.00 17.30 ?  114 VAL A CG1 1 
ATOM   888  C  CG2 . VAL A 1 135 ? -10.451 4.565   4.898   1.00 14.13 ?  114 VAL A CG2 1 
ATOM   889  N  N   . VAL A 1 136 ? -6.678  2.001   3.821   1.00 12.85 ?  115 VAL A N   1 
ATOM   890  C  CA  . VAL A 1 136 ? -5.925  0.868   3.299   1.00 10.34 ?  115 VAL A CA  1 
ATOM   891  C  C   . VAL A 1 136 ? -6.361  -0.378  4.055   1.00 13.46 ?  115 VAL A C   1 
ATOM   892  O  O   . VAL A 1 136 ? -6.421  -0.373  5.288   1.00 14.17 ?  115 VAL A O   1 
ATOM   893  C  CB  . VAL A 1 136 ? -4.407  1.083   3.438   1.00 11.24 ?  115 VAL A CB  1 
ATOM   894  C  CG1 . VAL A 1 136 ? -3.656  -0.085  2.831   1.00 13.10 ?  115 VAL A CG1 1 
ATOM   895  C  CG2 . VAL A 1 136 ? -3.983  2.387   2.783   1.00 13.83 ?  115 VAL A CG2 1 
ATOM   896  N  N   . GLU A 1 137 ? -6.669  -1.438  3.315   1.00 11.52 ?  116 GLU A N   1 
ATOM   897  C  CA  . GLU A 1 137 ? -6.996  -2.736  3.890   1.00 11.72 ?  116 GLU A CA  1 
ATOM   898  C  C   . GLU A 1 137 ? -5.972  -3.742  3.388   1.00 16.57 ?  116 GLU A C   1 
ATOM   899  O  O   . GLU A 1 137 ? -5.869  -3.974  2.180   1.00 16.83 ?  116 GLU A O   1 
ATOM   900  C  CB  . GLU A 1 137 ? -8.410  -3.177  3.510   1.00 15.79 ?  116 GLU A CB  1 
ATOM   901  N  N   . CYS A 1 138 ? -5.219  -4.328  4.310   1.00 13.08 ?  117 CYS A N   1 
ATOM   902  C  CA  . CYS A 1 138 ? -4.201  -5.320  3.990   1.00 14.95 ?  117 CYS A CA  1 
ATOM   903  C  C   . CYS A 1 138 ? -4.733  -6.687  4.391   1.00 14.32 ?  117 CYS A C   1 
ATOM   904  O  O   . CYS A 1 138 ? -5.066  -6.904  5.560   1.00 17.34 ?  117 CYS A O   1 
ATOM   905  C  CB  . CYS A 1 138 ? -2.890  -5.012  4.714   1.00 16.16 ?  117 CYS A CB  1 
ATOM   906  S  SG  . CYS A 1 138 ? -2.141  -3.417  4.275   1.00 22.82 ?  117 CYS A SG  1 
ATOM   907  N  N   . VAL A 1 139 ? -4.822  -7.601  3.429   1.00 13.62 ?  118 VAL A N   1 
ATOM   908  C  CA  . VAL A 1 139 ? -5.443  -8.902  3.639   1.00 16.31 ?  118 VAL A CA  1 
ATOM   909  C  C   . VAL A 1 139 ? -4.427  -9.994  3.330   1.00 17.82 ?  118 VAL A C   1 
ATOM   910  O  O   . VAL A 1 139 ? -3.826  -10.004 2.250   1.00 15.02 ?  118 VAL A O   1 
ATOM   911  C  CB  . VAL A 1 139 ? -6.708  -9.073  2.778   1.00 18.92 ?  118 VAL A CB  1 
ATOM   912  C  CG1 . VAL A 1 139 ? -7.342  -10.422 3.037   1.00 23.07 ?  118 VAL A CG1 1 
ATOM   913  C  CG2 . VAL A 1 139 ? -7.705  -7.956  3.068   1.00 24.15 ?  118 VAL A CG2 1 
ATOM   914  N  N   . MET A 1 140 ? -4.239  -10.907 4.278   1.00 15.24 ?  119 MET A N   1 
ATOM   915  C  CA  . MET A 1 140 ? -3.391  -12.081 4.080   1.00 15.18 ?  119 MET A CA  1 
ATOM   916  C  C   . MET A 1 140 ? -4.144  -13.262 4.673   1.00 23.69 ?  119 MET A C   1 
ATOM   917  O  O   . MET A 1 140 ? -4.271  -13.362 5.898   1.00 17.17 ?  119 MET A O   1 
ATOM   918  C  CB  . MET A 1 140 ? -2.019  -11.895 4.735   1.00 18.68 ?  119 MET A CB  1 
ATOM   919  C  CG  . MET A 1 140 ? -1.106  -13.118 4.697   1.00 24.20 ?  119 MET A CG  1 
ATOM   920  S  SD  . MET A 1 140 ? -0.374  -13.414 3.088   1.00 30.19 ?  119 MET A SD  1 
ATOM   921  C  CE  . MET A 1 140 ? 0.340   -15.046 3.313   1.00 19.70 ?  119 MET A CE  1 
ATOM   922  N  N   . LYS A 1 141 ? -4.670  -14.126 3.805   1.00 19.64 ?  120 LYS A N   1 
ATOM   923  C  CA  . LYS A 1 141 ? -5.520  -15.262 4.198   1.00 20.16 ?  120 LYS A CA  1 
ATOM   924  C  C   . LYS A 1 141 ? -6.699  -14.696 4.987   1.00 27.25 ?  120 LYS A C   1 
ATOM   925  O  O   . LYS A 1 141 ? -7.421  -13.831 4.461   1.00 28.33 ?  120 LYS A O   1 
ATOM   926  C  CB  . LYS A 1 141 ? -4.672  -16.305 4.920   1.00 20.86 ?  120 LYS A CB  1 
ATOM   927  N  N   . GLY A 1 142 ? -6.933  -15.123 6.223   1.00 24.72 ?  121 GLY A N   1 
ATOM   928  C  CA  . GLY A 1 142 ? -8.046  -14.628 7.004   1.00 18.42 ?  121 GLY A CA  1 
ATOM   929  C  C   . GLY A 1 142 ? -7.748  -13.434 7.885   1.00 18.33 ?  121 GLY A C   1 
ATOM   930  O  O   . GLY A 1 142 ? -8.602  -13.051 8.692   1.00 16.05 ?  121 GLY A O   1 
ATOM   931  N  N   . VAL A 1 143 ? -6.571  -12.830 7.760   1.00 15.19 ?  122 VAL A N   1 
ATOM   932  C  CA  . VAL A 1 143 ? -6.143  -11.731 8.618   1.00 15.73 ?  122 VAL A CA  1 
ATOM   933  C  C   . VAL A 1 143 ? -6.249  -10.434 7.831   1.00 17.68 ?  122 VAL A C   1 
ATOM   934  O  O   . VAL A 1 143 ? -5.724  -10.332 6.715   1.00 17.63 ?  122 VAL A O   1 
ATOM   935  C  CB  . VAL A 1 143 ? -4.709  -11.941 9.131   1.00 16.00 ?  122 VAL A CB  1 
ATOM   936  C  CG1 . VAL A 1 143 ? -4.239  -10.722 9.908   1.00 14.66 ?  122 VAL A CG1 1 
ATOM   937  C  CG2 . VAL A 1 143 ? -4.630  -13.195 9.989   1.00 16.47 ?  122 VAL A CG2 1 
ATOM   938  N  N   . THR A 1 144 ? -6.921  -9.444  8.412   1.00 14.50 ?  123 THR A N   1 
ATOM   939  C  CA  . THR A 1 144 ? -7.107  -8.144  7.788   1.00 18.20 ?  123 THR A CA  1 
ATOM   940  C  C   . THR A 1 144 ? -6.573  -7.054  8.709   1.00 20.83 ?  123 THR A C   1 
ATOM   941  O  O   . THR A 1 144 ? -6.780  -7.102  9.927   1.00 19.62 ?  123 THR A O   1 
ATOM   942  C  CB  . THR A 1 144 ? -8.587  -7.877  7.473   1.00 18.78 ?  123 THR A CB  1 
ATOM   943  O  OG1 . THR A 1 144 ? -9.091  -8.907  6.615   1.00 23.85 ?  123 THR A OG1 1 
ATOM   944  C  CG2 . THR A 1 144 ? -8.757  -6.523  6.788   1.00 18.01 ?  123 THR A CG2 1 
ATOM   945  N  N   . SER A 1 145 ? -5.881  -6.082  8.123   1.00 15.62 ?  124 SER A N   1 
ATOM   946  C  CA  . SER A 1 145 ? -5.414  -4.900  8.832   1.00 14.65 ?  124 SER A CA  1 
ATOM   947  C  C   . SER A 1 145 ? -5.934  -3.659  8.124   1.00 15.01 ?  124 SER A C   1 
ATOM   948  O  O   . SER A 1 145 ? -5.963  -3.606  6.891   1.00 11.94 ?  124 SER A O   1 
ATOM   949  C  CB  . SER A 1 145 ? -3.887  -4.854  8.900   1.00 13.98 ?  124 SER A CB  1 
ATOM   950  O  OG  . SER A 1 145 ? -3.445  -3.615  9.430   1.00 18.39 ?  124 SER A OG  1 
ATOM   951  N  N   . THR A 1 146 ? -6.349  -2.667  8.906   1.00 12.35 ?  125 THR A N   1 
ATOM   952  C  CA  . THR A 1 146 ? -6.827  -1.400  8.372   1.00 12.95 ?  125 THR A CA  1 
ATOM   953  C  C   . THR A 1 146 ? -5.859  -0.291  8.759   1.00 15.87 ?  125 THR A C   1 
ATOM   954  O  O   . THR A 1 146 ? -5.518  -0.141  9.937   1.00 16.82 ?  125 THR A O   1 
ATOM   955  C  CB  . THR A 1 146 ? -8.233  -1.076  8.884   1.00 20.81 ?  125 THR A CB  1 
ATOM   956  O  OG1 . THR A 1 146 ? -9.127  -2.144  8.548   1.00 22.39 ?  125 THR A OG1 1 
ATOM   957  C  CG2 . THR A 1 146 ? -8.741  0.204   8.245   1.00 25.49 ?  125 THR A CG2 1 
ATOM   958  N  N   . ARG A 1 147 ? -5.413  0.471   7.764   1.00 9.99  ?  126 ARG A N   1 
ATOM   959  C  CA  . ARG A 1 147 ? -4.555  1.631   7.964   1.00 11.04 ?  126 ARG A CA  1 
ATOM   960  C  C   . ARG A 1 147 ? -5.270  2.839   7.376   1.00 13.34 ?  126 ARG A C   1 
ATOM   961  O  O   . ARG A 1 147 ? -5.609  2.843   6.188   1.00 13.74 ?  126 ARG A O   1 
ATOM   962  C  CB  . ARG A 1 147 ? -3.191  1.429   7.301   1.00 10.52 ?  126 ARG A CB  1 
ATOM   963  C  CG  . ARG A 1 147 ? -2.488  0.144   7.705   1.00 14.47 ?  126 ARG A CG  1 
ATOM   964  C  CD  . ARG A 1 147 ? -1.588  0.350   8.910   1.00 14.23 ?  126 ARG A CD  1 
ATOM   965  N  NE  . ARG A 1 147 ? -0.277  0.865   8.522   1.00 16.69 ?  126 ARG A NE  1 
ATOM   966  C  CZ  . ARG A 1 147 ? 0.739   1.037   9.362   1.00 11.82 ?  126 ARG A CZ  1 
ATOM   967  N  NH1 . ARG A 1 147 ? 0.600   0.742   10.647  1.00 11.47 ?  126 ARG A NH1 1 
ATOM   968  N  NH2 . ARG A 1 147 ? 1.897   1.502   8.914   1.00 14.02 ?  126 ARG A NH2 1 
ATOM   969  N  N   . VAL A 1 148 ? -5.514  3.850   8.204   1.00 10.34 ?  127 VAL A N   1 
ATOM   970  C  CA  . VAL A 1 148 ? -6.277  5.029   7.807   1.00 8.83  ?  127 VAL A CA  1 
ATOM   971  C  C   . VAL A 1 148 ? -5.319  6.201   7.665   1.00 11.19 ?  127 VAL A C   1 
ATOM   972  O  O   . VAL A 1 148 ? -4.530  6.481   8.576   1.00 12.02 ?  127 VAL A O   1 
ATOM   973  C  CB  . VAL A 1 148 ? -7.392  5.346   8.818   1.00 13.60 ?  127 VAL A CB  1 
ATOM   974  C  CG1 . VAL A 1 148 ? -8.169  6.584   8.379   1.00 14.25 ?  127 VAL A CG1 1 
ATOM   975  C  CG2 . VAL A 1 148 ? -8.315  4.148   8.973   1.00 13.64 ?  127 VAL A CG2 1 
ATOM   976  N  N   . TYR A 1 149 ? -5.389  6.882   6.522   1.00 9.79  ?  128 TYR A N   1 
ATOM   977  C  CA  . TYR A 1 149 ? -4.557  8.035   6.222   1.00 11.80 ?  128 TYR A CA  1 
ATOM   978  C  C   . TYR A 1 149 ? -5.425  9.272   6.038   1.00 14.07 ?  128 TYR A C   1 
ATOM   979  O  O   . TYR A 1 149 ? -6.551  9.189   5.542   1.00 13.25 ?  128 TYR A O   1 
ATOM   980  C  CB  . TYR A 1 149 ? -3.726  7.811   4.950   1.00 9.82  ?  128 TYR A CB  1 
ATOM   981  C  CG  . TYR A 1 149 ? -2.581  6.840   5.111   1.00 10.56 ?  128 TYR A CG  1 
ATOM   982  C  CD1 . TYR A 1 149 ? -2.807  5.471   5.164   1.00 11.21 ?  128 TYR A CD1 1 
ATOM   983  C  CD2 . TYR A 1 149 ? -1.271  7.291   5.191   1.00 14.45 ?  128 TYR A CD2 1 
ATOM   984  C  CE1 . TYR A 1 149 ? -1.756  4.578   5.308   1.00 12.08 ?  128 TYR A CE1 1 
ATOM   985  C  CE2 . TYR A 1 149 ? -0.214  6.407   5.334   1.00 12.00 ?  128 TYR A CE2 1 
ATOM   986  C  CZ  . TYR A 1 149 ? -0.464  5.052   5.392   1.00 12.35 ?  128 TYR A CZ  1 
ATOM   987  O  OH  . TYR A 1 149 ? 0.586   4.172   5.538   1.00 12.53 ?  128 TYR A OH  1 
ATOM   988  N  N   . GLU A 1 150 ? -4.886  10.421  6.429   1.00 14.63 ?  129 GLU A N   1 
ATOM   989  C  CA  . GLU A 1 150 ? -5.530  11.706  6.200   1.00 17.15 ?  129 GLU A CA  1 
ATOM   990  C  C   . GLU A 1 150 ? -4.572  12.630  5.459   1.00 15.60 ?  129 GLU A C   1 
ATOM   991  O  O   . GLU A 1 150 ? -3.370  12.370  5.364   1.00 11.64 ?  129 GLU A O   1 
ATOM   992  C  CB  . GLU A 1 150 ? -5.990  12.334  7.523   1.00 18.37 ?  129 GLU A CB  1 
ATOM   993  C  CG  . GLU A 1 150 ? -6.920  11.426  8.308   1.00 29.19 ?  129 GLU A CG  1 
ATOM   994  C  CD  . GLU A 1 150 ? -7.665  12.143  9.417   1.00 43.17 ?  129 GLU A CD  1 
ATOM   995  O  OE1 . GLU A 1 150 ? -7.091  13.072  10.027  1.00 33.17 ?  129 GLU A OE1 1 
ATOM   996  O  OE2 . GLU A 1 150 ? -8.833  11.776  9.673   1.00 38.56 ?  129 GLU A OE2 1 
ATOM   997  N  N   . ARG A 1 151 ? -5.124  13.711  4.911   1.00 16.41 ?  130 ARG A N   1 
ATOM   998  C  CA  . ARG A 1 151 ? -4.313  14.681  4.183   1.00 18.03 ?  130 ARG A CA  1 
ATOM   999  C  C   . ARG A 1 151 ? -3.264  15.294  5.101   1.00 19.42 ?  130 ARG A C   1 
ATOM   1000 O  O   . ARG A 1 151 ? -3.555  15.670  6.240   1.00 18.68 ?  130 ARG A O   1 
ATOM   1001 C  CB  . ARG A 1 151 ? -5.205  15.777  3.591   1.00 17.06 ?  130 ARG A CB  1 
ATOM   1002 C  CG  . ARG A 1 151 ? -6.234  15.275  2.587   1.00 19.95 ?  130 ARG A CG  1 
ATOM   1003 C  CD  . ARG A 1 151 ? -5.775  15.505  1.156   1.00 27.98 ?  130 ARG A CD  1 
ATOM   1004 N  NE  . ARG A 1 151 ? -6.727  14.989  0.175   1.00 26.12 ?  130 ARG A NE  1 
ATOM   1005 C  CZ  . ARG A 1 151 ? -6.411  14.696  -1.083  1.00 24.67 ?  130 ARG A CZ  1 
ATOM   1006 N  NH1 . ARG A 1 151 ? -5.165  14.866  -1.505  1.00 17.36 ?  130 ARG A NH1 1 
ATOM   1007 N  NH2 . ARG A 1 151 ? -7.331  14.229  -1.918  1.00 19.61 ?  130 ARG A NH2 1 
ATOM   1008 N  N   . ALA A 1 152 ? -2.037  15.395  4.599   1.00 17.38 ?  131 ALA A N   1 
ATOM   1009 C  CA  . ALA A 1 152 ? -0.915  15.874  5.403   1.00 23.57 ?  131 ALA A CA  1 
ATOM   1010 C  C   . ALA A 1 152 ? -1.009  17.374  5.652   1.00 36.31 ?  131 ALA A C   1 
ATOM   1011 O  O   . ALA A 1 152 ? -1.689  18.092  4.919   1.00 43.24 ?  131 ALA A O   1 
ATOM   1012 C  CB  . ALA A 1 152 ? 0.403   15.535  4.727   1.00 26.04 ?  131 ALA A CB  1 
HETATM 1013 N  N1  . W6B B 2 .   ? 3.053   -1.002  4.595   1.00 13.66 ?  201 W6B A N1  1 
HETATM 1014 C  C4  . W6B B 2 .   ? 0.903   -0.859  1.564   1.00 19.48 ?  201 W6B A C4  1 
HETATM 1015 C  C5  . W6B B 2 .   ? 1.908   -1.240  2.436   1.00 17.10 ?  201 W6B A C5  1 
HETATM 1016 C  C6  . W6B B 2 .   ? 2.036   -0.627  3.693   1.00 15.60 ?  201 W6B A C6  1 
HETATM 1017 C  C7  . W6B B 2 .   ? 1.182   1.082   5.376   1.00 14.73 ?  201 W6B A C7  1 
HETATM 1018 C  C8  . W6B B 2 .   ? 3.718   -2.226  4.811   1.00 14.72 ?  201 W6B A C8  1 
HETATM 1019 C  C10 . W6B B 2 .   ? 3.899   -4.609  4.509   1.00 15.77 ?  201 W6B A C10 1 
HETATM 1020 C  C13 . W6B B 2 .   ? 4.891   -2.242  5.586   1.00 11.32 ?  201 W6B A C13 1 
HETATM 1021 C  C15 . W6B B 2 .   ? 5.991   0.001   5.384   1.00 14.62 ?  201 W6B A C15 1 
HETATM 1022 C  C17 . W6B B 2 .   ? 6.411   1.377   7.296   1.00 15.41 ?  201 W6B A C17 1 
HETATM 1023 C  C1  . W6B B 2 .   ? 1.111   0.385   4.056   1.00 14.80 ?  201 W6B A C1  1 
HETATM 1024 C  C11 . W6B B 2 .   ? 5.049   -4.640  5.271   1.00 15.56 ?  201 W6B A C11 1 
HETATM 1025 C  C12 . W6B B 2 .   ? 5.534   -3.456  5.813   1.00 15.81 ?  201 W6B A C12 1 
HETATM 1026 C  C14 . W6B B 2 .   ? 5.431   -0.993  6.183   1.00 12.29 ?  201 W6B A C14 1 
HETATM 1027 C  C16 . W6B B 2 .   ? 6.485   1.171   5.938   1.00 14.47 ?  201 W6B A C16 1 
HETATM 1028 C  C18 . W6B B 2 .   ? 5.846   0.417   8.105   1.00 14.39 ?  201 W6B A C18 1 
HETATM 1029 C  C19 . W6B B 2 .   ? 5.352   -0.755  7.553   1.00 13.76 ?  201 W6B A C19 1 
HETATM 1030 C  C2  . W6B B 2 .   ? 0.105   0.743   3.164   1.00 17.81 ?  201 W6B A C2  1 
HETATM 1031 C  C3  . W6B B 2 .   ? 0.034   0.120   1.954   1.00 17.87 ?  201 W6B A C3  1 
HETATM 1032 C  C9  . W6B B 2 .   ? 3.236   -3.416  4.278   1.00 13.44 ?  201 W6B A C9  1 
HETATM 1033 F  F1  . W6B B 2 .   ? -0.953  0.492   1.097   1.00 20.91 ?  201 W6B A F1  1 
HETATM 1034 O  O1  . W6B B 2 .   ? 0.191   1.739   5.742   1.00 13.11 -1 201 W6B A O1  1 
HETATM 1035 O  O2  . W6B B 2 .   ? 2.244   0.999   6.013   1.00 14.18 ?  201 W6B A O2  1 
HETATM 1036 CL CL1 . W6B B 2 .   ? 6.986   -3.517  6.765   1.00 18.14 ?  201 W6B A CL1 1 
HETATM 1037 O  O   . HOH C 3 .   ? 7.654   3.914   4.654   1.00 22.69 ?  301 HOH A O   1 
HETATM 1038 O  O   . HOH C 3 .   ? 0.957   -0.974  -2.078  1.00 29.31 ?  302 HOH A O   1 
HETATM 1039 O  O   . HOH C 3 .   ? 9.386   4.829   -9.339  1.00 27.57 ?  303 HOH A O   1 
HETATM 1040 O  O   . HOH C 3 .   ? 7.535   1.610   2.676   1.00 31.98 ?  304 HOH A O   1 
HETATM 1041 O  O   . HOH C 3 .   ? 3.567   1.275   11.251  1.00 12.34 ?  305 HOH A O   1 
HETATM 1042 O  O   . HOH C 3 .   ? 8.988   4.823   13.706  1.00 17.19 ?  306 HOH A O   1 
HETATM 1043 O  O   . HOH C 3 .   ? -0.106  14.730  -13.820 1.00 31.94 ?  307 HOH A O   1 
HETATM 1044 O  O   . HOH C 3 .   ? -16.306 3.428   -5.515  1.00 29.13 ?  308 HOH A O   1 
HETATM 1045 O  O   . HOH C 3 .   ? -1.874  -1.894  14.259  1.00 15.09 ?  309 HOH A O   1 
HETATM 1046 O  O   . HOH C 3 .   ? 3.816   8.782   -11.836 1.00 16.74 ?  310 HOH A O   1 
HETATM 1047 O  O   . HOH C 3 .   ? -4.214  -12.320 -1.882  1.00 24.79 ?  311 HOH A O   1 
HETATM 1048 O  O   . HOH C 3 .   ? 15.332  1.808   9.352   1.00 30.96 ?  312 HOH A O   1 
HETATM 1049 O  O   . HOH C 3 .   ? 7.006   -1.193  -1.732  1.00 25.17 ?  313 HOH A O   1 
HETATM 1050 O  O   . HOH C 3 .   ? -7.907  14.095  5.170   1.00 21.22 ?  314 HOH A O   1 
HETATM 1051 O  O   . HOH C 3 .   ? -11.611 14.919  0.233   1.00 31.92 ?  315 HOH A O   1 
HETATM 1052 O  O   . HOH C 3 .   ? 2.670   -6.284  1.770   1.00 16.40 ?  316 HOH A O   1 
HETATM 1053 O  O   . HOH C 3 .   ? -0.160  -2.718  -22.513 1.00 28.01 ?  317 HOH A O   1 
HETATM 1054 O  O   . HOH C 3 .   ? -2.649  3.105   -15.613 1.00 16.18 ?  318 HOH A O   1 
HETATM 1055 O  O   . HOH C 3 .   ? -5.091  -6.286  -9.387  1.00 19.95 ?  319 HOH A O   1 
HETATM 1056 O  O   . HOH C 3 .   ? 3.256   9.512   -18.424 1.00 25.68 ?  320 HOH A O   1 
HETATM 1057 O  O   . HOH C 3 .   ? 4.682   -9.036  17.489  1.00 36.09 ?  321 HOH A O   1 
HETATM 1058 O  O   . HOH C 3 .   ? 4.101   10.041  -5.906  1.00 22.83 ?  322 HOH A O   1 
HETATM 1059 O  O   . HOH C 3 .   ? 4.119   -1.661  -17.163 1.00 19.15 ?  323 HOH A O   1 
HETATM 1060 O  O   . HOH C 3 .   ? -6.918  14.200  -4.593  1.00 19.40 ?  324 HOH A O   1 
HETATM 1061 O  O   . HOH C 3 .   ? -12.099 5.083   -3.606  1.00 21.38 ?  325 HOH A O   1 
HETATM 1062 O  O   . HOH C 3 .   ? -3.772  -0.713  -3.479  1.00 14.21 ?  326 HOH A O   1 
HETATM 1063 O  O   . HOH C 3 .   ? 4.094   5.253   16.434  1.00 25.45 ?  327 HOH A O   1 
HETATM 1064 O  O   . HOH C 3 .   ? 12.079  9.281   5.742   1.00 30.05 ?  328 HOH A O   1 
HETATM 1065 O  O   . HOH C 3 .   ? -0.450  -9.727  -13.809 1.00 25.55 ?  329 HOH A O   1 
HETATM 1066 O  O   . HOH C 3 .   ? 6.370   -3.945  -15.938 1.00 26.79 ?  330 HOH A O   1 
HETATM 1067 O  O   . HOH C 3 .   ? -2.634  -1.704  -20.055 1.00 35.23 ?  331 HOH A O   1 
HETATM 1068 O  O   . HOH C 3 .   ? 5.872   -0.692  -13.383 1.00 12.76 ?  332 HOH A O   1 
HETATM 1069 O  O   . HOH C 3 .   ? 7.029   -14.304 3.446   1.00 32.37 ?  333 HOH A O   1 
HETATM 1070 O  O   . HOH C 3 .   ? 10.537  2.499   14.090  1.00 15.27 ?  334 HOH A O   1 
HETATM 1071 O  O   . HOH C 3 .   ? 4.329   11.156  -10.836 1.00 25.74 ?  335 HOH A O   1 
HETATM 1072 O  O   . HOH C 3 .   ? -7.626  -1.402  -13.796 1.00 22.35 ?  336 HOH A O   1 
HETATM 1073 O  O   . HOH C 3 .   ? 13.253  -4.651  5.842   1.00 29.72 ?  337 HOH A O   1 
HETATM 1074 O  O   . HOH C 3 .   ? -4.596  -3.636  16.598  1.00 28.81 ?  338 HOH A O   1 
HETATM 1075 O  O   . HOH C 3 .   ? -8.205  -9.607  10.875  1.00 16.01 ?  339 HOH A O   1 
HETATM 1076 O  O   . HOH C 3 .   ? -7.209  1.883   11.577  1.00 23.30 ?  340 HOH A O   1 
HETATM 1077 O  O   . HOH C 3 .   ? 9.388   -10.524 5.300   1.00 21.89 ?  341 HOH A O   1 
HETATM 1078 O  O   . HOH C 3 .   ? 0.064   -2.909  -12.153 1.00 13.31 ?  342 HOH A O   1 
HETATM 1079 O  O   . HOH C 3 .   ? 14.767  3.258   3.100   1.00 26.57 ?  343 HOH A O   1 
HETATM 1080 O  O   . HOH C 3 .   ? 3.976   2.040   3.797   1.00 20.00 ?  344 HOH A O   1 
HETATM 1081 O  O   . HOH C 3 .   ? 11.709  -13.542 13.544  1.00 29.42 ?  345 HOH A O   1 
HETATM 1082 O  O   . HOH C 3 .   ? 1.865   7.716   -19.606 1.00 22.05 ?  346 HOH A O   1 
HETATM 1083 O  O   . HOH C 3 .   ? 6.197   -2.205  1.260   1.00 18.62 ?  347 HOH A O   1 
HETATM 1084 O  O   . HOH C 3 .   ? 10.234  -9.357  -8.041  1.00 23.82 ?  348 HOH A O   1 
HETATM 1085 O  O   . HOH C 3 .   ? 13.439  -9.207  11.293  1.00 25.18 ?  349 HOH A O   1 
HETATM 1086 O  O   . HOH C 3 .   ? 4.214   -6.379  -17.346 1.00 31.92 ?  350 HOH A O   1 
HETATM 1087 O  O   . HOH C 3 .   ? 11.204  -10.185 7.810   1.00 29.06 ?  351 HOH A O   1 
HETATM 1088 O  O   . HOH C 3 .   ? 6.242   -13.868 10.898  1.00 27.59 ?  352 HOH A O   1 
HETATM 1089 O  O   . HOH C 3 .   ? 14.148  -10.660 14.111  1.00 29.33 ?  353 HOH A O   1 
HETATM 1090 O  O   . HOH C 3 .   ? -0.321  13.820  -9.779  1.00 20.57 ?  354 HOH A O   1 
HETATM 1091 O  O   . HOH C 3 .   ? 12.451  -8.134  7.170   1.00 34.87 ?  355 HOH A O   1 
HETATM 1092 O  O   . HOH C 3 .   ? 14.329  6.509   7.055   1.00 31.13 ?  356 HOH A O   1 
HETATM 1093 O  O   . HOH C 3 .   ? 3.384   -1.511  -14.379 1.00 13.28 ?  357 HOH A O   1 
HETATM 1094 O  O   . HOH C 3 .   ? 5.694   -2.210  17.069  1.00 26.77 ?  358 HOH A O   1 
HETATM 1095 O  O   . HOH C 3 .   ? -1.369  -13.488 12.452  1.00 27.05 ?  359 HOH A O   1 
HETATM 1096 O  O   . HOH C 3 .   ? 4.618   -4.285  15.944  1.00 33.73 ?  360 HOH A O   1 
HETATM 1097 O  O   . HOH C 3 .   ? 0.070   -12.781 17.088  1.00 37.97 ?  361 HOH A O   1 
HETATM 1098 O  O   . HOH C 3 .   ? 10.618  -1.905  -5.719  1.00 29.72 ?  362 HOH A O   1 
HETATM 1099 O  O   . HOH C 3 .   ? 1.143   -9.967  -9.430  1.00 25.15 ?  363 HOH A O   1 
HETATM 1100 O  O   . HOH C 3 .   ? -1.060  -16.863 0.529   1.00 26.90 ?  364 HOH A O   1 
HETATM 1101 O  O   . HOH C 3 .   ? 3.191   -1.847  -1.142  1.00 23.12 ?  365 HOH A O   1 
HETATM 1102 O  O   . HOH C 3 .   ? -0.716  13.695  -16.453 1.00 25.77 ?  366 HOH A O   1 
HETATM 1103 O  O   . HOH C 3 .   ? 5.597   1.922   -1.549  1.00 30.44 ?  367 HOH A O   1 
HETATM 1104 O  O   . HOH C 3 .   ? -11.235 14.426  -3.261  1.00 38.46 ?  368 HOH A O   1 
HETATM 1105 O  O   . HOH C 3 .   ? 1.149   -0.203  13.491  1.00 33.85 ?  369 HOH A O   1 
HETATM 1106 O  O   . HOH C 3 .   ? -14.250 -0.945  -12.434 1.00 25.84 ?  370 HOH A O   1 
HETATM 1107 O  O   . HOH C 3 .   ? -4.113  3.613   15.856  1.00 29.96 ?  371 HOH A O   1 
HETATM 1108 O  O   . HOH C 3 .   ? 3.828   -3.859  0.670   1.00 16.72 ?  372 HOH A O   1 
HETATM 1109 O  O   . HOH C 3 .   ? 2.435   4.339   3.066   1.00 25.33 ?  373 HOH A O   1 
HETATM 1110 O  O   . HOH C 3 .   ? 11.667  -12.528 -1.018  1.00 25.85 ?  374 HOH A O   1 
HETATM 1111 O  O   . HOH C 3 .   ? -13.277 12.081  6.847   1.00 26.49 ?  375 HOH A O   1 
HETATM 1112 O  O   . HOH C 3 .   ? 1.030   18.140  -1.895  1.00 14.31 ?  376 HOH A O   1 
HETATM 1113 O  O   . HOH C 3 .   ? 3.316   0.882   -1.074  1.00 32.96 ?  377 HOH A O   1 
HETATM 1114 O  O   . HOH C 3 .   ? 1.782   2.861   14.249  1.00 29.71 ?  378 HOH A O   1 
HETATM 1115 O  O   . HOH C 3 .   ? 14.814  2.669   11.796  1.00 30.52 ?  379 HOH A O   1 
HETATM 1116 O  O   . HOH C 3 .   ? 7.430   10.301  7.710   1.00 32.12 ?  380 HOH A O   1 
HETATM 1117 O  O   . HOH C 3 .   ? 2.052   2.985   0.700   1.00 25.41 ?  381 HOH A O   1 
HETATM 1118 O  O   . HOH C 3 .   ? 5.078   13.439  -12.048 1.00 30.11 ?  382 HOH A O   1 
HETATM 1119 O  O   . HOH C 3 .   ? 10.715  9.852   8.079   1.00 35.42 ?  383 HOH A O   1 
HETATM 1120 O  O   . HOH C 3 .   ? -9.129  -4.628  10.854  1.00 31.74 ?  384 HOH A O   1 
HETATM 1121 O  O   . HOH C 3 .   ? -3.267  -1.627  16.914  1.00 32.04 ?  385 HOH A O   1 
HETATM 1122 O  O   . HOH C 3 .   ? 9.589   -12.939 4.599   1.00 34.46 ?  386 HOH A O   1 
HETATM 1123 O  O   . HOH C 3 .   ? 5.265   0.449   2.023   1.00 20.56 ?  387 HOH A O   1 
HETATM 1124 O  O   . HOH C 3 .   ? -17.504 13.053  7.759   1.00 42.06 ?  388 HOH A O   1 
HETATM 1125 O  O   . HOH C 3 .   ? -10.107 0.719   11.636  1.00 32.17 ?  389 HOH A O   1 
HETATM 1126 O  O   . HOH C 3 .   ? -13.426 -8.947  -5.414  1.00 43.93 ?  390 HOH A O   1 
# 
